data_3C65
# 
_entry.id   3C65 
# 
_audit_conform.dict_name       mmcif_pdbx.dic 
_audit_conform.dict_version    5.398 
_audit_conform.dict_location   http://mmcif.pdb.org/dictionaries/ascii/mmcif_pdbx.dic 
# 
loop_
_database_2.database_id 
_database_2.database_code 
_database_2.pdbx_database_accession 
_database_2.pdbx_DOI 
PDB   3C65         pdb_00003c65 10.2210/pdb3c65/pdb 
RCSB  RCSB046389   ?            ?                   
WWPDB D_1000046389 ?            ?                   
# 
loop_
_pdbx_audit_revision_history.ordinal 
_pdbx_audit_revision_history.data_content_type 
_pdbx_audit_revision_history.major_revision 
_pdbx_audit_revision_history.minor_revision 
_pdbx_audit_revision_history.revision_date 
1 'Structure model' 1 0 2008-08-05 
2 'Structure model' 1 1 2011-07-13 
3 'Structure model' 1 2 2017-10-25 
4 'Structure model' 1 3 2024-11-13 
# 
_pdbx_audit_revision_details.ordinal             1 
_pdbx_audit_revision_details.revision_ordinal    1 
_pdbx_audit_revision_details.data_content_type   'Structure model' 
_pdbx_audit_revision_details.provider            repository 
_pdbx_audit_revision_details.type                'Initial release' 
_pdbx_audit_revision_details.description         ? 
_pdbx_audit_revision_details.details             ? 
# 
loop_
_pdbx_audit_revision_group.ordinal 
_pdbx_audit_revision_group.revision_ordinal 
_pdbx_audit_revision_group.data_content_type 
_pdbx_audit_revision_group.group 
1 2 'Structure model' 'Version format compliance' 
2 3 'Structure model' 'Refinement description'    
3 4 'Structure model' 'Data collection'           
4 4 'Structure model' 'Database references'       
5 4 'Structure model' 'Derived calculations'      
6 4 'Structure model' 'Structure summary'         
# 
loop_
_pdbx_audit_revision_category.ordinal 
_pdbx_audit_revision_category.revision_ordinal 
_pdbx_audit_revision_category.data_content_type 
_pdbx_audit_revision_category.category 
1 3 'Structure model' software                  
2 4 'Structure model' chem_comp_atom            
3 4 'Structure model' chem_comp_bond            
4 4 'Structure model' database_2                
5 4 'Structure model' pdbx_entry_details        
6 4 'Structure model' pdbx_modification_feature 
7 4 'Structure model' struct_conn               
# 
loop_
_pdbx_audit_revision_item.ordinal 
_pdbx_audit_revision_item.revision_ordinal 
_pdbx_audit_revision_item.data_content_type 
_pdbx_audit_revision_item.item 
1 4 'Structure model' '_database_2.pdbx_DOI'                         
2 4 'Structure model' '_database_2.pdbx_database_accession'          
3 4 'Structure model' '_pdbx_entry_details.has_protein_modification' 
4 4 'Structure model' '_struct_conn.pdbx_leaving_atom_flag'          
# 
_pdbx_database_status.entry_id                        3C65 
_pdbx_database_status.deposit_site                    RCSB 
_pdbx_database_status.process_site                    RCSB 
_pdbx_database_status.recvd_initial_deposition_date   2008-02-02 
_pdbx_database_status.status_code                     REL 
_pdbx_database_status.status_code_sf                  REL 
_pdbx_database_status.status_code_mr                  ? 
_pdbx_database_status.SG_entry                        ? 
_pdbx_database_status.pdb_format_compatible           Y 
_pdbx_database_status.status_code_cs                  ? 
_pdbx_database_status.methods_development_category    ? 
_pdbx_database_status.status_code_nmr_data            ? 
# 
loop_
_audit_author.name 
_audit_author.pdbx_ordinal 
'Pakotiprapha, D.' 1 
'Bowman, B.R.'     2 
'Mueller, A.A.'    3 
'Inuzuka, Y.'      4 
'Verdine, G.L.'    5 
# 
_citation.id                        primary 
_citation.title                     
;Crystal Structure of Bacillus stearothermophilus UvrC 5' endonuclease domain
;
_citation.journal_abbrev            'To be Published' 
_citation.journal_volume            ? 
_citation.page_first                ? 
_citation.page_last                 ? 
_citation.year                      ? 
_citation.journal_id_ASTM           ? 
_citation.country                   ? 
_citation.journal_id_ISSN           ? 
_citation.journal_id_CSD            0353 
_citation.book_publisher            ? 
_citation.pdbx_database_id_PubMed   ? 
_citation.pdbx_database_id_DOI      ? 
# 
loop_
_citation_author.citation_id 
_citation_author.name 
_citation_author.ordinal 
_citation_author.identifier_ORCID 
primary 'Pakotiprapha, D.' 1 ? 
primary 'Bowman, B.R.'     2 ? 
primary 'Mueller, A.A.'    3 ? 
primary 'Inuzuka, Y.'      4 ? 
primary 'Verdine, G.L.'    5 ? 
# 
loop_
_entity.id 
_entity.type 
_entity.src_method 
_entity.pdbx_description 
_entity.formula_weight 
_entity.pdbx_number_of_molecules 
_entity.pdbx_ec 
_entity.pdbx_mutation 
_entity.pdbx_fragment 
_entity.details 
1 polymer man 'UvrABC system protein C' 25867.391 1  ? ? 
;5' endonuclease domain
;
? 
2 water   nat water                     18.015    77 ? ? ?                        ? 
# 
_entity_name_com.entity_id   1 
_entity_name_com.name        'Protein uvrC, Excinuclease ABC subunit C' 
# 
_entity_poly.entity_id                      1 
_entity_poly.type                           'polypeptide(L)' 
_entity_poly.nstd_linkage                   no 
_entity_poly.nstd_monomer                   yes 
_entity_poly.pdbx_seq_one_letter_code       
;GSH(MSE)LGERLGIPAPRRIEAFDNSNIYGADPVSALVVFLDGKPAKKEYRKYKVKTVAGPNDYET(MSE)REVVRRRY
TRVLKEGLPLPDLIIIDGGKGHLSAVRDVLENELGLDVPLAGLAKDEKHRTSELLAGDPPDVVPLDRQSQEFYLLQRIQD
EVHRFAV(MSE)FHRKTRQKTMFHSVLDDIPGVGEKRKKALLNYFGSVKKMKEATVEELQRANIPRAVAEKIYEKLHE
;
_entity_poly.pdbx_seq_one_letter_code_can   
;GSHMLGERLGIPAPRRIEAFDNSNIYGADPVSALVVFLDGKPAKKEYRKYKVKTVAGPNDYETMREVVRRRYTRVLKEGL
PLPDLIIIDGGKGHLSAVRDVLENELGLDVPLAGLAKDEKHRTSELLAGDPPDVVPLDRQSQEFYLLQRIQDEVHRFAVM
FHRKTRQKTMFHSVLDDIPGVGEKRKKALLNYFGSVKKMKEATVEELQRANIPRAVAEKIYEKLHE
;
_entity_poly.pdbx_strand_id                 A 
_entity_poly.pdbx_target_identifier         ? 
# 
_pdbx_entity_nonpoly.entity_id   2 
_pdbx_entity_nonpoly.name        water 
_pdbx_entity_nonpoly.comp_id     HOH 
# 
loop_
_entity_poly_seq.entity_id 
_entity_poly_seq.num 
_entity_poly_seq.mon_id 
_entity_poly_seq.hetero 
1 1   GLY n 
1 2   SER n 
1 3   HIS n 
1 4   MSE n 
1 5   LEU n 
1 6   GLY n 
1 7   GLU n 
1 8   ARG n 
1 9   LEU n 
1 10  GLY n 
1 11  ILE n 
1 12  PRO n 
1 13  ALA n 
1 14  PRO n 
1 15  ARG n 
1 16  ARG n 
1 17  ILE n 
1 18  GLU n 
1 19  ALA n 
1 20  PHE n 
1 21  ASP n 
1 22  ASN n 
1 23  SER n 
1 24  ASN n 
1 25  ILE n 
1 26  TYR n 
1 27  GLY n 
1 28  ALA n 
1 29  ASP n 
1 30  PRO n 
1 31  VAL n 
1 32  SER n 
1 33  ALA n 
1 34  LEU n 
1 35  VAL n 
1 36  VAL n 
1 37  PHE n 
1 38  LEU n 
1 39  ASP n 
1 40  GLY n 
1 41  LYS n 
1 42  PRO n 
1 43  ALA n 
1 44  LYS n 
1 45  LYS n 
1 46  GLU n 
1 47  TYR n 
1 48  ARG n 
1 49  LYS n 
1 50  TYR n 
1 51  LYS n 
1 52  VAL n 
1 53  LYS n 
1 54  THR n 
1 55  VAL n 
1 56  ALA n 
1 57  GLY n 
1 58  PRO n 
1 59  ASN n 
1 60  ASP n 
1 61  TYR n 
1 62  GLU n 
1 63  THR n 
1 64  MSE n 
1 65  ARG n 
1 66  GLU n 
1 67  VAL n 
1 68  VAL n 
1 69  ARG n 
1 70  ARG n 
1 71  ARG n 
1 72  TYR n 
1 73  THR n 
1 74  ARG n 
1 75  VAL n 
1 76  LEU n 
1 77  LYS n 
1 78  GLU n 
1 79  GLY n 
1 80  LEU n 
1 81  PRO n 
1 82  LEU n 
1 83  PRO n 
1 84  ASP n 
1 85  LEU n 
1 86  ILE n 
1 87  ILE n 
1 88  ILE n 
1 89  ASP n 
1 90  GLY n 
1 91  GLY n 
1 92  LYS n 
1 93  GLY n 
1 94  HIS n 
1 95  LEU n 
1 96  SER n 
1 97  ALA n 
1 98  VAL n 
1 99  ARG n 
1 100 ASP n 
1 101 VAL n 
1 102 LEU n 
1 103 GLU n 
1 104 ASN n 
1 105 GLU n 
1 106 LEU n 
1 107 GLY n 
1 108 LEU n 
1 109 ASP n 
1 110 VAL n 
1 111 PRO n 
1 112 LEU n 
1 113 ALA n 
1 114 GLY n 
1 115 LEU n 
1 116 ALA n 
1 117 LYS n 
1 118 ASP n 
1 119 GLU n 
1 120 LYS n 
1 121 HIS n 
1 122 ARG n 
1 123 THR n 
1 124 SER n 
1 125 GLU n 
1 126 LEU n 
1 127 LEU n 
1 128 ALA n 
1 129 GLY n 
1 130 ASP n 
1 131 PRO n 
1 132 PRO n 
1 133 ASP n 
1 134 VAL n 
1 135 VAL n 
1 136 PRO n 
1 137 LEU n 
1 138 ASP n 
1 139 ARG n 
1 140 GLN n 
1 141 SER n 
1 142 GLN n 
1 143 GLU n 
1 144 PHE n 
1 145 TYR n 
1 146 LEU n 
1 147 LEU n 
1 148 GLN n 
1 149 ARG n 
1 150 ILE n 
1 151 GLN n 
1 152 ASP n 
1 153 GLU n 
1 154 VAL n 
1 155 HIS n 
1 156 ARG n 
1 157 PHE n 
1 158 ALA n 
1 159 VAL n 
1 160 MSE n 
1 161 PHE n 
1 162 HIS n 
1 163 ARG n 
1 164 LYS n 
1 165 THR n 
1 166 ARG n 
1 167 GLN n 
1 168 LYS n 
1 169 THR n 
1 170 MET n 
1 171 PHE n 
1 172 HIS n 
1 173 SER n 
1 174 VAL n 
1 175 LEU n 
1 176 ASP n 
1 177 ASP n 
1 178 ILE n 
1 179 PRO n 
1 180 GLY n 
1 181 VAL n 
1 182 GLY n 
1 183 GLU n 
1 184 LYS n 
1 185 ARG n 
1 186 LYS n 
1 187 LYS n 
1 188 ALA n 
1 189 LEU n 
1 190 LEU n 
1 191 ASN n 
1 192 TYR n 
1 193 PHE n 
1 194 GLY n 
1 195 SER n 
1 196 VAL n 
1 197 LYS n 
1 198 LYS n 
1 199 MET n 
1 200 LYS n 
1 201 GLU n 
1 202 ALA n 
1 203 THR n 
1 204 VAL n 
1 205 GLU n 
1 206 GLU n 
1 207 LEU n 
1 208 GLN n 
1 209 ARG n 
1 210 ALA n 
1 211 ASN n 
1 212 ILE n 
1 213 PRO n 
1 214 ARG n 
1 215 ALA n 
1 216 VAL n 
1 217 ALA n 
1 218 GLU n 
1 219 LYS n 
1 220 ILE n 
1 221 TYR n 
1 222 GLU n 
1 223 LYS n 
1 224 LEU n 
1 225 HIS n 
1 226 GLU n 
# 
_entity_src_gen.entity_id                          1 
_entity_src_gen.pdbx_src_id                        1 
_entity_src_gen.pdbx_alt_source_flag               sample 
_entity_src_gen.pdbx_seq_type                      ? 
_entity_src_gen.pdbx_beg_seq_num                   ? 
_entity_src_gen.pdbx_end_seq_num                   ? 
_entity_src_gen.gene_src_common_name               ? 
_entity_src_gen.gene_src_genus                     ? 
_entity_src_gen.pdbx_gene_src_gene                 uvrC 
_entity_src_gen.gene_src_species                   ? 
_entity_src_gen.gene_src_strain                    10 
_entity_src_gen.gene_src_tissue                    ? 
_entity_src_gen.gene_src_tissue_fraction           ? 
_entity_src_gen.gene_src_details                   ? 
_entity_src_gen.pdbx_gene_src_fragment             ? 
_entity_src_gen.pdbx_gene_src_scientific_name      'Bacillus stearothermophilus' 
_entity_src_gen.pdbx_gene_src_ncbi_taxonomy_id     ? 
_entity_src_gen.pdbx_gene_src_variant              ? 
_entity_src_gen.pdbx_gene_src_cell_line            ? 
_entity_src_gen.pdbx_gene_src_atcc                 ? 
_entity_src_gen.pdbx_gene_src_organ                ? 
_entity_src_gen.pdbx_gene_src_organelle            ? 
_entity_src_gen.pdbx_gene_src_cell                 ? 
_entity_src_gen.pdbx_gene_src_cellular_location    ? 
_entity_src_gen.host_org_common_name               ? 
_entity_src_gen.pdbx_host_org_scientific_name      'Escherichia coli' 
_entity_src_gen.pdbx_host_org_ncbi_taxonomy_id     ? 
_entity_src_gen.host_org_genus                     ? 
_entity_src_gen.pdbx_host_org_gene                 ? 
_entity_src_gen.pdbx_host_org_organ                ? 
_entity_src_gen.host_org_species                   ? 
_entity_src_gen.pdbx_host_org_tissue               ? 
_entity_src_gen.pdbx_host_org_tissue_fraction      ? 
_entity_src_gen.pdbx_host_org_strain               'BL21(DE3)' 
_entity_src_gen.pdbx_host_org_variant              ? 
_entity_src_gen.pdbx_host_org_cell_line            ? 
_entity_src_gen.pdbx_host_org_atcc                 ? 
_entity_src_gen.pdbx_host_org_culture_collection   ? 
_entity_src_gen.pdbx_host_org_cell                 ? 
_entity_src_gen.pdbx_host_org_organelle            ? 
_entity_src_gen.pdbx_host_org_cellular_location    ? 
_entity_src_gen.pdbx_host_org_vector_type          plasmid 
_entity_src_gen.pdbx_host_org_vector               ? 
_entity_src_gen.host_org_details                   ? 
_entity_src_gen.expression_system_id               ? 
_entity_src_gen.plasmid_name                       pMCSG7 
_entity_src_gen.plasmid_details                    ? 
_entity_src_gen.pdbx_description                   ? 
# 
loop_
_chem_comp.id 
_chem_comp.type 
_chem_comp.mon_nstd_flag 
_chem_comp.name 
_chem_comp.pdbx_synonyms 
_chem_comp.formula 
_chem_comp.formula_weight 
ALA 'L-peptide linking' y ALANINE          ? 'C3 H7 N O2'     89.093  
ARG 'L-peptide linking' y ARGININE         ? 'C6 H15 N4 O2 1' 175.209 
ASN 'L-peptide linking' y ASPARAGINE       ? 'C4 H8 N2 O3'    132.118 
ASP 'L-peptide linking' y 'ASPARTIC ACID'  ? 'C4 H7 N O4'     133.103 
GLN 'L-peptide linking' y GLUTAMINE        ? 'C5 H10 N2 O3'   146.144 
GLU 'L-peptide linking' y 'GLUTAMIC ACID'  ? 'C5 H9 N O4'     147.129 
GLY 'peptide linking'   y GLYCINE          ? 'C2 H5 N O2'     75.067  
HIS 'L-peptide linking' y HISTIDINE        ? 'C6 H10 N3 O2 1' 156.162 
HOH non-polymer         . WATER            ? 'H2 O'           18.015  
ILE 'L-peptide linking' y ISOLEUCINE       ? 'C6 H13 N O2'    131.173 
LEU 'L-peptide linking' y LEUCINE          ? 'C6 H13 N O2'    131.173 
LYS 'L-peptide linking' y LYSINE           ? 'C6 H15 N2 O2 1' 147.195 
MET 'L-peptide linking' y METHIONINE       ? 'C5 H11 N O2 S'  149.211 
MSE 'L-peptide linking' n SELENOMETHIONINE ? 'C5 H11 N O2 Se' 196.106 
PHE 'L-peptide linking' y PHENYLALANINE    ? 'C9 H11 N O2'    165.189 
PRO 'L-peptide linking' y PROLINE          ? 'C5 H9 N O2'     115.130 
SER 'L-peptide linking' y SERINE           ? 'C3 H7 N O3'     105.093 
THR 'L-peptide linking' y THREONINE        ? 'C4 H9 N O3'     119.119 
TYR 'L-peptide linking' y TYROSINE         ? 'C9 H11 N O3'    181.189 
VAL 'L-peptide linking' y VALINE           ? 'C5 H11 N O2'    117.146 
# 
loop_
_pdbx_poly_seq_scheme.asym_id 
_pdbx_poly_seq_scheme.entity_id 
_pdbx_poly_seq_scheme.seq_id 
_pdbx_poly_seq_scheme.mon_id 
_pdbx_poly_seq_scheme.ndb_seq_num 
_pdbx_poly_seq_scheme.pdb_seq_num 
_pdbx_poly_seq_scheme.auth_seq_num 
_pdbx_poly_seq_scheme.pdb_mon_id 
_pdbx_poly_seq_scheme.auth_mon_id 
_pdbx_poly_seq_scheme.pdb_strand_id 
_pdbx_poly_seq_scheme.pdb_ins_code 
_pdbx_poly_seq_scheme.hetero 
A 1 1   GLY 1   -4  -4  GLY GLY A . n 
A 1 2   SER 2   -3  -3  SER SER A . n 
A 1 3   HIS 3   -2  -2  HIS HIS A . n 
A 1 4   MSE 4   -1  -1  MSE MSE A . n 
A 1 5   LEU 5   369 369 LEU LEU A . n 
A 1 6   GLY 6   370 370 GLY GLY A . n 
A 1 7   GLU 7   371 371 GLU GLU A . n 
A 1 8   ARG 8   372 372 ARG ARG A . n 
A 1 9   LEU 9   373 373 LEU LEU A . n 
A 1 10  GLY 10  374 374 GLY GLY A . n 
A 1 11  ILE 11  375 375 ILE ILE A . n 
A 1 12  PRO 12  376 376 PRO PRO A . n 
A 1 13  ALA 13  377 377 ALA ALA A . n 
A 1 14  PRO 14  378 378 PRO PRO A . n 
A 1 15  ARG 15  379 379 ARG ARG A . n 
A 1 16  ARG 16  380 380 ARG ARG A . n 
A 1 17  ILE 17  381 381 ILE ILE A . n 
A 1 18  GLU 18  382 382 GLU GLU A . n 
A 1 19  ALA 19  383 383 ALA ALA A . n 
A 1 20  PHE 20  384 384 PHE PHE A . n 
A 1 21  ASP 21  385 385 ASP ASP A . n 
A 1 22  ASN 22  386 386 ASN ASN A . n 
A 1 23  SER 23  387 387 SER SER A . n 
A 1 24  ASN 24  388 388 ASN ASN A . n 
A 1 25  ILE 25  389 389 ILE ILE A . n 
A 1 26  TYR 26  390 390 TYR TYR A . n 
A 1 27  GLY 27  391 391 GLY GLY A . n 
A 1 28  ALA 28  392 392 ALA ALA A . n 
A 1 29  ASP 29  393 393 ASP ASP A . n 
A 1 30  PRO 30  394 394 PRO PRO A . n 
A 1 31  VAL 31  395 395 VAL VAL A . n 
A 1 32  SER 32  396 396 SER SER A . n 
A 1 33  ALA 33  397 397 ALA ALA A . n 
A 1 34  LEU 34  398 398 LEU LEU A . n 
A 1 35  VAL 35  399 399 VAL VAL A . n 
A 1 36  VAL 36  400 400 VAL VAL A . n 
A 1 37  PHE 37  401 401 PHE PHE A . n 
A 1 38  LEU 38  402 402 LEU LEU A . n 
A 1 39  ASP 39  403 403 ASP ASP A . n 
A 1 40  GLY 40  404 404 GLY GLY A . n 
A 1 41  LYS 41  405 405 LYS LYS A . n 
A 1 42  PRO 42  406 406 PRO PRO A . n 
A 1 43  ALA 43  407 407 ALA ALA A . n 
A 1 44  LYS 44  408 408 LYS LYS A . n 
A 1 45  LYS 45  409 409 LYS LYS A . n 
A 1 46  GLU 46  410 410 GLU GLU A . n 
A 1 47  TYR 47  411 411 TYR TYR A . n 
A 1 48  ARG 48  412 412 ARG ARG A . n 
A 1 49  LYS 49  413 413 LYS LYS A . n 
A 1 50  TYR 50  414 414 TYR TYR A . n 
A 1 51  LYS 51  415 415 LYS LYS A . n 
A 1 52  VAL 52  416 416 VAL VAL A . n 
A 1 53  LYS 53  417 417 LYS LYS A . n 
A 1 54  THR 54  418 418 THR THR A . n 
A 1 55  VAL 55  419 419 VAL VAL A . n 
A 1 56  ALA 56  420 420 ALA ALA A . n 
A 1 57  GLY 57  421 421 GLY GLY A . n 
A 1 58  PRO 58  422 422 PRO PRO A . n 
A 1 59  ASN 59  423 423 ASN ASN A . n 
A 1 60  ASP 60  424 424 ASP ASP A . n 
A 1 61  TYR 61  425 425 TYR TYR A . n 
A 1 62  GLU 62  426 426 GLU GLU A . n 
A 1 63  THR 63  427 427 THR THR A . n 
A 1 64  MSE 64  428 428 MSE MSE A . n 
A 1 65  ARG 65  429 429 ARG ARG A . n 
A 1 66  GLU 66  430 430 GLU GLU A . n 
A 1 67  VAL 67  431 431 VAL VAL A . n 
A 1 68  VAL 68  432 432 VAL VAL A . n 
A 1 69  ARG 69  433 433 ARG ARG A . n 
A 1 70  ARG 70  434 434 ARG ARG A . n 
A 1 71  ARG 71  435 435 ARG ARG A . n 
A 1 72  TYR 72  436 436 TYR TYR A . n 
A 1 73  THR 73  437 437 THR THR A . n 
A 1 74  ARG 74  438 438 ARG ARG A . n 
A 1 75  VAL 75  439 439 VAL VAL A . n 
A 1 76  LEU 76  440 440 LEU LEU A . n 
A 1 77  LYS 77  441 441 LYS LYS A . n 
A 1 78  GLU 78  442 442 GLU GLU A . n 
A 1 79  GLY 79  443 443 GLY GLY A . n 
A 1 80  LEU 80  444 444 LEU LEU A . n 
A 1 81  PRO 81  445 445 PRO PRO A . n 
A 1 82  LEU 82  446 446 LEU LEU A . n 
A 1 83  PRO 83  447 447 PRO PRO A . n 
A 1 84  ASP 84  448 448 ASP ASP A . n 
A 1 85  LEU 85  449 449 LEU LEU A . n 
A 1 86  ILE 86  450 450 ILE ILE A . n 
A 1 87  ILE 87  451 451 ILE ILE A . n 
A 1 88  ILE 88  452 452 ILE ILE A . n 
A 1 89  ASP 89  453 453 ASP ASP A . n 
A 1 90  GLY 90  454 454 GLY GLY A . n 
A 1 91  GLY 91  455 455 GLY GLY A . n 
A 1 92  LYS 92  456 456 LYS LYS A . n 
A 1 93  GLY 93  457 457 GLY GLY A . n 
A 1 94  HIS 94  458 458 HIS HIS A . n 
A 1 95  LEU 95  459 459 LEU LEU A . n 
A 1 96  SER 96  460 460 SER SER A . n 
A 1 97  ALA 97  461 461 ALA ALA A . n 
A 1 98  VAL 98  462 462 VAL VAL A . n 
A 1 99  ARG 99  463 463 ARG ARG A . n 
A 1 100 ASP 100 464 464 ASP ASP A . n 
A 1 101 VAL 101 465 465 VAL VAL A . n 
A 1 102 LEU 102 466 466 LEU LEU A . n 
A 1 103 GLU 103 467 467 GLU GLU A . n 
A 1 104 ASN 104 468 468 ASN ASN A . n 
A 1 105 GLU 105 469 469 GLU GLU A . n 
A 1 106 LEU 106 470 470 LEU LEU A . n 
A 1 107 GLY 107 471 471 GLY GLY A . n 
A 1 108 LEU 108 472 472 LEU LEU A . n 
A 1 109 ASP 109 473 473 ASP ASP A . n 
A 1 110 VAL 110 474 474 VAL VAL A . n 
A 1 111 PRO 111 475 475 PRO PRO A . n 
A 1 112 LEU 112 476 476 LEU LEU A . n 
A 1 113 ALA 113 477 477 ALA ALA A . n 
A 1 114 GLY 114 478 478 GLY GLY A . n 
A 1 115 LEU 115 479 479 LEU LEU A . n 
A 1 116 ALA 116 480 ?   ?   ?   A . n 
A 1 117 LYS 117 481 ?   ?   ?   A . n 
A 1 118 ASP 118 482 ?   ?   ?   A . n 
A 1 119 GLU 119 483 ?   ?   ?   A . n 
A 1 120 LYS 120 484 ?   ?   ?   A . n 
A 1 121 HIS 121 485 ?   ?   ?   A . n 
A 1 122 ARG 122 486 ?   ?   ?   A . n 
A 1 123 THR 123 487 ?   ?   ?   A . n 
A 1 124 SER 124 488 488 SER SER A . n 
A 1 125 GLU 125 489 489 GLU GLU A . n 
A 1 126 LEU 126 490 490 LEU LEU A . n 
A 1 127 LEU 127 491 491 LEU LEU A . n 
A 1 128 ALA 128 492 492 ALA ALA A . n 
A 1 129 GLY 129 493 493 GLY GLY A . n 
A 1 130 ASP 130 494 494 ASP ASP A . n 
A 1 131 PRO 131 495 495 PRO PRO A . n 
A 1 132 PRO 132 496 496 PRO PRO A . n 
A 1 133 ASP 133 497 497 ASP ASP A . n 
A 1 134 VAL 134 498 498 VAL VAL A . n 
A 1 135 VAL 135 499 499 VAL VAL A . n 
A 1 136 PRO 136 500 500 PRO PRO A . n 
A 1 137 LEU 137 501 501 LEU LEU A . n 
A 1 138 ASP 138 502 502 ASP ASP A . n 
A 1 139 ARG 139 503 503 ARG ARG A . n 
A 1 140 GLN 140 504 504 GLN GLN A . n 
A 1 141 SER 141 505 505 SER SER A . n 
A 1 142 GLN 142 506 506 GLN GLN A . n 
A 1 143 GLU 143 507 507 GLU GLU A . n 
A 1 144 PHE 144 508 508 PHE PHE A . n 
A 1 145 TYR 145 509 509 TYR TYR A . n 
A 1 146 LEU 146 510 510 LEU LEU A . n 
A 1 147 LEU 147 511 511 LEU LEU A . n 
A 1 148 GLN 148 512 512 GLN GLN A . n 
A 1 149 ARG 149 513 513 ARG ARG A . n 
A 1 150 ILE 150 514 514 ILE ILE A . n 
A 1 151 GLN 151 515 515 GLN GLN A . n 
A 1 152 ASP 152 516 516 ASP ASP A . n 
A 1 153 GLU 153 517 517 GLU GLU A . n 
A 1 154 VAL 154 518 518 VAL VAL A . n 
A 1 155 HIS 155 519 519 HIS HIS A . n 
A 1 156 ARG 156 520 520 ARG ARG A . n 
A 1 157 PHE 157 521 521 PHE PHE A . n 
A 1 158 ALA 158 522 522 ALA ALA A . n 
A 1 159 VAL 159 523 523 VAL VAL A . n 
A 1 160 MSE 160 524 524 MSE MSE A . n 
A 1 161 PHE 161 525 ?   ?   ?   A . n 
A 1 162 HIS 162 526 ?   ?   ?   A . n 
A 1 163 ARG 163 527 ?   ?   ?   A . n 
A 1 164 LYS 164 528 ?   ?   ?   A . n 
A 1 165 THR 165 529 ?   ?   ?   A . n 
A 1 166 ARG 166 530 ?   ?   ?   A . n 
A 1 167 GLN 167 531 ?   ?   ?   A . n 
A 1 168 LYS 168 532 ?   ?   ?   A . n 
A 1 169 THR 169 533 ?   ?   ?   A . n 
A 1 170 MET 170 534 ?   ?   ?   A . n 
A 1 171 PHE 171 535 ?   ?   ?   A . n 
A 1 172 HIS 172 536 ?   ?   ?   A . n 
A 1 173 SER 173 537 ?   ?   ?   A . n 
A 1 174 VAL 174 538 ?   ?   ?   A . n 
A 1 175 LEU 175 539 ?   ?   ?   A . n 
A 1 176 ASP 176 540 ?   ?   ?   A . n 
A 1 177 ASP 177 541 ?   ?   ?   A . n 
A 1 178 ILE 178 542 ?   ?   ?   A . n 
A 1 179 PRO 179 543 ?   ?   ?   A . n 
A 1 180 GLY 180 544 ?   ?   ?   A . n 
A 1 181 VAL 181 545 ?   ?   ?   A . n 
A 1 182 GLY 182 546 ?   ?   ?   A . n 
A 1 183 GLU 183 547 ?   ?   ?   A . n 
A 1 184 LYS 184 548 ?   ?   ?   A . n 
A 1 185 ARG 185 549 ?   ?   ?   A . n 
A 1 186 LYS 186 550 ?   ?   ?   A . n 
A 1 187 LYS 187 551 ?   ?   ?   A . n 
A 1 188 ALA 188 552 ?   ?   ?   A . n 
A 1 189 LEU 189 553 ?   ?   ?   A . n 
A 1 190 LEU 190 554 ?   ?   ?   A . n 
A 1 191 ASN 191 555 ?   ?   ?   A . n 
A 1 192 TYR 192 556 ?   ?   ?   A . n 
A 1 193 PHE 193 557 ?   ?   ?   A . n 
A 1 194 GLY 194 558 ?   ?   ?   A . n 
A 1 195 SER 195 559 ?   ?   ?   A . n 
A 1 196 VAL 196 560 ?   ?   ?   A . n 
A 1 197 LYS 197 561 ?   ?   ?   A . n 
A 1 198 LYS 198 562 ?   ?   ?   A . n 
A 1 199 MET 199 563 ?   ?   ?   A . n 
A 1 200 LYS 200 564 ?   ?   ?   A . n 
A 1 201 GLU 201 565 ?   ?   ?   A . n 
A 1 202 ALA 202 566 ?   ?   ?   A . n 
A 1 203 THR 203 567 ?   ?   ?   A . n 
A 1 204 VAL 204 568 ?   ?   ?   A . n 
A 1 205 GLU 205 569 ?   ?   ?   A . n 
A 1 206 GLU 206 570 ?   ?   ?   A . n 
A 1 207 LEU 207 571 ?   ?   ?   A . n 
A 1 208 GLN 208 572 ?   ?   ?   A . n 
A 1 209 ARG 209 573 ?   ?   ?   A . n 
A 1 210 ALA 210 574 ?   ?   ?   A . n 
A 1 211 ASN 211 575 ?   ?   ?   A . n 
A 1 212 ILE 212 576 ?   ?   ?   A . n 
A 1 213 PRO 213 577 ?   ?   ?   A . n 
A 1 214 ARG 214 578 ?   ?   ?   A . n 
A 1 215 ALA 215 579 ?   ?   ?   A . n 
A 1 216 VAL 216 580 ?   ?   ?   A . n 
A 1 217 ALA 217 581 ?   ?   ?   A . n 
A 1 218 GLU 218 582 ?   ?   ?   A . n 
A 1 219 LYS 219 583 ?   ?   ?   A . n 
A 1 220 ILE 220 584 ?   ?   ?   A . n 
A 1 221 TYR 221 585 ?   ?   ?   A . n 
A 1 222 GLU 222 586 ?   ?   ?   A . n 
A 1 223 LYS 223 587 ?   ?   ?   A . n 
A 1 224 LEU 224 588 ?   ?   ?   A . n 
A 1 225 HIS 225 589 ?   ?   ?   A . n 
A 1 226 GLU 226 590 ?   ?   ?   A . n 
# 
loop_
_pdbx_nonpoly_scheme.asym_id 
_pdbx_nonpoly_scheme.entity_id 
_pdbx_nonpoly_scheme.mon_id 
_pdbx_nonpoly_scheme.ndb_seq_num 
_pdbx_nonpoly_scheme.pdb_seq_num 
_pdbx_nonpoly_scheme.auth_seq_num 
_pdbx_nonpoly_scheme.pdb_mon_id 
_pdbx_nonpoly_scheme.auth_mon_id 
_pdbx_nonpoly_scheme.pdb_strand_id 
_pdbx_nonpoly_scheme.pdb_ins_code 
B 2 HOH 1  1  1  HOH TIP A . 
B 2 HOH 2  2  2  HOH TIP A . 
B 2 HOH 3  3  3  HOH TIP A . 
B 2 HOH 4  4  4  HOH TIP A . 
B 2 HOH 5  5  5  HOH TIP A . 
B 2 HOH 6  6  6  HOH TIP A . 
B 2 HOH 7  7  7  HOH TIP A . 
B 2 HOH 8  8  8  HOH TIP A . 
B 2 HOH 9  9  9  HOH TIP A . 
B 2 HOH 10 10 10 HOH TIP A . 
B 2 HOH 11 11 11 HOH TIP A . 
B 2 HOH 12 12 12 HOH TIP A . 
B 2 HOH 13 13 13 HOH TIP A . 
B 2 HOH 14 14 14 HOH TIP A . 
B 2 HOH 15 15 15 HOH TIP A . 
B 2 HOH 16 16 16 HOH TIP A . 
B 2 HOH 17 17 17 HOH TIP A . 
B 2 HOH 18 18 18 HOH TIP A . 
B 2 HOH 19 19 19 HOH TIP A . 
B 2 HOH 20 20 20 HOH TIP A . 
B 2 HOH 21 21 21 HOH TIP A . 
B 2 HOH 22 22 22 HOH TIP A . 
B 2 HOH 23 23 23 HOH TIP A . 
B 2 HOH 24 24 24 HOH TIP A . 
B 2 HOH 25 25 25 HOH TIP A . 
B 2 HOH 26 26 26 HOH TIP A . 
B 2 HOH 27 27 27 HOH TIP A . 
B 2 HOH 28 28 28 HOH TIP A . 
B 2 HOH 29 29 29 HOH TIP A . 
B 2 HOH 30 30 30 HOH TIP A . 
B 2 HOH 31 31 31 HOH TIP A . 
B 2 HOH 32 32 32 HOH TIP A . 
B 2 HOH 33 33 33 HOH TIP A . 
B 2 HOH 34 34 34 HOH TIP A . 
B 2 HOH 35 35 35 HOH TIP A . 
B 2 HOH 36 36 36 HOH TIP A . 
B 2 HOH 37 37 37 HOH TIP A . 
B 2 HOH 38 38 38 HOH TIP A . 
B 2 HOH 39 39 39 HOH TIP A . 
B 2 HOH 40 40 40 HOH TIP A . 
B 2 HOH 41 41 41 HOH TIP A . 
B 2 HOH 42 42 42 HOH TIP A . 
B 2 HOH 43 43 43 HOH TIP A . 
B 2 HOH 44 44 44 HOH TIP A . 
B 2 HOH 45 45 45 HOH TIP A . 
B 2 HOH 46 46 46 HOH TIP A . 
B 2 HOH 47 47 47 HOH TIP A . 
B 2 HOH 48 48 48 HOH TIP A . 
B 2 HOH 49 49 49 HOH TIP A . 
B 2 HOH 50 50 50 HOH TIP A . 
B 2 HOH 51 51 51 HOH TIP A . 
B 2 HOH 52 52 52 HOH TIP A . 
B 2 HOH 53 53 53 HOH TIP A . 
B 2 HOH 54 54 54 HOH TIP A . 
B 2 HOH 55 55 55 HOH TIP A . 
B 2 HOH 56 56 56 HOH TIP A . 
B 2 HOH 57 57 57 HOH TIP A . 
B 2 HOH 58 58 58 HOH TIP A . 
B 2 HOH 59 59 59 HOH TIP A . 
B 2 HOH 60 60 60 HOH TIP A . 
B 2 HOH 61 61 61 HOH TIP A . 
B 2 HOH 62 62 62 HOH TIP A . 
B 2 HOH 63 63 63 HOH TIP A . 
B 2 HOH 64 64 64 HOH TIP A . 
B 2 HOH 65 65 65 HOH TIP A . 
B 2 HOH 66 66 66 HOH TIP A . 
B 2 HOH 67 67 67 HOH TIP A . 
B 2 HOH 68 68 68 HOH TIP A . 
B 2 HOH 69 69 69 HOH TIP A . 
B 2 HOH 70 70 70 HOH TIP A . 
B 2 HOH 71 71 71 HOH TIP A . 
B 2 HOH 72 72 72 HOH TIP A . 
B 2 HOH 73 73 73 HOH TIP A . 
B 2 HOH 74 74 74 HOH TIP A . 
B 2 HOH 75 75 75 HOH TIP A . 
B 2 HOH 76 76 76 HOH TIP A . 
B 2 HOH 77 77 77 HOH TIP A . 
# 
loop_
_software.name 
_software.version 
_software.date 
_software.type 
_software.contact_author 
_software.contact_author_email 
_software.classification 
_software.location 
_software.language 
_software.citation_id 
_software.pdbx_ordinal 
DENZO       .     ?                    package 'Zbyszek Otwinowski' zbyszek@mix.swmed.edu    'data reduction'  
http://www.lnls.br/infra/linhasluz/denzo-hkl.htm ?          ? 1 
SCALEPACK   .     ?                    package 'Zbyszek Otwinowski' zbyszek@mix.swmed.edu    'data scaling'    
http://www.lnls.br/infra/linhasluz/denzo-hkl.htm ?          ? 2 
SOLOMON     .     ?                    program 'Abrahams J. P.'     ccp4@dl.ac.uk            phasing           
http://www.ccp4.ac.uk/main.html                  Fortran_77 ? 3 
CNS         .     ?                    package 'Axel T. Brunger'    axel.brunger@yale.edu    refinement        
http://cns.csb.yale.edu/v1.1/                    Fortran_77 ? 4 
PDB_EXTRACT 3.004 'September 10, 2007' package PDB                  sw-help@rcsb.rutgers.edu 'data extraction' 
http://pdb.rutgers.edu/software/                 C++        ? 5 
SHARP       .     ?                    ?       ?                    ?                        phasing           ? ?          ? 6 
# 
_cell.length_a           81.779 
_cell.length_b           81.779 
_cell.length_c           58.583 
_cell.angle_alpha        90.000 
_cell.angle_beta         90.000 
_cell.angle_gamma        120.000 
_cell.entry_id           3C65 
_cell.pdbx_unique_axis   ? 
_cell.Z_PDB              6 
_cell.length_a_esd       ? 
_cell.length_b_esd       ? 
_cell.length_c_esd       ? 
_cell.angle_alpha_esd    ? 
_cell.angle_beta_esd     ? 
_cell.angle_gamma_esd    ? 
# 
_symmetry.space_group_name_H-M             'P 61' 
_symmetry.entry_id                         3C65 
_symmetry.Int_Tables_number                169 
_symmetry.pdbx_full_space_group_name_H-M   ? 
_symmetry.cell_setting                     ? 
_symmetry.space_group_name_Hall            ? 
# 
_exptl.crystals_number   1 
_exptl.entry_id          3C65 
_exptl.method            'X-RAY DIFFRACTION' 
# 
_exptl_crystal.id                    1 
_exptl_crystal.density_Matthews      2.19 
_exptl_crystal.density_meas          ? 
_exptl_crystal.density_percent_sol   43.74 
_exptl_crystal.description           ? 
_exptl_crystal.F_000                 ? 
_exptl_crystal.preparation           ? 
# 
_exptl_crystal_grow.crystal_id      1 
_exptl_crystal_grow.method          'hanging drop vapor diffusion' 
_exptl_crystal_grow.pH              8.0 
_exptl_crystal_grow.temp            292 
_exptl_crystal_grow.pdbx_details    
'Tris-HCl, sodium citrate, sodium acetate, sodium formate, sodium chloride, pH 8.0, hanging drop vapor diffusion, temperature 292K' 
_exptl_crystal_grow.temp_details    ? 
_exptl_crystal_grow.pdbx_pH_range   . 
# 
_diffrn.id                     1 
_diffrn.ambient_temp           100 
_diffrn.ambient_temp_details   ? 
_diffrn.crystal_id             1 
# 
_diffrn_detector.diffrn_id              1 
_diffrn_detector.detector               ? 
_diffrn_detector.type                   ? 
_diffrn_detector.pdbx_collection_date   2006-08-16 
_diffrn_detector.details                ? 
# 
_diffrn_radiation.diffrn_id                        1 
_diffrn_radiation.pdbx_diffrn_protocol             MAD 
_diffrn_radiation.monochromator                    ? 
_diffrn_radiation.wavelength_id                    1 
_diffrn_radiation.pdbx_monochromatic_or_laue_m_l   M 
_diffrn_radiation.pdbx_scattering_type             x-ray 
# 
loop_
_diffrn_radiation_wavelength.id 
_diffrn_radiation_wavelength.wavelength 
_diffrn_radiation_wavelength.wt 
1 0.97927 1.0 
2 0.97941 1.0 
# 
_diffrn_source.diffrn_id                   1 
_diffrn_source.source                      SYNCHROTRON 
_diffrn_source.type                        'APS BEAMLINE 19-ID' 
_diffrn_source.pdbx_wavelength_list        '0.97927, 0.97941' 
_diffrn_source.pdbx_wavelength             ? 
_diffrn_source.pdbx_synchrotron_site       APS 
_diffrn_source.pdbx_synchrotron_beamline   19-ID 
# 
_reflns.entry_id                     3C65 
_reflns.d_resolution_high            1.900 
_reflns.d_resolution_low             50.000 
_reflns.number_obs                   17709 
_reflns.pdbx_Rmerge_I_obs            0.076 
_reflns.pdbx_netI_over_sigmaI        9.900 
_reflns.pdbx_chi_squared             1.357 
_reflns.pdbx_redundancy              11.200 
_reflns.percent_possible_obs         99.800 
_reflns.observed_criterion_sigma_F   ? 
_reflns.observed_criterion_sigma_I   ? 
_reflns.number_all                   ? 
_reflns.pdbx_Rsym_value              ? 
_reflns.B_iso_Wilson_estimate        ? 
_reflns.R_free_details               ? 
_reflns.limit_h_max                  ? 
_reflns.limit_h_min                  ? 
_reflns.limit_k_max                  ? 
_reflns.limit_k_min                  ? 
_reflns.limit_l_max                  ? 
_reflns.limit_l_min                  ? 
_reflns.observed_criterion_F_max     ? 
_reflns.observed_criterion_F_min     ? 
_reflns.pdbx_scaling_rejects         ? 
_reflns.pdbx_diffrn_id               1 
_reflns.pdbx_ordinal                 1 
# 
_reflns_shell.d_res_high             1.90 
_reflns_shell.d_res_low              1.97 
_reflns_shell.number_measured_obs    ? 
_reflns_shell.number_measured_all    ? 
_reflns_shell.number_unique_obs      ? 
_reflns_shell.Rmerge_I_obs           0.251 
_reflns_shell.meanI_over_sigI_obs    ? 
_reflns_shell.pdbx_Rsym_value        ? 
_reflns_shell.pdbx_chi_squared       0.798 
_reflns_shell.pdbx_redundancy        11.20 
_reflns_shell.percent_possible_obs   ? 
_reflns_shell.number_unique_all      1733 
_reflns_shell.percent_possible_all   99.60 
_reflns_shell.pdbx_diffrn_id         ? 
_reflns_shell.pdbx_ordinal           1 
# 
_refine.entry_id                                 3C65 
_refine.ls_d_res_high                            1.900 
_refine.ls_d_res_low                             50.000 
_refine.pdbx_ls_sigma_F                          0.00 
_refine.ls_percent_reflns_obs                    85.700 
_refine.ls_number_reflns_obs                     15152 
_refine.ls_R_factor_R_work                       0.204 
_refine.ls_R_factor_R_free                       0.221 
_refine.ls_percent_reflns_R_free                 8.700 
_refine.ls_number_reflns_R_free                  1533 
_refine.B_iso_mean                               21.071 
_refine.solvent_model_param_bsol                 54.511 
_refine.aniso_B[1][1]                            1.537 
_refine.aniso_B[2][2]                            1.537 
_refine.aniso_B[3][3]                            -3.073 
_refine.aniso_B[1][2]                            0.000 
_refine.aniso_B[1][3]                            0.000 
_refine.aniso_B[2][3]                            0.000 
_refine.pdbx_method_to_determine_struct          . 
_refine.overall_FOM_work_R_set                   0.870 
_refine.pdbx_ls_sigma_I                          ? 
_refine.ls_number_reflns_all                     ? 
_refine.ls_R_factor_all                          ? 
_refine.ls_R_factor_obs                          ? 
_refine.ls_redundancy_reflns_obs                 ? 
_refine.pdbx_data_cutoff_high_absF               ? 
_refine.pdbx_data_cutoff_low_absF                ? 
_refine.ls_number_parameters                     ? 
_refine.ls_number_restraints                     ? 
_refine.ls_R_factor_R_free_error                 ? 
_refine.ls_R_factor_R_free_error_details         ? 
_refine.pdbx_starting_model                      ? 
_refine.pdbx_ls_cross_valid_method               ? 
_refine.pdbx_R_Free_selection_details            ? 
_refine.pdbx_stereochem_target_val_spec_case     ? 
_refine.pdbx_stereochemistry_target_values       ? 
_refine.solvent_model_details                    ? 
_refine.solvent_model_param_ksol                 ? 
_refine.occupancy_max                            ? 
_refine.occupancy_min                            ? 
_refine.pdbx_isotropic_thermal_model             ? 
_refine.details                                  ? 
_refine.B_iso_min                                ? 
_refine.B_iso_max                                ? 
_refine.correlation_coeff_Fo_to_Fc               ? 
_refine.correlation_coeff_Fo_to_Fc_free          ? 
_refine.pdbx_solvent_vdw_probe_radii             ? 
_refine.pdbx_solvent_ion_probe_radii             ? 
_refine.pdbx_solvent_shrinkage_radii             ? 
_refine.overall_SU_R_Cruickshank_DPI             ? 
_refine.overall_SU_R_free                        ? 
_refine.overall_SU_ML                            ? 
_refine.overall_SU_B                             ? 
_refine.pdbx_overall_ESU_R_Free                  ? 
_refine.pdbx_data_cutoff_high_rms_absF           ? 
_refine.pdbx_overall_ESU_R                       ? 
_refine.ls_wR_factor_R_free                      ? 
_refine.ls_wR_factor_R_work                      ? 
_refine.overall_FOM_free_R_set                   ? 
_refine.pdbx_overall_phase_error                 ? 
_refine.pdbx_refine_id                           'X-RAY DIFFRACTION' 
_refine.pdbx_diffrn_id                           1 
_refine.pdbx_TLS_residual_ADP_flag               ? 
_refine.pdbx_overall_SU_R_free_Cruickshank_DPI   ? 
_refine.pdbx_overall_SU_R_Blow_DPI               ? 
_refine.pdbx_overall_SU_R_free_Blow_DPI          ? 
# 
_refine_hist.pdbx_refine_id                   'X-RAY DIFFRACTION' 
_refine_hist.cycle_id                         LAST 
_refine_hist.pdbx_number_atoms_protein        1198 
_refine_hist.pdbx_number_atoms_nucleic_acid   0 
_refine_hist.pdbx_number_atoms_ligand         0 
_refine_hist.number_atoms_solvent             77 
_refine_hist.number_atoms_total               1275 
_refine_hist.d_res_high                       1.900 
_refine_hist.d_res_low                        50.000 
# 
loop_
_refine_ls_restr.type 
_refine_ls_restr.number 
_refine_ls_restr.dev_ideal 
_refine_ls_restr.dev_ideal_target 
_refine_ls_restr.weight 
_refine_ls_restr.pdbx_refine_id 
_refine_ls_restr.pdbx_restraint_function 
c_bond_d  ? 0.005 ? ? 'X-RAY DIFFRACTION' ? 
c_angle_d ? 1.259 ? ? 'X-RAY DIFFRACTION' ? 
# 
loop_
_pdbx_xplor_file.serial_no 
_pdbx_xplor_file.param_file 
_pdbx_xplor_file.topol_file 
_pdbx_xplor_file.pdbx_refine_id 
1 CNS_TOPPAR:protein_rep.param ? 'X-RAY DIFFRACTION' 
2 CNS_TOPPAR:water_rep.param   ? 'X-RAY DIFFRACTION' 
# 
_struct.entry_id                  3C65 
_struct.title                     
;Crystal Structure of Bacillus stearothermophilus UvrC 5' endonuclease domain
;
_struct.pdbx_model_details        ? 
_struct.pdbx_CASP_flag            ? 
_struct.pdbx_model_type_details   ? 
# 
_struct_keywords.entry_id        3C65 
_struct_keywords.text            
;UvrC, endonuclease, nucleotide excision repair, DNA repair, RNase H, Cytoplasm, DNA damage, DNA excision, Excision nuclease, SOS response, HYDROLASE
;
_struct_keywords.pdbx_keywords   HYDROLASE 
# 
loop_
_struct_asym.id 
_struct_asym.pdbx_blank_PDB_chainid_flag 
_struct_asym.pdbx_modified 
_struct_asym.entity_id 
_struct_asym.details 
A N N 1 ? 
B N N 2 ? 
# 
_struct_ref.id                         1 
_struct_ref.db_name                    PDB 
_struct_ref.db_code                    3C65 
_struct_ref.pdbx_db_accession          3C65 
_struct_ref.entity_id                  1 
_struct_ref.pdbx_seq_one_letter_code   
;GSHMLGERLGIPAPRRIEAFDNSNIYGADPVSALVVFLDGKPAKKEYRKYKVKTVAGPNDYETMREVVRRRYTRVLKEGL
PLPDLIIIDGGKGHLSAVRDVLENELGLDVPLAGLAKDEKHRTSELLAGDPPDVVPLDRQSQEFYLLQRIQDEVHRFAVM
FHRKTRQKTMFHSVLDDIPGVGEKRKKALLNYFGSVKKMKEATVEELQRANIPRAVAEKIYEKLHE
;
_struct_ref.pdbx_align_begin           1 
_struct_ref.pdbx_db_isoform            ? 
# 
_struct_ref_seq.align_id                      1 
_struct_ref_seq.ref_id                        1 
_struct_ref_seq.pdbx_PDB_id_code              3C65 
_struct_ref_seq.pdbx_strand_id                A 
_struct_ref_seq.seq_align_beg                 1 
_struct_ref_seq.pdbx_seq_align_beg_ins_code   ? 
_struct_ref_seq.seq_align_end                 160 
_struct_ref_seq.pdbx_seq_align_end_ins_code   ? 
_struct_ref_seq.pdbx_db_accession             3C65 
_struct_ref_seq.db_align_beg                  -4 
_struct_ref_seq.pdbx_db_align_beg_ins_code    ? 
_struct_ref_seq.db_align_end                  524 
_struct_ref_seq.pdbx_db_align_end_ins_code    ? 
_struct_ref_seq.pdbx_auth_seq_align_beg       -4 
_struct_ref_seq.pdbx_auth_seq_align_end       524 
# 
_pdbx_struct_assembly.id                   1 
_pdbx_struct_assembly.details              author_and_software_defined_assembly 
_pdbx_struct_assembly.method_details       PISA 
_pdbx_struct_assembly.oligomeric_details   monomeric 
_pdbx_struct_assembly.oligomeric_count     1 
# 
_pdbx_struct_assembly_gen.assembly_id       1 
_pdbx_struct_assembly_gen.oper_expression   1 
_pdbx_struct_assembly_gen.asym_id_list      A,B 
# 
_pdbx_struct_oper_list.id                   1 
_pdbx_struct_oper_list.type                 'identity operation' 
_pdbx_struct_oper_list.name                 1_555 
_pdbx_struct_oper_list.symmetry_operation   x,y,z 
_pdbx_struct_oper_list.matrix[1][1]         1.0000000000 
_pdbx_struct_oper_list.matrix[1][2]         0.0000000000 
_pdbx_struct_oper_list.matrix[1][3]         0.0000000000 
_pdbx_struct_oper_list.vector[1]            0.0000000000 
_pdbx_struct_oper_list.matrix[2][1]         0.0000000000 
_pdbx_struct_oper_list.matrix[2][2]         1.0000000000 
_pdbx_struct_oper_list.matrix[2][3]         0.0000000000 
_pdbx_struct_oper_list.vector[2]            0.0000000000 
_pdbx_struct_oper_list.matrix[3][1]         0.0000000000 
_pdbx_struct_oper_list.matrix[3][2]         0.0000000000 
_pdbx_struct_oper_list.matrix[3][3]         1.0000000000 
_pdbx_struct_oper_list.vector[3]            0.0000000000 
# 
_struct_biol.id        1 
_struct_biol.details   ? 
# 
loop_
_struct_conf.conf_type_id 
_struct_conf.id 
_struct_conf.pdbx_PDB_helix_id 
_struct_conf.beg_label_comp_id 
_struct_conf.beg_label_asym_id 
_struct_conf.beg_label_seq_id 
_struct_conf.pdbx_beg_PDB_ins_code 
_struct_conf.end_label_comp_id 
_struct_conf.end_label_asym_id 
_struct_conf.end_label_seq_id 
_struct_conf.pdbx_end_PDB_ins_code 
_struct_conf.beg_auth_comp_id 
_struct_conf.beg_auth_asym_id 
_struct_conf.beg_auth_seq_id 
_struct_conf.end_auth_comp_id 
_struct_conf.end_auth_asym_id 
_struct_conf.end_auth_seq_id 
_struct_conf.pdbx_PDB_helix_class 
_struct_conf.details 
_struct_conf.pdbx_PDB_helix_length 
HELX_P HELX_P1 1 GLY A 1   ? GLY A 10  ? GLY A -4  GLY A 374 1 ? 10 
HELX_P HELX_P2 2 LYS A 44  ? TYR A 47  ? LYS A 408 TYR A 411 5 ? 4  
HELX_P HELX_P3 3 ASN A 59  ? GLY A 79  ? ASN A 423 GLY A 443 1 ? 21 
HELX_P HELX_P4 4 GLY A 91  ? GLU A 105 ? GLY A 455 GLU A 469 1 ? 15 
HELX_P HELX_P5 5 SER A 141 ? ALA A 158 ? SER A 505 ALA A 522 1 ? 18 
# 
_struct_conf_type.id          HELX_P 
_struct_conf_type.criteria    ? 
_struct_conf_type.reference   ? 
# 
loop_
_struct_conn.id 
_struct_conn.conn_type_id 
_struct_conn.pdbx_leaving_atom_flag 
_struct_conn.pdbx_PDB_id 
_struct_conn.ptnr1_label_asym_id 
_struct_conn.ptnr1_label_comp_id 
_struct_conn.ptnr1_label_seq_id 
_struct_conn.ptnr1_label_atom_id 
_struct_conn.pdbx_ptnr1_label_alt_id 
_struct_conn.pdbx_ptnr1_PDB_ins_code 
_struct_conn.pdbx_ptnr1_standard_comp_id 
_struct_conn.ptnr1_symmetry 
_struct_conn.ptnr2_label_asym_id 
_struct_conn.ptnr2_label_comp_id 
_struct_conn.ptnr2_label_seq_id 
_struct_conn.ptnr2_label_atom_id 
_struct_conn.pdbx_ptnr2_label_alt_id 
_struct_conn.pdbx_ptnr2_PDB_ins_code 
_struct_conn.ptnr1_auth_asym_id 
_struct_conn.ptnr1_auth_comp_id 
_struct_conn.ptnr1_auth_seq_id 
_struct_conn.ptnr2_auth_asym_id 
_struct_conn.ptnr2_auth_comp_id 
_struct_conn.ptnr2_auth_seq_id 
_struct_conn.ptnr2_symmetry 
_struct_conn.pdbx_ptnr3_label_atom_id 
_struct_conn.pdbx_ptnr3_label_seq_id 
_struct_conn.pdbx_ptnr3_label_comp_id 
_struct_conn.pdbx_ptnr3_label_asym_id 
_struct_conn.pdbx_ptnr3_label_alt_id 
_struct_conn.pdbx_ptnr3_PDB_ins_code 
_struct_conn.details 
_struct_conn.pdbx_dist_value 
_struct_conn.pdbx_value_order 
_struct_conn.pdbx_role 
covale1 covale both ? A HIS 3   C ? ? ? 1_555 A MSE 4   N ? ? A HIS -2  A MSE -1  1_555 ? ? ? ? ? ? ? 1.329 ? ? 
covale2 covale both ? A MSE 4   C ? ? ? 1_555 A LEU 5   N ? ? A MSE -1  A LEU 369 1_555 ? ? ? ? ? ? ? 1.329 ? ? 
covale3 covale both ? A THR 63  C ? ? ? 1_555 A MSE 64  N ? ? A THR 427 A MSE 428 1_555 ? ? ? ? ? ? ? 1.330 ? ? 
covale4 covale both ? A MSE 64  C ? ? ? 1_555 A ARG 65  N ? ? A MSE 428 A ARG 429 1_555 ? ? ? ? ? ? ? 1.328 ? ? 
covale5 covale both ? A VAL 159 C ? ? ? 1_555 A MSE 160 N ? ? A VAL 523 A MSE 524 1_555 ? ? ? ? ? ? ? 1.329 ? ? 
# 
_struct_conn_type.id          covale 
_struct_conn_type.criteria    ? 
_struct_conn_type.reference   ? 
# 
loop_
_pdbx_modification_feature.ordinal 
_pdbx_modification_feature.label_comp_id 
_pdbx_modification_feature.label_asym_id 
_pdbx_modification_feature.label_seq_id 
_pdbx_modification_feature.label_alt_id 
_pdbx_modification_feature.modified_residue_label_comp_id 
_pdbx_modification_feature.modified_residue_label_asym_id 
_pdbx_modification_feature.modified_residue_label_seq_id 
_pdbx_modification_feature.modified_residue_label_alt_id 
_pdbx_modification_feature.auth_comp_id 
_pdbx_modification_feature.auth_asym_id 
_pdbx_modification_feature.auth_seq_id 
_pdbx_modification_feature.PDB_ins_code 
_pdbx_modification_feature.symmetry 
_pdbx_modification_feature.modified_residue_auth_comp_id 
_pdbx_modification_feature.modified_residue_auth_asym_id 
_pdbx_modification_feature.modified_residue_auth_seq_id 
_pdbx_modification_feature.modified_residue_PDB_ins_code 
_pdbx_modification_feature.modified_residue_symmetry 
_pdbx_modification_feature.comp_id_linking_atom 
_pdbx_modification_feature.modified_residue_id_linking_atom 
_pdbx_modification_feature.modified_residue_id 
_pdbx_modification_feature.ref_pcm_id 
_pdbx_modification_feature.ref_comp_id 
_pdbx_modification_feature.type 
_pdbx_modification_feature.category 
1 MSE A 4   ? . . . . MSE A -1  ? 1_555 . . . . . . . MET 1 MSE Selenomethionine 'Named protein modification' 
2 MSE A 64  ? . . . . MSE A 428 ? 1_555 . . . . . . . MET 1 MSE Selenomethionine 'Named protein modification' 
3 MSE A 160 ? . . . . MSE A 524 ? 1_555 . . . . . . . MET 1 MSE Selenomethionine 'Named protein modification' 
# 
_struct_mon_prot_cis.pdbx_id                1 
_struct_mon_prot_cis.label_comp_id          ASP 
_struct_mon_prot_cis.label_seq_id           130 
_struct_mon_prot_cis.label_asym_id          A 
_struct_mon_prot_cis.label_alt_id           . 
_struct_mon_prot_cis.pdbx_PDB_ins_code      ? 
_struct_mon_prot_cis.auth_comp_id           ASP 
_struct_mon_prot_cis.auth_seq_id            494 
_struct_mon_prot_cis.auth_asym_id           A 
_struct_mon_prot_cis.pdbx_label_comp_id_2   PRO 
_struct_mon_prot_cis.pdbx_label_seq_id_2    131 
_struct_mon_prot_cis.pdbx_label_asym_id_2   A 
_struct_mon_prot_cis.pdbx_PDB_ins_code_2    ? 
_struct_mon_prot_cis.pdbx_auth_comp_id_2    PRO 
_struct_mon_prot_cis.pdbx_auth_seq_id_2     495 
_struct_mon_prot_cis.pdbx_auth_asym_id_2    A 
_struct_mon_prot_cis.pdbx_PDB_model_num     1 
_struct_mon_prot_cis.pdbx_omega_angle       -0.07 
# 
loop_
_struct_sheet.id 
_struct_sheet.type 
_struct_sheet.number_strands 
_struct_sheet.details 
A ? 3 ? 
B ? 5 ? 
C ? 2 ? 
# 
loop_
_struct_sheet_order.sheet_id 
_struct_sheet_order.range_id_1 
_struct_sheet_order.range_id_2 
_struct_sheet_order.offset 
_struct_sheet_order.sense 
A 1 2 ? anti-parallel 
A 2 3 ? anti-parallel 
B 1 2 ? anti-parallel 
B 2 3 ? anti-parallel 
B 3 4 ? parallel      
B 4 5 ? parallel      
C 1 2 ? anti-parallel 
# 
loop_
_struct_sheet_range.sheet_id 
_struct_sheet_range.id 
_struct_sheet_range.beg_label_comp_id 
_struct_sheet_range.beg_label_asym_id 
_struct_sheet_range.beg_label_seq_id 
_struct_sheet_range.pdbx_beg_PDB_ins_code 
_struct_sheet_range.end_label_comp_id 
_struct_sheet_range.end_label_asym_id 
_struct_sheet_range.end_label_seq_id 
_struct_sheet_range.pdbx_end_PDB_ins_code 
_struct_sheet_range.beg_auth_comp_id 
_struct_sheet_range.beg_auth_asym_id 
_struct_sheet_range.beg_auth_seq_id 
_struct_sheet_range.end_auth_comp_id 
_struct_sheet_range.end_auth_asym_id 
_struct_sheet_range.end_auth_seq_id 
A 1 LYS A 41  ? PRO A 42  ? LYS A 405 PRO A 406 
A 2 VAL A 31  ? LEU A 38  ? VAL A 395 LEU A 402 
A 3 ARG A 48  ? LYS A 51  ? ARG A 412 LYS A 415 
B 1 LYS A 41  ? PRO A 42  ? LYS A 405 PRO A 406 
B 2 VAL A 31  ? LEU A 38  ? VAL A 395 LEU A 402 
B 3 ARG A 16  ? ASN A 24  ? ARG A 380 ASN A 388 
B 4 LEU A 85  ? ILE A 88  ? LEU A 449 ILE A 452 
B 5 LEU A 112 ? GLY A 114 ? LEU A 476 GLY A 478 
C 1 LEU A 126 ? ALA A 128 ? LEU A 490 ALA A 492 
C 2 ASP A 133 ? VAL A 135 ? ASP A 497 VAL A 499 
# 
loop_
_pdbx_struct_sheet_hbond.sheet_id 
_pdbx_struct_sheet_hbond.range_id_1 
_pdbx_struct_sheet_hbond.range_id_2 
_pdbx_struct_sheet_hbond.range_1_label_atom_id 
_pdbx_struct_sheet_hbond.range_1_label_comp_id 
_pdbx_struct_sheet_hbond.range_1_label_asym_id 
_pdbx_struct_sheet_hbond.range_1_label_seq_id 
_pdbx_struct_sheet_hbond.range_1_PDB_ins_code 
_pdbx_struct_sheet_hbond.range_1_auth_atom_id 
_pdbx_struct_sheet_hbond.range_1_auth_comp_id 
_pdbx_struct_sheet_hbond.range_1_auth_asym_id 
_pdbx_struct_sheet_hbond.range_1_auth_seq_id 
_pdbx_struct_sheet_hbond.range_2_label_atom_id 
_pdbx_struct_sheet_hbond.range_2_label_comp_id 
_pdbx_struct_sheet_hbond.range_2_label_asym_id 
_pdbx_struct_sheet_hbond.range_2_label_seq_id 
_pdbx_struct_sheet_hbond.range_2_PDB_ins_code 
_pdbx_struct_sheet_hbond.range_2_auth_atom_id 
_pdbx_struct_sheet_hbond.range_2_auth_comp_id 
_pdbx_struct_sheet_hbond.range_2_auth_asym_id 
_pdbx_struct_sheet_hbond.range_2_auth_seq_id 
A 1 2 O LYS A 41  ? O LYS A 405 N LEU A 38  ? N LEU A 402 
A 2 3 N SER A 32  ? N SER A 396 O TYR A 50  ? O TYR A 414 
B 1 2 O LYS A 41  ? O LYS A 405 N LEU A 38  ? N LEU A 402 
B 2 3 O PHE A 37  ? O PHE A 401 N ILE A 17  ? N ILE A 381 
B 3 4 N PHE A 20  ? N PHE A 384 O ILE A 87  ? O ILE A 451 
B 4 5 N ILE A 86  ? N ILE A 450 O ALA A 113 ? O ALA A 477 
C 1 2 N LEU A 126 ? N LEU A 490 O VAL A 135 ? O VAL A 499 
# 
_pdbx_entry_details.sequence_details           'THE FIRST FOUR RESIDUES ARE EXPRESSION TAGS' 
_pdbx_entry_details.entry_id                   3C65 
_pdbx_entry_details.compound_details           ? 
_pdbx_entry_details.source_details             ? 
_pdbx_entry_details.nonpolymer_details         ? 
_pdbx_entry_details.has_ligand_of_interest     ? 
_pdbx_entry_details.has_protein_modification   Y 
# 
loop_
_pdbx_validate_torsion.id 
_pdbx_validate_torsion.PDB_model_num 
_pdbx_validate_torsion.auth_comp_id 
_pdbx_validate_torsion.auth_asym_id 
_pdbx_validate_torsion.auth_seq_id 
_pdbx_validate_torsion.PDB_ins_code 
_pdbx_validate_torsion.label_alt_id 
_pdbx_validate_torsion.phi 
_pdbx_validate_torsion.psi 
1 1 ASP A 473 ? ? -116.15 52.24 
2 1 PRO A 500 ? ? -68.83  78.78 
# 
loop_
_pdbx_struct_mod_residue.id 
_pdbx_struct_mod_residue.label_asym_id 
_pdbx_struct_mod_residue.label_comp_id 
_pdbx_struct_mod_residue.label_seq_id 
_pdbx_struct_mod_residue.auth_asym_id 
_pdbx_struct_mod_residue.auth_comp_id 
_pdbx_struct_mod_residue.auth_seq_id 
_pdbx_struct_mod_residue.PDB_ins_code 
_pdbx_struct_mod_residue.parent_comp_id 
_pdbx_struct_mod_residue.details 
1 A MSE 4   A MSE -1  ? MET SELENOMETHIONINE 
2 A MSE 64  A MSE 428 ? MET SELENOMETHIONINE 
3 A MSE 160 A MSE 524 ? MET SELENOMETHIONINE 
# 
_diffrn_reflns.diffrn_id                   1 
_diffrn_reflns.pdbx_d_res_high             1.900 
_diffrn_reflns.pdbx_d_res_low              50.000 
_diffrn_reflns.pdbx_number_obs             17709 
_diffrn_reflns.pdbx_Rmerge_I_obs           0.076 
_diffrn_reflns.pdbx_Rsym_value             ? 
_diffrn_reflns.pdbx_chi_squared            1.36 
_diffrn_reflns.av_sigmaI_over_netI         9.90 
_diffrn_reflns.pdbx_redundancy             11.20 
_diffrn_reflns.pdbx_percent_possible_obs   99.80 
_diffrn_reflns.number                      197950 
_diffrn_reflns.pdbx_observed_criterion     ? 
_diffrn_reflns.limit_h_max                 ? 
_diffrn_reflns.limit_h_min                 ? 
_diffrn_reflns.limit_k_max                 ? 
_diffrn_reflns.limit_k_min                 ? 
_diffrn_reflns.limit_l_max                 ? 
_diffrn_reflns.limit_l_min                 ? 
# 
loop_
_pdbx_diffrn_reflns_shell.diffrn_id 
_pdbx_diffrn_reflns_shell.d_res_high 
_pdbx_diffrn_reflns_shell.d_res_low 
_pdbx_diffrn_reflns_shell.number_obs 
_pdbx_diffrn_reflns_shell.rejects 
_pdbx_diffrn_reflns_shell.Rmerge_I_obs 
_pdbx_diffrn_reflns_shell.Rsym_value 
_pdbx_diffrn_reflns_shell.chi_squared 
_pdbx_diffrn_reflns_shell.redundancy 
_pdbx_diffrn_reflns_shell.percent_possible_obs 
1 4.09 50.00 ? ? 0.052 ? 3.420 11.10 99.40  
1 3.25 4.09  ? ? 0.050 ? 1.888 10.80 100.00 
1 2.84 3.25  ? ? 0.070 ? 1.558 11.10 99.90  
1 2.58 2.84  ? ? 0.086 ? 1.339 11.20 99.90  
1 2.39 2.58  ? ? 0.098 ? 1.079 11.20 99.80  
1 2.25 2.39  ? ? 0.105 ? 0.936 11.30 99.80  
1 2.14 2.25  ? ? 0.128 ? 0.876 11.20 99.70  
1 2.05 2.14  ? ? 0.153 ? 0.832 11.20 99.80  
1 1.97 2.05  ? ? 0.191 ? 0.799 11.30 99.60  
1 1.90 1.97  ? ? 0.251 ? 0.798 11.20 99.60  
# 
loop_
_pdbx_unobs_or_zero_occ_residues.id 
_pdbx_unobs_or_zero_occ_residues.PDB_model_num 
_pdbx_unobs_or_zero_occ_residues.polymer_flag 
_pdbx_unobs_or_zero_occ_residues.occupancy_flag 
_pdbx_unobs_or_zero_occ_residues.auth_asym_id 
_pdbx_unobs_or_zero_occ_residues.auth_comp_id 
_pdbx_unobs_or_zero_occ_residues.auth_seq_id 
_pdbx_unobs_or_zero_occ_residues.PDB_ins_code 
_pdbx_unobs_or_zero_occ_residues.label_asym_id 
_pdbx_unobs_or_zero_occ_residues.label_comp_id 
_pdbx_unobs_or_zero_occ_residues.label_seq_id 
1  1 Y 1 A ALA 480 ? A ALA 116 
2  1 Y 1 A LYS 481 ? A LYS 117 
3  1 Y 1 A ASP 482 ? A ASP 118 
4  1 Y 1 A GLU 483 ? A GLU 119 
5  1 Y 1 A LYS 484 ? A LYS 120 
6  1 Y 1 A HIS 485 ? A HIS 121 
7  1 Y 1 A ARG 486 ? A ARG 122 
8  1 Y 1 A THR 487 ? A THR 123 
9  1 Y 1 A PHE 525 ? A PHE 161 
10 1 Y 1 A HIS 526 ? A HIS 162 
11 1 Y 1 A ARG 527 ? A ARG 163 
12 1 Y 1 A LYS 528 ? A LYS 164 
13 1 Y 1 A THR 529 ? A THR 165 
14 1 Y 1 A ARG 530 ? A ARG 166 
15 1 Y 1 A GLN 531 ? A GLN 167 
16 1 Y 1 A LYS 532 ? A LYS 168 
17 1 Y 1 A THR 533 ? A THR 169 
18 1 Y 1 A MET 534 ? A MET 170 
19 1 Y 1 A PHE 535 ? A PHE 171 
20 1 Y 1 A HIS 536 ? A HIS 172 
21 1 Y 1 A SER 537 ? A SER 173 
22 1 Y 1 A VAL 538 ? A VAL 174 
23 1 Y 1 A LEU 539 ? A LEU 175 
24 1 Y 1 A ASP 540 ? A ASP 176 
25 1 Y 1 A ASP 541 ? A ASP 177 
26 1 Y 1 A ILE 542 ? A ILE 178 
27 1 Y 1 A PRO 543 ? A PRO 179 
28 1 Y 1 A GLY 544 ? A GLY 180 
29 1 Y 1 A VAL 545 ? A VAL 181 
30 1 Y 1 A GLY 546 ? A GLY 182 
31 1 Y 1 A GLU 547 ? A GLU 183 
32 1 Y 1 A LYS 548 ? A LYS 184 
33 1 Y 1 A ARG 549 ? A ARG 185 
34 1 Y 1 A LYS 550 ? A LYS 186 
35 1 Y 1 A LYS 551 ? A LYS 187 
36 1 Y 1 A ALA 552 ? A ALA 188 
37 1 Y 1 A LEU 553 ? A LEU 189 
38 1 Y 1 A LEU 554 ? A LEU 190 
39 1 Y 1 A ASN 555 ? A ASN 191 
40 1 Y 1 A TYR 556 ? A TYR 192 
41 1 Y 1 A PHE 557 ? A PHE 193 
42 1 Y 1 A GLY 558 ? A GLY 194 
43 1 Y 1 A SER 559 ? A SER 195 
44 1 Y 1 A VAL 560 ? A VAL 196 
45 1 Y 1 A LYS 561 ? A LYS 197 
46 1 Y 1 A LYS 562 ? A LYS 198 
47 1 Y 1 A MET 563 ? A MET 199 
48 1 Y 1 A LYS 564 ? A LYS 200 
49 1 Y 1 A GLU 565 ? A GLU 201 
50 1 Y 1 A ALA 566 ? A ALA 202 
51 1 Y 1 A THR 567 ? A THR 203 
52 1 Y 1 A VAL 568 ? A VAL 204 
53 1 Y 1 A GLU 569 ? A GLU 205 
54 1 Y 1 A GLU 570 ? A GLU 206 
55 1 Y 1 A LEU 571 ? A LEU 207 
56 1 Y 1 A GLN 572 ? A GLN 208 
57 1 Y 1 A ARG 573 ? A ARG 209 
58 1 Y 1 A ALA 574 ? A ALA 210 
59 1 Y 1 A ASN 575 ? A ASN 211 
60 1 Y 1 A ILE 576 ? A ILE 212 
61 1 Y 1 A PRO 577 ? A PRO 213 
62 1 Y 1 A ARG 578 ? A ARG 214 
63 1 Y 1 A ALA 579 ? A ALA 215 
64 1 Y 1 A VAL 580 ? A VAL 216 
65 1 Y 1 A ALA 581 ? A ALA 217 
66 1 Y 1 A GLU 582 ? A GLU 218 
67 1 Y 1 A LYS 583 ? A LYS 219 
68 1 Y 1 A ILE 584 ? A ILE 220 
69 1 Y 1 A TYR 585 ? A TYR 221 
70 1 Y 1 A GLU 586 ? A GLU 222 
71 1 Y 1 A LYS 587 ? A LYS 223 
72 1 Y 1 A LEU 588 ? A LEU 224 
73 1 Y 1 A HIS 589 ? A HIS 225 
74 1 Y 1 A GLU 590 ? A GLU 226 
# 
loop_
_chem_comp_atom.comp_id 
_chem_comp_atom.atom_id 
_chem_comp_atom.type_symbol 
_chem_comp_atom.pdbx_aromatic_flag 
_chem_comp_atom.pdbx_stereo_config 
_chem_comp_atom.pdbx_ordinal 
ALA N    N  N N 1   
ALA CA   C  N S 2   
ALA C    C  N N 3   
ALA O    O  N N 4   
ALA CB   C  N N 5   
ALA OXT  O  N N 6   
ALA H    H  N N 7   
ALA H2   H  N N 8   
ALA HA   H  N N 9   
ALA HB1  H  N N 10  
ALA HB2  H  N N 11  
ALA HB3  H  N N 12  
ALA HXT  H  N N 13  
ARG N    N  N N 14  
ARG CA   C  N S 15  
ARG C    C  N N 16  
ARG O    O  N N 17  
ARG CB   C  N N 18  
ARG CG   C  N N 19  
ARG CD   C  N N 20  
ARG NE   N  N N 21  
ARG CZ   C  N N 22  
ARG NH1  N  N N 23  
ARG NH2  N  N N 24  
ARG OXT  O  N N 25  
ARG H    H  N N 26  
ARG H2   H  N N 27  
ARG HA   H  N N 28  
ARG HB2  H  N N 29  
ARG HB3  H  N N 30  
ARG HG2  H  N N 31  
ARG HG3  H  N N 32  
ARG HD2  H  N N 33  
ARG HD3  H  N N 34  
ARG HE   H  N N 35  
ARG HH11 H  N N 36  
ARG HH12 H  N N 37  
ARG HH21 H  N N 38  
ARG HH22 H  N N 39  
ARG HXT  H  N N 40  
ASN N    N  N N 41  
ASN CA   C  N S 42  
ASN C    C  N N 43  
ASN O    O  N N 44  
ASN CB   C  N N 45  
ASN CG   C  N N 46  
ASN OD1  O  N N 47  
ASN ND2  N  N N 48  
ASN OXT  O  N N 49  
ASN H    H  N N 50  
ASN H2   H  N N 51  
ASN HA   H  N N 52  
ASN HB2  H  N N 53  
ASN HB3  H  N N 54  
ASN HD21 H  N N 55  
ASN HD22 H  N N 56  
ASN HXT  H  N N 57  
ASP N    N  N N 58  
ASP CA   C  N S 59  
ASP C    C  N N 60  
ASP O    O  N N 61  
ASP CB   C  N N 62  
ASP CG   C  N N 63  
ASP OD1  O  N N 64  
ASP OD2  O  N N 65  
ASP OXT  O  N N 66  
ASP H    H  N N 67  
ASP H2   H  N N 68  
ASP HA   H  N N 69  
ASP HB2  H  N N 70  
ASP HB3  H  N N 71  
ASP HD2  H  N N 72  
ASP HXT  H  N N 73  
GLN N    N  N N 74  
GLN CA   C  N S 75  
GLN C    C  N N 76  
GLN O    O  N N 77  
GLN CB   C  N N 78  
GLN CG   C  N N 79  
GLN CD   C  N N 80  
GLN OE1  O  N N 81  
GLN NE2  N  N N 82  
GLN OXT  O  N N 83  
GLN H    H  N N 84  
GLN H2   H  N N 85  
GLN HA   H  N N 86  
GLN HB2  H  N N 87  
GLN HB3  H  N N 88  
GLN HG2  H  N N 89  
GLN HG3  H  N N 90  
GLN HE21 H  N N 91  
GLN HE22 H  N N 92  
GLN HXT  H  N N 93  
GLU N    N  N N 94  
GLU CA   C  N S 95  
GLU C    C  N N 96  
GLU O    O  N N 97  
GLU CB   C  N N 98  
GLU CG   C  N N 99  
GLU CD   C  N N 100 
GLU OE1  O  N N 101 
GLU OE2  O  N N 102 
GLU OXT  O  N N 103 
GLU H    H  N N 104 
GLU H2   H  N N 105 
GLU HA   H  N N 106 
GLU HB2  H  N N 107 
GLU HB3  H  N N 108 
GLU HG2  H  N N 109 
GLU HG3  H  N N 110 
GLU HE2  H  N N 111 
GLU HXT  H  N N 112 
GLY N    N  N N 113 
GLY CA   C  N N 114 
GLY C    C  N N 115 
GLY O    O  N N 116 
GLY OXT  O  N N 117 
GLY H    H  N N 118 
GLY H2   H  N N 119 
GLY HA2  H  N N 120 
GLY HA3  H  N N 121 
GLY HXT  H  N N 122 
HIS N    N  N N 123 
HIS CA   C  N S 124 
HIS C    C  N N 125 
HIS O    O  N N 126 
HIS CB   C  N N 127 
HIS CG   C  Y N 128 
HIS ND1  N  Y N 129 
HIS CD2  C  Y N 130 
HIS CE1  C  Y N 131 
HIS NE2  N  Y N 132 
HIS OXT  O  N N 133 
HIS H    H  N N 134 
HIS H2   H  N N 135 
HIS HA   H  N N 136 
HIS HB2  H  N N 137 
HIS HB3  H  N N 138 
HIS HD1  H  N N 139 
HIS HD2  H  N N 140 
HIS HE1  H  N N 141 
HIS HE2  H  N N 142 
HIS HXT  H  N N 143 
HOH O    O  N N 144 
HOH H1   H  N N 145 
HOH H2   H  N N 146 
ILE N    N  N N 147 
ILE CA   C  N S 148 
ILE C    C  N N 149 
ILE O    O  N N 150 
ILE CB   C  N S 151 
ILE CG1  C  N N 152 
ILE CG2  C  N N 153 
ILE CD1  C  N N 154 
ILE OXT  O  N N 155 
ILE H    H  N N 156 
ILE H2   H  N N 157 
ILE HA   H  N N 158 
ILE HB   H  N N 159 
ILE HG12 H  N N 160 
ILE HG13 H  N N 161 
ILE HG21 H  N N 162 
ILE HG22 H  N N 163 
ILE HG23 H  N N 164 
ILE HD11 H  N N 165 
ILE HD12 H  N N 166 
ILE HD13 H  N N 167 
ILE HXT  H  N N 168 
LEU N    N  N N 169 
LEU CA   C  N S 170 
LEU C    C  N N 171 
LEU O    O  N N 172 
LEU CB   C  N N 173 
LEU CG   C  N N 174 
LEU CD1  C  N N 175 
LEU CD2  C  N N 176 
LEU OXT  O  N N 177 
LEU H    H  N N 178 
LEU H2   H  N N 179 
LEU HA   H  N N 180 
LEU HB2  H  N N 181 
LEU HB3  H  N N 182 
LEU HG   H  N N 183 
LEU HD11 H  N N 184 
LEU HD12 H  N N 185 
LEU HD13 H  N N 186 
LEU HD21 H  N N 187 
LEU HD22 H  N N 188 
LEU HD23 H  N N 189 
LEU HXT  H  N N 190 
LYS N    N  N N 191 
LYS CA   C  N S 192 
LYS C    C  N N 193 
LYS O    O  N N 194 
LYS CB   C  N N 195 
LYS CG   C  N N 196 
LYS CD   C  N N 197 
LYS CE   C  N N 198 
LYS NZ   N  N N 199 
LYS OXT  O  N N 200 
LYS H    H  N N 201 
LYS H2   H  N N 202 
LYS HA   H  N N 203 
LYS HB2  H  N N 204 
LYS HB3  H  N N 205 
LYS HG2  H  N N 206 
LYS HG3  H  N N 207 
LYS HD2  H  N N 208 
LYS HD3  H  N N 209 
LYS HE2  H  N N 210 
LYS HE3  H  N N 211 
LYS HZ1  H  N N 212 
LYS HZ2  H  N N 213 
LYS HZ3  H  N N 214 
LYS HXT  H  N N 215 
MET N    N  N N 216 
MET CA   C  N S 217 
MET C    C  N N 218 
MET O    O  N N 219 
MET CB   C  N N 220 
MET CG   C  N N 221 
MET SD   S  N N 222 
MET CE   C  N N 223 
MET OXT  O  N N 224 
MET H    H  N N 225 
MET H2   H  N N 226 
MET HA   H  N N 227 
MET HB2  H  N N 228 
MET HB3  H  N N 229 
MET HG2  H  N N 230 
MET HG3  H  N N 231 
MET HE1  H  N N 232 
MET HE2  H  N N 233 
MET HE3  H  N N 234 
MET HXT  H  N N 235 
MSE N    N  N N 236 
MSE CA   C  N S 237 
MSE C    C  N N 238 
MSE O    O  N N 239 
MSE OXT  O  N N 240 
MSE CB   C  N N 241 
MSE CG   C  N N 242 
MSE SE   SE N N 243 
MSE CE   C  N N 244 
MSE H    H  N N 245 
MSE H2   H  N N 246 
MSE HA   H  N N 247 
MSE HXT  H  N N 248 
MSE HB2  H  N N 249 
MSE HB3  H  N N 250 
MSE HG2  H  N N 251 
MSE HG3  H  N N 252 
MSE HE1  H  N N 253 
MSE HE2  H  N N 254 
MSE HE3  H  N N 255 
PHE N    N  N N 256 
PHE CA   C  N S 257 
PHE C    C  N N 258 
PHE O    O  N N 259 
PHE CB   C  N N 260 
PHE CG   C  Y N 261 
PHE CD1  C  Y N 262 
PHE CD2  C  Y N 263 
PHE CE1  C  Y N 264 
PHE CE2  C  Y N 265 
PHE CZ   C  Y N 266 
PHE OXT  O  N N 267 
PHE H    H  N N 268 
PHE H2   H  N N 269 
PHE HA   H  N N 270 
PHE HB2  H  N N 271 
PHE HB3  H  N N 272 
PHE HD1  H  N N 273 
PHE HD2  H  N N 274 
PHE HE1  H  N N 275 
PHE HE2  H  N N 276 
PHE HZ   H  N N 277 
PHE HXT  H  N N 278 
PRO N    N  N N 279 
PRO CA   C  N S 280 
PRO C    C  N N 281 
PRO O    O  N N 282 
PRO CB   C  N N 283 
PRO CG   C  N N 284 
PRO CD   C  N N 285 
PRO OXT  O  N N 286 
PRO H    H  N N 287 
PRO HA   H  N N 288 
PRO HB2  H  N N 289 
PRO HB3  H  N N 290 
PRO HG2  H  N N 291 
PRO HG3  H  N N 292 
PRO HD2  H  N N 293 
PRO HD3  H  N N 294 
PRO HXT  H  N N 295 
SER N    N  N N 296 
SER CA   C  N S 297 
SER C    C  N N 298 
SER O    O  N N 299 
SER CB   C  N N 300 
SER OG   O  N N 301 
SER OXT  O  N N 302 
SER H    H  N N 303 
SER H2   H  N N 304 
SER HA   H  N N 305 
SER HB2  H  N N 306 
SER HB3  H  N N 307 
SER HG   H  N N 308 
SER HXT  H  N N 309 
THR N    N  N N 310 
THR CA   C  N S 311 
THR C    C  N N 312 
THR O    O  N N 313 
THR CB   C  N R 314 
THR OG1  O  N N 315 
THR CG2  C  N N 316 
THR OXT  O  N N 317 
THR H    H  N N 318 
THR H2   H  N N 319 
THR HA   H  N N 320 
THR HB   H  N N 321 
THR HG1  H  N N 322 
THR HG21 H  N N 323 
THR HG22 H  N N 324 
THR HG23 H  N N 325 
THR HXT  H  N N 326 
TYR N    N  N N 327 
TYR CA   C  N S 328 
TYR C    C  N N 329 
TYR O    O  N N 330 
TYR CB   C  N N 331 
TYR CG   C  Y N 332 
TYR CD1  C  Y N 333 
TYR CD2  C  Y N 334 
TYR CE1  C  Y N 335 
TYR CE2  C  Y N 336 
TYR CZ   C  Y N 337 
TYR OH   O  N N 338 
TYR OXT  O  N N 339 
TYR H    H  N N 340 
TYR H2   H  N N 341 
TYR HA   H  N N 342 
TYR HB2  H  N N 343 
TYR HB3  H  N N 344 
TYR HD1  H  N N 345 
TYR HD2  H  N N 346 
TYR HE1  H  N N 347 
TYR HE2  H  N N 348 
TYR HH   H  N N 349 
TYR HXT  H  N N 350 
VAL N    N  N N 351 
VAL CA   C  N S 352 
VAL C    C  N N 353 
VAL O    O  N N 354 
VAL CB   C  N N 355 
VAL CG1  C  N N 356 
VAL CG2  C  N N 357 
VAL OXT  O  N N 358 
VAL H    H  N N 359 
VAL H2   H  N N 360 
VAL HA   H  N N 361 
VAL HB   H  N N 362 
VAL HG11 H  N N 363 
VAL HG12 H  N N 364 
VAL HG13 H  N N 365 
VAL HG21 H  N N 366 
VAL HG22 H  N N 367 
VAL HG23 H  N N 368 
VAL HXT  H  N N 369 
# 
loop_
_chem_comp_bond.comp_id 
_chem_comp_bond.atom_id_1 
_chem_comp_bond.atom_id_2 
_chem_comp_bond.value_order 
_chem_comp_bond.pdbx_aromatic_flag 
_chem_comp_bond.pdbx_stereo_config 
_chem_comp_bond.pdbx_ordinal 
ALA N   CA   sing N N 1   
ALA N   H    sing N N 2   
ALA N   H2   sing N N 3   
ALA CA  C    sing N N 4   
ALA CA  CB   sing N N 5   
ALA CA  HA   sing N N 6   
ALA C   O    doub N N 7   
ALA C   OXT  sing N N 8   
ALA CB  HB1  sing N N 9   
ALA CB  HB2  sing N N 10  
ALA CB  HB3  sing N N 11  
ALA OXT HXT  sing N N 12  
ARG N   CA   sing N N 13  
ARG N   H    sing N N 14  
ARG N   H2   sing N N 15  
ARG CA  C    sing N N 16  
ARG CA  CB   sing N N 17  
ARG CA  HA   sing N N 18  
ARG C   O    doub N N 19  
ARG C   OXT  sing N N 20  
ARG CB  CG   sing N N 21  
ARG CB  HB2  sing N N 22  
ARG CB  HB3  sing N N 23  
ARG CG  CD   sing N N 24  
ARG CG  HG2  sing N N 25  
ARG CG  HG3  sing N N 26  
ARG CD  NE   sing N N 27  
ARG CD  HD2  sing N N 28  
ARG CD  HD3  sing N N 29  
ARG NE  CZ   sing N N 30  
ARG NE  HE   sing N N 31  
ARG CZ  NH1  sing N N 32  
ARG CZ  NH2  doub N N 33  
ARG NH1 HH11 sing N N 34  
ARG NH1 HH12 sing N N 35  
ARG NH2 HH21 sing N N 36  
ARG NH2 HH22 sing N N 37  
ARG OXT HXT  sing N N 38  
ASN N   CA   sing N N 39  
ASN N   H    sing N N 40  
ASN N   H2   sing N N 41  
ASN CA  C    sing N N 42  
ASN CA  CB   sing N N 43  
ASN CA  HA   sing N N 44  
ASN C   O    doub N N 45  
ASN C   OXT  sing N N 46  
ASN CB  CG   sing N N 47  
ASN CB  HB2  sing N N 48  
ASN CB  HB3  sing N N 49  
ASN CG  OD1  doub N N 50  
ASN CG  ND2  sing N N 51  
ASN ND2 HD21 sing N N 52  
ASN ND2 HD22 sing N N 53  
ASN OXT HXT  sing N N 54  
ASP N   CA   sing N N 55  
ASP N   H    sing N N 56  
ASP N   H2   sing N N 57  
ASP CA  C    sing N N 58  
ASP CA  CB   sing N N 59  
ASP CA  HA   sing N N 60  
ASP C   O    doub N N 61  
ASP C   OXT  sing N N 62  
ASP CB  CG   sing N N 63  
ASP CB  HB2  sing N N 64  
ASP CB  HB3  sing N N 65  
ASP CG  OD1  doub N N 66  
ASP CG  OD2  sing N N 67  
ASP OD2 HD2  sing N N 68  
ASP OXT HXT  sing N N 69  
GLN N   CA   sing N N 70  
GLN N   H    sing N N 71  
GLN N   H2   sing N N 72  
GLN CA  C    sing N N 73  
GLN CA  CB   sing N N 74  
GLN CA  HA   sing N N 75  
GLN C   O    doub N N 76  
GLN C   OXT  sing N N 77  
GLN CB  CG   sing N N 78  
GLN CB  HB2  sing N N 79  
GLN CB  HB3  sing N N 80  
GLN CG  CD   sing N N 81  
GLN CG  HG2  sing N N 82  
GLN CG  HG3  sing N N 83  
GLN CD  OE1  doub N N 84  
GLN CD  NE2  sing N N 85  
GLN NE2 HE21 sing N N 86  
GLN NE2 HE22 sing N N 87  
GLN OXT HXT  sing N N 88  
GLU N   CA   sing N N 89  
GLU N   H    sing N N 90  
GLU N   H2   sing N N 91  
GLU CA  C    sing N N 92  
GLU CA  CB   sing N N 93  
GLU CA  HA   sing N N 94  
GLU C   O    doub N N 95  
GLU C   OXT  sing N N 96  
GLU CB  CG   sing N N 97  
GLU CB  HB2  sing N N 98  
GLU CB  HB3  sing N N 99  
GLU CG  CD   sing N N 100 
GLU CG  HG2  sing N N 101 
GLU CG  HG3  sing N N 102 
GLU CD  OE1  doub N N 103 
GLU CD  OE2  sing N N 104 
GLU OE2 HE2  sing N N 105 
GLU OXT HXT  sing N N 106 
GLY N   CA   sing N N 107 
GLY N   H    sing N N 108 
GLY N   H2   sing N N 109 
GLY CA  C    sing N N 110 
GLY CA  HA2  sing N N 111 
GLY CA  HA3  sing N N 112 
GLY C   O    doub N N 113 
GLY C   OXT  sing N N 114 
GLY OXT HXT  sing N N 115 
HIS N   CA   sing N N 116 
HIS N   H    sing N N 117 
HIS N   H2   sing N N 118 
HIS CA  C    sing N N 119 
HIS CA  CB   sing N N 120 
HIS CA  HA   sing N N 121 
HIS C   O    doub N N 122 
HIS C   OXT  sing N N 123 
HIS CB  CG   sing N N 124 
HIS CB  HB2  sing N N 125 
HIS CB  HB3  sing N N 126 
HIS CG  ND1  sing Y N 127 
HIS CG  CD2  doub Y N 128 
HIS ND1 CE1  doub Y N 129 
HIS ND1 HD1  sing N N 130 
HIS CD2 NE2  sing Y N 131 
HIS CD2 HD2  sing N N 132 
HIS CE1 NE2  sing Y N 133 
HIS CE1 HE1  sing N N 134 
HIS NE2 HE2  sing N N 135 
HIS OXT HXT  sing N N 136 
HOH O   H1   sing N N 137 
HOH O   H2   sing N N 138 
ILE N   CA   sing N N 139 
ILE N   H    sing N N 140 
ILE N   H2   sing N N 141 
ILE CA  C    sing N N 142 
ILE CA  CB   sing N N 143 
ILE CA  HA   sing N N 144 
ILE C   O    doub N N 145 
ILE C   OXT  sing N N 146 
ILE CB  CG1  sing N N 147 
ILE CB  CG2  sing N N 148 
ILE CB  HB   sing N N 149 
ILE CG1 CD1  sing N N 150 
ILE CG1 HG12 sing N N 151 
ILE CG1 HG13 sing N N 152 
ILE CG2 HG21 sing N N 153 
ILE CG2 HG22 sing N N 154 
ILE CG2 HG23 sing N N 155 
ILE CD1 HD11 sing N N 156 
ILE CD1 HD12 sing N N 157 
ILE CD1 HD13 sing N N 158 
ILE OXT HXT  sing N N 159 
LEU N   CA   sing N N 160 
LEU N   H    sing N N 161 
LEU N   H2   sing N N 162 
LEU CA  C    sing N N 163 
LEU CA  CB   sing N N 164 
LEU CA  HA   sing N N 165 
LEU C   O    doub N N 166 
LEU C   OXT  sing N N 167 
LEU CB  CG   sing N N 168 
LEU CB  HB2  sing N N 169 
LEU CB  HB3  sing N N 170 
LEU CG  CD1  sing N N 171 
LEU CG  CD2  sing N N 172 
LEU CG  HG   sing N N 173 
LEU CD1 HD11 sing N N 174 
LEU CD1 HD12 sing N N 175 
LEU CD1 HD13 sing N N 176 
LEU CD2 HD21 sing N N 177 
LEU CD2 HD22 sing N N 178 
LEU CD2 HD23 sing N N 179 
LEU OXT HXT  sing N N 180 
LYS N   CA   sing N N 181 
LYS N   H    sing N N 182 
LYS N   H2   sing N N 183 
LYS CA  C    sing N N 184 
LYS CA  CB   sing N N 185 
LYS CA  HA   sing N N 186 
LYS C   O    doub N N 187 
LYS C   OXT  sing N N 188 
LYS CB  CG   sing N N 189 
LYS CB  HB2  sing N N 190 
LYS CB  HB3  sing N N 191 
LYS CG  CD   sing N N 192 
LYS CG  HG2  sing N N 193 
LYS CG  HG3  sing N N 194 
LYS CD  CE   sing N N 195 
LYS CD  HD2  sing N N 196 
LYS CD  HD3  sing N N 197 
LYS CE  NZ   sing N N 198 
LYS CE  HE2  sing N N 199 
LYS CE  HE3  sing N N 200 
LYS NZ  HZ1  sing N N 201 
LYS NZ  HZ2  sing N N 202 
LYS NZ  HZ3  sing N N 203 
LYS OXT HXT  sing N N 204 
MET N   CA   sing N N 205 
MET N   H    sing N N 206 
MET N   H2   sing N N 207 
MET CA  C    sing N N 208 
MET CA  CB   sing N N 209 
MET CA  HA   sing N N 210 
MET C   O    doub N N 211 
MET C   OXT  sing N N 212 
MET CB  CG   sing N N 213 
MET CB  HB2  sing N N 214 
MET CB  HB3  sing N N 215 
MET CG  SD   sing N N 216 
MET CG  HG2  sing N N 217 
MET CG  HG3  sing N N 218 
MET SD  CE   sing N N 219 
MET CE  HE1  sing N N 220 
MET CE  HE2  sing N N 221 
MET CE  HE3  sing N N 222 
MET OXT HXT  sing N N 223 
MSE N   CA   sing N N 224 
MSE N   H    sing N N 225 
MSE N   H2   sing N N 226 
MSE CA  C    sing N N 227 
MSE CA  CB   sing N N 228 
MSE CA  HA   sing N N 229 
MSE C   O    doub N N 230 
MSE C   OXT  sing N N 231 
MSE OXT HXT  sing N N 232 
MSE CB  CG   sing N N 233 
MSE CB  HB2  sing N N 234 
MSE CB  HB3  sing N N 235 
MSE CG  SE   sing N N 236 
MSE CG  HG2  sing N N 237 
MSE CG  HG3  sing N N 238 
MSE SE  CE   sing N N 239 
MSE CE  HE1  sing N N 240 
MSE CE  HE2  sing N N 241 
MSE CE  HE3  sing N N 242 
PHE N   CA   sing N N 243 
PHE N   H    sing N N 244 
PHE N   H2   sing N N 245 
PHE CA  C    sing N N 246 
PHE CA  CB   sing N N 247 
PHE CA  HA   sing N N 248 
PHE C   O    doub N N 249 
PHE C   OXT  sing N N 250 
PHE CB  CG   sing N N 251 
PHE CB  HB2  sing N N 252 
PHE CB  HB3  sing N N 253 
PHE CG  CD1  doub Y N 254 
PHE CG  CD2  sing Y N 255 
PHE CD1 CE1  sing Y N 256 
PHE CD1 HD1  sing N N 257 
PHE CD2 CE2  doub Y N 258 
PHE CD2 HD2  sing N N 259 
PHE CE1 CZ   doub Y N 260 
PHE CE1 HE1  sing N N 261 
PHE CE2 CZ   sing Y N 262 
PHE CE2 HE2  sing N N 263 
PHE CZ  HZ   sing N N 264 
PHE OXT HXT  sing N N 265 
PRO N   CA   sing N N 266 
PRO N   CD   sing N N 267 
PRO N   H    sing N N 268 
PRO CA  C    sing N N 269 
PRO CA  CB   sing N N 270 
PRO CA  HA   sing N N 271 
PRO C   O    doub N N 272 
PRO C   OXT  sing N N 273 
PRO CB  CG   sing N N 274 
PRO CB  HB2  sing N N 275 
PRO CB  HB3  sing N N 276 
PRO CG  CD   sing N N 277 
PRO CG  HG2  sing N N 278 
PRO CG  HG3  sing N N 279 
PRO CD  HD2  sing N N 280 
PRO CD  HD3  sing N N 281 
PRO OXT HXT  sing N N 282 
SER N   CA   sing N N 283 
SER N   H    sing N N 284 
SER N   H2   sing N N 285 
SER CA  C    sing N N 286 
SER CA  CB   sing N N 287 
SER CA  HA   sing N N 288 
SER C   O    doub N N 289 
SER C   OXT  sing N N 290 
SER CB  OG   sing N N 291 
SER CB  HB2  sing N N 292 
SER CB  HB3  sing N N 293 
SER OG  HG   sing N N 294 
SER OXT HXT  sing N N 295 
THR N   CA   sing N N 296 
THR N   H    sing N N 297 
THR N   H2   sing N N 298 
THR CA  C    sing N N 299 
THR CA  CB   sing N N 300 
THR CA  HA   sing N N 301 
THR C   O    doub N N 302 
THR C   OXT  sing N N 303 
THR CB  OG1  sing N N 304 
THR CB  CG2  sing N N 305 
THR CB  HB   sing N N 306 
THR OG1 HG1  sing N N 307 
THR CG2 HG21 sing N N 308 
THR CG2 HG22 sing N N 309 
THR CG2 HG23 sing N N 310 
THR OXT HXT  sing N N 311 
TYR N   CA   sing N N 312 
TYR N   H    sing N N 313 
TYR N   H2   sing N N 314 
TYR CA  C    sing N N 315 
TYR CA  CB   sing N N 316 
TYR CA  HA   sing N N 317 
TYR C   O    doub N N 318 
TYR C   OXT  sing N N 319 
TYR CB  CG   sing N N 320 
TYR CB  HB2  sing N N 321 
TYR CB  HB3  sing N N 322 
TYR CG  CD1  doub Y N 323 
TYR CG  CD2  sing Y N 324 
TYR CD1 CE1  sing Y N 325 
TYR CD1 HD1  sing N N 326 
TYR CD2 CE2  doub Y N 327 
TYR CD2 HD2  sing N N 328 
TYR CE1 CZ   doub Y N 329 
TYR CE1 HE1  sing N N 330 
TYR CE2 CZ   sing Y N 331 
TYR CE2 HE2  sing N N 332 
TYR CZ  OH   sing N N 333 
TYR OH  HH   sing N N 334 
TYR OXT HXT  sing N N 335 
VAL N   CA   sing N N 336 
VAL N   H    sing N N 337 
VAL N   H2   sing N N 338 
VAL CA  C    sing N N 339 
VAL CA  CB   sing N N 340 
VAL CA  HA   sing N N 341 
VAL C   O    doub N N 342 
VAL C   OXT  sing N N 343 
VAL CB  CG1  sing N N 344 
VAL CB  CG2  sing N N 345 
VAL CB  HB   sing N N 346 
VAL CG1 HG11 sing N N 347 
VAL CG1 HG12 sing N N 348 
VAL CG1 HG13 sing N N 349 
VAL CG2 HG21 sing N N 350 
VAL CG2 HG22 sing N N 351 
VAL CG2 HG23 sing N N 352 
VAL OXT HXT  sing N N 353 
# 
_atom_sites.entry_id                    3C65 
_atom_sites.fract_transf_matrix[1][1]   0.01124125 
_atom_sites.fract_transf_matrix[1][2]   0.00321464 
_atom_sites.fract_transf_matrix[1][3]   0.00791631 
_atom_sites.fract_transf_matrix[2][1]   0.00161490 
_atom_sites.fract_transf_matrix[2][2]   0.01311613 
_atom_sites.fract_transf_matrix[2][3]   0.00497329 
_atom_sites.fract_transf_matrix[3][1]   -0.00868472 
_atom_sites.fract_transf_matrix[3][2]   -0.00426326 
_atom_sites.fract_transf_matrix[3][3]   0.01406361 
_atom_sites.fract_transf_vector[1]      0.584408 
_atom_sites.fract_transf_vector[2]      0.451313 
_atom_sites.fract_transf_vector[3]      0.027096 
# 
loop_
_atom_type.symbol 
C  
N  
O  
SE 
# 
loop_
_atom_site.group_PDB 
_atom_site.id 
_atom_site.type_symbol 
_atom_site.label_atom_id 
_atom_site.label_alt_id 
_atom_site.label_comp_id 
_atom_site.label_asym_id 
_atom_site.label_entity_id 
_atom_site.label_seq_id 
_atom_site.pdbx_PDB_ins_code 
_atom_site.Cartn_x 
_atom_site.Cartn_y 
_atom_site.Cartn_z 
_atom_site.occupancy 
_atom_site.B_iso_or_equiv 
_atom_site.pdbx_formal_charge 
_atom_site.auth_seq_id 
_atom_site.auth_comp_id 
_atom_site.auth_asym_id 
_atom_site.auth_atom_id 
_atom_site.pdbx_PDB_model_num 
ATOM   1    N  N   . GLY A 1 1   ? -4.196  16.874  0.296   1.00 36.60 ? -4  GLY A N   1 
ATOM   2    C  CA  . GLY A 1 1   ? -5.235  15.811  0.302   1.00 36.60 ? -4  GLY A CA  1 
ATOM   3    C  C   . GLY A 1 1   ? -5.004  14.815  1.421   1.00 36.60 ? -4  GLY A C   1 
ATOM   4    O  O   . GLY A 1 1   ? -5.924  14.106  1.827   1.00 36.60 ? -4  GLY A O   1 
ATOM   5    N  N   . SER A 1 2   ? -3.774  14.764  1.925   1.00 26.15 ? -3  SER A N   1 
ATOM   6    C  CA  . SER A 1 2   ? -3.436  13.839  3.001   1.00 29.93 ? -3  SER A CA  1 
ATOM   7    C  C   . SER A 1 2   ? -4.214  14.179  4.268   1.00 27.52 ? -3  SER A C   1 
ATOM   8    O  O   . SER A 1 2   ? -4.579  13.294  5.043   1.00 24.85 ? -3  SER A O   1 
ATOM   9    C  CB  . SER A 1 2   ? -1.930  13.872  3.279   1.00 29.99 ? -3  SER A CB  1 
ATOM   10   O  OG  . SER A 1 2   ? -1.500  15.181  3.604   1.00 40.00 ? -3  SER A OG  1 
ATOM   11   N  N   . HIS A 1 3   ? -4.473  15.465  4.477   1.00 26.64 ? -2  HIS A N   1 
ATOM   12   C  CA  . HIS A 1 3   ? -5.222  15.891  5.649   1.00 25.80 ? -2  HIS A CA  1 
ATOM   13   C  C   . HIS A 1 3   ? -6.634  15.323  5.594   1.00 23.88 ? -2  HIS A C   1 
ATOM   14   O  O   . HIS A 1 3   ? -7.130  14.776  6.582   1.00 22.77 ? -2  HIS A O   1 
ATOM   15   C  CB  . HIS A 1 3   ? -5.271  17.417  5.721   1.00 65.63 ? -2  HIS A CB  1 
ATOM   16   C  CG  . HIS A 1 3   ? -3.935  18.049  5.955   1.00 73.50 ? -2  HIS A CG  1 
ATOM   17   N  ND1 . HIS A 1 3   ? -3.188  17.810  7.089   1.00 78.68 ? -2  HIS A ND1 1 
ATOM   18   C  CD2 . HIS A 1 3   ? -3.203  18.898  5.195   1.00 80.36 ? -2  HIS A CD2 1 
ATOM   19   C  CE1 . HIS A 1 3   ? -2.055  18.485  7.018   1.00 75.72 ? -2  HIS A CE1 1 
ATOM   20   N  NE2 . HIS A 1 3   ? -2.039  19.153  5.878   1.00 79.10 ? -2  HIS A NE2 1 
HETATM 21   N  N   . MSE A 1 4   ? -7.279  15.447  4.439   1.00 23.42 ? -1  MSE A N   1 
HETATM 22   C  CA  . MSE A 1 4   ? -8.633  14.934  4.275   1.00 24.91 ? -1  MSE A CA  1 
HETATM 23   C  C   . MSE A 1 4   ? -8.659  13.412  4.292   1.00 22.99 ? -1  MSE A C   1 
HETATM 24   O  O   . MSE A 1 4   ? -9.584  12.805  4.832   1.00 24.71 ? -1  MSE A O   1 
HETATM 25   C  CB  . MSE A 1 4   ? -9.247  15.442  2.968   1.00 53.67 ? -1  MSE A CB  1 
HETATM 26   C  CG  . MSE A 1 4   ? -9.732  16.876  3.043   1.00 58.10 ? -1  MSE A CG  1 
HETATM 27   SE SE  . MSE A 1 4   ? -10.914 17.128  4.554   1.00 61.32 ? -1  MSE A SE  1 
HETATM 28   C  CE  . MSE A 1 4   ? -12.417 16.094  3.931   1.00 58.05 ? -1  MSE A CE  1 
ATOM   29   N  N   . LEU A 1 5   ? -7.643  12.799  3.694   1.00 22.92 ? 369 LEU A N   1 
ATOM   30   C  CA  . LEU A 1 5   ? -7.564  11.345  3.662   1.00 18.91 ? 369 LEU A CA  1 
ATOM   31   C  C   . LEU A 1 5   ? -7.461  10.807  5.087   1.00 19.86 ? 369 LEU A C   1 
ATOM   32   O  O   . LEU A 1 5   ? -8.120  9.829   5.438   1.00 22.11 ? 369 LEU A O   1 
ATOM   33   C  CB  . LEU A 1 5   ? -6.354  10.898  2.836   1.00 17.67 ? 369 LEU A CB  1 
ATOM   34   C  CG  . LEU A 1 5   ? -6.208  9.387   2.619   1.00 16.56 ? 369 LEU A CG  1 
ATOM   35   C  CD1 . LEU A 1 5   ? -7.442  8.831   1.914   1.00 17.64 ? 369 LEU A CD1 1 
ATOM   36   C  CD2 . LEU A 1 5   ? -4.954  9.121   1.795   1.00 22.03 ? 369 LEU A CD2 1 
ATOM   37   N  N   . GLY A 1 6   ? -6.642  11.457  5.910   1.00 16.20 ? 370 GLY A N   1 
ATOM   38   C  CA  . GLY A 1 6   ? -6.496  11.020  7.287   1.00 19.52 ? 370 GLY A CA  1 
ATOM   39   C  C   . GLY A 1 6   ? -7.811  11.177  8.034   1.00 17.77 ? 370 GLY A C   1 
ATOM   40   O  O   . GLY A 1 6   ? -8.205  10.314  8.823   1.00 20.77 ? 370 GLY A O   1 
ATOM   41   N  N   . GLU A 1 7   ? -8.499  12.284  7.777   1.00 21.50 ? 371 GLU A N   1 
ATOM   42   C  CA  . GLU A 1 7   ? -9.776  12.548  8.427   1.00 24.45 ? 371 GLU A CA  1 
ATOM   43   C  C   . GLU A 1 7   ? -10.800 11.488  8.032   1.00 22.53 ? 371 GLU A C   1 
ATOM   44   O  O   . GLU A 1 7   ? -11.561 11.006  8.868   1.00 22.20 ? 371 GLU A O   1 
ATOM   45   C  CB  . GLU A 1 7   ? -10.279 13.941  8.043   1.00 57.86 ? 371 GLU A CB  1 
ATOM   46   C  CG  . GLU A 1 7   ? -11.514 14.387  8.805   1.00 67.81 ? 371 GLU A CG  1 
ATOM   47   C  CD  . GLU A 1 7   ? -11.877 15.833  8.528   1.00 75.13 ? 371 GLU A CD  1 
ATOM   48   O  OE1 . GLU A 1 7   ? -11.055 16.722  8.832   1.00 73.65 ? 371 GLU A OE1 1 
ATOM   49   O  OE2 . GLU A 1 7   ? -12.985 16.080  8.005   1.00 73.85 ? 371 GLU A OE2 1 
ATOM   50   N  N   . ARG A 1 8   ? -10.819 11.123  6.756   1.00 19.78 ? 372 ARG A N   1 
ATOM   51   C  CA  . ARG A 1 8   ? -11.751 10.106  6.278   1.00 20.98 ? 372 ARG A CA  1 
ATOM   52   C  C   . ARG A 1 8   ? -11.444 8.744   6.893   1.00 19.20 ? 372 ARG A C   1 
ATOM   53   O  O   . ARG A 1 8   ? -12.349 7.960   7.174   1.00 19.64 ? 372 ARG A O   1 
ATOM   54   C  CB  . ARG A 1 8   ? -11.681 9.994   4.752   1.00 55.85 ? 372 ARG A CB  1 
ATOM   55   C  CG  . ARG A 1 8   ? -12.440 11.076  4.011   1.00 61.77 ? 372 ARG A CG  1 
ATOM   56   C  CD  . ARG A 1 8   ? -13.942 10.914  4.201   1.00 66.79 ? 372 ARG A CD  1 
ATOM   57   N  NE  . ARG A 1 8   ? -14.689 11.995  3.567   1.00 73.51 ? 372 ARG A NE  1 
ATOM   58   C  CZ  . ARG A 1 8   ? -14.617 13.270  3.934   1.00 80.44 ? 372 ARG A CZ  1 
ATOM   59   N  NH1 . ARG A 1 8   ? -13.827 13.629  4.939   1.00 82.68 ? 372 ARG A NH1 1 
ATOM   60   N  NH2 . ARG A 1 8   ? -15.330 14.189  3.297   1.00 80.03 ? 372 ARG A NH2 1 
ATOM   61   N  N   . LEU A 1 9   ? -10.162 8.466   7.107   1.00 19.93 ? 373 LEU A N   1 
ATOM   62   C  CA  . LEU A 1 9   ? -9.755  7.187   7.673   1.00 19.62 ? 373 LEU A CA  1 
ATOM   63   C  C   . LEU A 1 9   ? -9.730  7.178   9.197   1.00 20.70 ? 373 LEU A C   1 
ATOM   64   O  O   . LEU A 1 9   ? -9.587  6.121   9.813   1.00 22.40 ? 373 LEU A O   1 
ATOM   65   C  CB  . LEU A 1 9   ? -8.378  6.795   7.131   1.00 17.71 ? 373 LEU A CB  1 
ATOM   66   C  CG  . LEU A 1 9   ? -8.329  6.553   5.618   1.00 18.57 ? 373 LEU A CG  1 
ATOM   67   C  CD1 . LEU A 1 9   ? -6.895  6.272   5.184   1.00 15.13 ? 373 LEU A CD1 1 
ATOM   68   C  CD2 . LEU A 1 9   ? -9.237  5.386   5.258   1.00 21.67 ? 373 LEU A CD2 1 
ATOM   69   N  N   . GLY A 1 10  ? -9.869  8.352   9.802   1.00 19.79 ? 374 GLY A N   1 
ATOM   70   C  CA  . GLY A 1 10  ? -9.858  8.438   11.250  1.00 20.50 ? 374 GLY A CA  1 
ATOM   71   C  C   . GLY A 1 10  ? -8.455  8.316   11.806  1.00 22.03 ? 374 GLY A C   1 
ATOM   72   O  O   . GLY A 1 10  ? -8.250  7.754   12.882  1.00 22.38 ? 374 GLY A O   1 
ATOM   73   N  N   . ILE A 1 11  ? -7.481  8.833   11.063  1.00 20.26 ? 375 ILE A N   1 
ATOM   74   C  CA  . ILE A 1 11  ? -6.086  8.791   11.483  1.00 21.49 ? 375 ILE A CA  1 
ATOM   75   C  C   . ILE A 1 11  ? -5.465  10.163  11.255  1.00 20.97 ? 375 ILE A C   1 
ATOM   76   O  O   . ILE A 1 11  ? -5.974  10.961  10.461  1.00 21.24 ? 375 ILE A O   1 
ATOM   77   C  CB  . ILE A 1 11  ? -5.274  7.755   10.661  1.00 22.95 ? 375 ILE A CB  1 
ATOM   78   C  CG1 . ILE A 1 11  ? -5.131  8.237   9.212   1.00 18.51 ? 375 ILE A CG1 1 
ATOM   79   C  CG2 . ILE A 1 11  ? -5.965  6.392   10.697  1.00 16.69 ? 375 ILE A CG2 1 
ATOM   80   C  CD1 . ILE A 1 11  ? -4.365  7.280   8.306   1.00 17.05 ? 375 ILE A CD1 1 
ATOM   81   N  N   . PRO A 1 12  ? -4.361  10.466  11.950  1.00 26.43 ? 376 PRO A N   1 
ATOM   82   C  CA  . PRO A 1 12  ? -3.737  11.774  11.745  1.00 27.81 ? 376 PRO A CA  1 
ATOM   83   C  C   . PRO A 1 12  ? -3.208  11.836  10.310  1.00 26.59 ? 376 PRO A C   1 
ATOM   84   O  O   . PRO A 1 12  ? -2.814  10.809  9.752   1.00 25.56 ? 376 PRO A O   1 
ATOM   85   C  CB  . PRO A 1 12  ? -2.623  11.785  12.787  1.00 42.94 ? 376 PRO A CB  1 
ATOM   86   C  CG  . PRO A 1 12  ? -2.235  10.340  12.875  1.00 44.81 ? 376 PRO A CG  1 
ATOM   87   C  CD  . PRO A 1 12  ? -3.577  9.646   12.890  1.00 41.55 ? 376 PRO A CD  1 
ATOM   88   N  N   . ALA A 1 13  ? -3.221  13.026  9.713   1.00 29.87 ? 377 ALA A N   1 
ATOM   89   C  CA  . ALA A 1 13  ? -2.747  13.194  8.344   1.00 29.42 ? 377 ALA A CA  1 
ATOM   90   C  C   . ALA A 1 13  ? -1.467  12.390  8.151   1.00 25.45 ? 377 ALA A C   1 
ATOM   91   O  O   . ALA A 1 13  ? -0.462  12.641  8.812   1.00 26.73 ? 377 ALA A O   1 
ATOM   92   C  CB  . ALA A 1 13  ? -2.493  14.667  8.053   1.00 30.26 ? 377 ALA A CB  1 
ATOM   93   N  N   . PRO A 1 14  ? -1.493  11.396  7.252   1.00 17.51 ? 378 PRO A N   1 
ATOM   94   C  CA  . PRO A 1 14  ? -0.300  10.578  7.018   1.00 16.47 ? 378 PRO A CA  1 
ATOM   95   C  C   . PRO A 1 14  ? 0.798   11.303  6.242   1.00 16.60 ? 378 PRO A C   1 
ATOM   96   O  O   . PRO A 1 14  ? 0.644   11.598  5.056   1.00 17.66 ? 378 PRO A O   1 
ATOM   97   C  CB  . PRO A 1 14  ? -0.854  9.376   6.260   1.00 16.81 ? 378 PRO A CB  1 
ATOM   98   C  CG  . PRO A 1 14  ? -1.992  9.971   5.483   1.00 15.31 ? 378 PRO A CG  1 
ATOM   99   C  CD  . PRO A 1 14  ? -2.652  10.872  6.506   1.00 17.40 ? 378 PRO A CD  1 
ATOM   100  N  N   . ARG A 1 15  ? 1.907   11.578  6.917   1.00 15.05 ? 379 ARG A N   1 
ATOM   101  C  CA  . ARG A 1 15  ? 3.020   12.270  6.284   1.00 18.10 ? 379 ARG A CA  1 
ATOM   102  C  C   . ARG A 1 15  ? 3.753   11.358  5.297   1.00 17.46 ? 379 ARG A C   1 
ATOM   103  O  O   . ARG A 1 15  ? 4.354   11.832  4.333   1.00 21.23 ? 379 ARG A O   1 
ATOM   104  C  CB  . ARG A 1 15  ? 3.993   12.786  7.343   1.00 35.43 ? 379 ARG A CB  1 
ATOM   105  C  CG  . ARG A 1 15  ? 3.358   13.751  8.335   1.00 42.36 ? 379 ARG A CG  1 
ATOM   106  C  CD  . ARG A 1 15  ? 4.412   14.586  9.034   1.00 47.43 ? 379 ARG A CD  1 
ATOM   107  N  NE  . ARG A 1 15  ? 5.163   15.390  8.074   1.00 57.02 ? 379 ARG A NE  1 
ATOM   108  C  CZ  . ARG A 1 15  ? 6.139   16.232  8.399   1.00 62.13 ? 379 ARG A CZ  1 
ATOM   109  N  NH1 . ARG A 1 15  ? 6.493   16.386  9.668   1.00 56.91 ? 379 ARG A NH1 1 
ATOM   110  N  NH2 . ARG A 1 15  ? 6.761   16.921  7.452   1.00 60.50 ? 379 ARG A NH2 1 
ATOM   111  N  N   . ARG A 1 16  ? 3.714   10.054  5.548   1.00 11.52 ? 380 ARG A N   1 
ATOM   112  C  CA  . ARG A 1 16  ? 4.353   9.091   4.658   1.00 10.21 ? 380 ARG A CA  1 
ATOM   113  C  C   . ARG A 1 16  ? 3.336   8.030   4.266   1.00 10.77 ? 380 ARG A C   1 
ATOM   114  O  O   . ARG A 1 16  ? 2.825   7.295   5.114   1.00 12.44 ? 380 ARG A O   1 
ATOM   115  C  CB  . ARG A 1 16  ? 5.554   8.421   5.340   1.00 13.02 ? 380 ARG A CB  1 
ATOM   116  C  CG  . ARG A 1 16  ? 6.177   7.275   4.517   1.00 10.74 ? 380 ARG A CG  1 
ATOM   117  C  CD  . ARG A 1 16  ? 7.388   6.684   5.228   1.00 10.86 ? 380 ARG A CD  1 
ATOM   118  N  NE  . ARG A 1 16  ? 8.576   7.513   5.051   1.00 12.67 ? 380 ARG A NE  1 
ATOM   119  C  CZ  . ARG A 1 16  ? 9.464   7.334   4.077   1.00 17.86 ? 380 ARG A CZ  1 
ATOM   120  N  NH1 . ARG A 1 16  ? 9.299   6.348   3.199   1.00 15.37 ? 380 ARG A NH1 1 
ATOM   121  N  NH2 . ARG A 1 16  ? 10.505  8.150   3.970   1.00 17.40 ? 380 ARG A NH2 1 
ATOM   122  N  N   . ILE A 1 17  ? 3.034   7.961   2.978   1.00 7.83  ? 381 ILE A N   1 
ATOM   123  C  CA  . ILE A 1 17  ? 2.086   6.977   2.483   1.00 8.80  ? 381 ILE A CA  1 
ATOM   124  C  C   . ILE A 1 17  ? 2.853   6.037   1.567   1.00 10.10 ? 381 ILE A C   1 
ATOM   125  O  O   . ILE A 1 17  ? 3.582   6.484   0.683   1.00 12.26 ? 381 ILE A O   1 
ATOM   126  C  CB  . ILE A 1 17  ? 0.963   7.645   1.659   1.00 10.13 ? 381 ILE A CB  1 
ATOM   127  C  CG1 . ILE A 1 17  ? 0.173   8.628   2.534   1.00 8.78  ? 381 ILE A CG1 1 
ATOM   128  C  CG2 . ILE A 1 17  ? 0.034   6.577   1.078   1.00 12.66 ? 381 ILE A CG2 1 
ATOM   129  C  CD1 . ILE A 1 17  ? -0.798  9.488   1.730   1.00 9.97  ? 381 ILE A CD1 1 
ATOM   130  N  N   . GLU A 1 18  ? 2.713   4.739   1.789   1.00 10.03 ? 382 GLU A N   1 
ATOM   131  C  CA  . GLU A 1 18  ? 3.387   3.776   0.936   1.00 8.73  ? 382 GLU A CA  1 
ATOM   132  C  C   . GLU A 1 18  ? 2.316   2.901   0.310   1.00 8.18  ? 382 GLU A C   1 
ATOM   133  O  O   . GLU A 1 18  ? 1.469   2.338   1.008   1.00 10.44 ? 382 GLU A O   1 
ATOM   134  C  CB  . GLU A 1 18  ? 4.395   2.966   1.747   1.00 11.24 ? 382 GLU A CB  1 
ATOM   135  C  CG  . GLU A 1 18  ? 5.390   3.870   2.465   1.00 10.34 ? 382 GLU A CG  1 
ATOM   136  C  CD  . GLU A 1 18  ? 6.658   3.159   2.888   1.00 14.73 ? 382 GLU A CD  1 
ATOM   137  O  OE1 . GLU A 1 18  ? 6.634   1.919   3.046   1.00 13.34 ? 382 GLU A OE1 1 
ATOM   138  O  OE2 . GLU A 1 18  ? 7.681   3.850   3.074   1.00 16.46 ? 382 GLU A OE2 1 
ATOM   139  N  N   . ALA A 1 19  ? 2.342   2.815   -1.014  1.00 5.97  ? 383 ALA A N   1 
ATOM   140  C  CA  . ALA A 1 19  ? 1.339   2.048   -1.746  1.00 5.27  ? 383 ALA A CA  1 
ATOM   141  C  C   . ALA A 1 19  ? 1.942   0.913   -2.572  1.00 7.20  ? 383 ALA A C   1 
ATOM   142  O  O   . ALA A 1 19  ? 2.916   1.110   -3.302  1.00 8.04  ? 383 ALA A O   1 
ATOM   143  C  CB  . ALA A 1 19  ? 0.546   2.987   -2.644  1.00 4.80  ? 383 ALA A CB  1 
ATOM   144  N  N   . PHE A 1 20  ? 1.352   -0.271  -2.446  1.00 7.18  ? 384 PHE A N   1 
ATOM   145  C  CA  . PHE A 1 20  ? 1.806   -1.458  -3.172  1.00 6.99  ? 384 PHE A CA  1 
ATOM   146  C  C   . PHE A 1 20  ? 0.839   -1.802  -4.301  1.00 10.96 ? 384 PHE A C   1 
ATOM   147  O  O   . PHE A 1 20  ? -0.375  -1.831  -4.103  1.00 10.71 ? 384 PHE A O   1 
ATOM   148  C  CB  . PHE A 1 20  ? 1.888   -2.659  -2.226  1.00 12.27 ? 384 PHE A CB  1 
ATOM   149  C  CG  . PHE A 1 20  ? 2.954   -2.544  -1.176  1.00 11.90 ? 384 PHE A CG  1 
ATOM   150  C  CD1 . PHE A 1 20  ? 4.238   -3.027  -1.415  1.00 15.77 ? 384 PHE A CD1 1 
ATOM   151  C  CD2 . PHE A 1 20  ? 2.667   -1.989  0.063   1.00 11.12 ? 384 PHE A CD2 1 
ATOM   152  C  CE1 . PHE A 1 20  ? 5.224   -2.964  -0.429  1.00 13.27 ? 384 PHE A CE1 1 
ATOM   153  C  CE2 . PHE A 1 20  ? 3.645   -1.917  1.060   1.00 11.67 ? 384 PHE A CE2 1 
ATOM   154  C  CZ  . PHE A 1 20  ? 4.928   -2.408  0.811   1.00 15.90 ? 384 PHE A CZ  1 
ATOM   155  N  N   . ASP A 1 21  ? 1.377   -2.055  -5.489  1.00 9.97  ? 385 ASP A N   1 
ATOM   156  C  CA  . ASP A 1 21  ? 0.545   -2.431  -6.621  1.00 9.68  ? 385 ASP A CA  1 
ATOM   157  C  C   . ASP A 1 21  ? 1.044   -3.792  -7.102  1.00 11.43 ? 385 ASP A C   1 
ATOM   158  O  O   . ASP A 1 21  ? 2.201   -3.927  -7.488  1.00 10.63 ? 385 ASP A O   1 
ATOM   159  C  CB  . ASP A 1 21  ? 0.675   -1.426  -7.761  1.00 14.18 ? 385 ASP A CB  1 
ATOM   160  C  CG  . ASP A 1 21  ? -0.204  -1.789  -8.942  1.00 24.75 ? 385 ASP A CG  1 
ATOM   161  O  OD1 . ASP A 1 21  ? -1.343  -1.284  -9.017  1.00 26.25 ? 385 ASP A OD1 1 
ATOM   162  O  OD2 . ASP A 1 21  ? 0.236   -2.598  -9.782  1.00 31.26 ? 385 ASP A OD2 1 
ATOM   163  N  N   . ASN A 1 22  ? 0.169   -4.792  -7.073  1.00 17.76 ? 386 ASN A N   1 
ATOM   164  C  CA  . ASN A 1 22  ? 0.540   -6.138  -7.489  1.00 19.07 ? 386 ASN A CA  1 
ATOM   165  C  C   . ASN A 1 22  ? -0.123  -6.552  -8.804  1.00 20.80 ? 386 ASN A C   1 
ATOM   166  O  O   . ASN A 1 22  ? -0.347  -7.735  -9.056  1.00 21.80 ? 386 ASN A O   1 
ATOM   167  C  CB  . ASN A 1 22  ? 0.192   -7.133  -6.371  1.00 16.50 ? 386 ASN A CB  1 
ATOM   168  C  CG  . ASN A 1 22  ? 1.234   -7.152  -5.252  1.00 21.76 ? 386 ASN A CG  1 
ATOM   169  O  OD1 . ASN A 1 22  ? 1.898   -6.149  -4.980  1.00 23.88 ? 386 ASN A OD1 1 
ATOM   170  N  ND2 . ASN A 1 22  ? 1.371   -8.299  -4.591  1.00 28.71 ? 386 ASN A ND2 1 
ATOM   171  N  N   . SER A 1 23  ? -0.413  -5.570  -9.649  1.00 18.15 ? 387 SER A N   1 
ATOM   172  C  CA  . SER A 1 23  ? -1.040  -5.834  -10.938 1.00 22.96 ? 387 SER A CA  1 
ATOM   173  C  C   . SER A 1 23  ? -0.187  -6.727  -11.831 1.00 21.89 ? 387 SER A C   1 
ATOM   174  O  O   . SER A 1 23  ? -0.716  -7.430  -12.693 1.00 19.97 ? 387 SER A O   1 
ATOM   175  C  CB  . SER A 1 23  ? -1.308  -4.520  -11.678 1.00 28.09 ? 387 SER A CB  1 
ATOM   176  O  OG  . SER A 1 23  ? -2.203  -3.697  -10.959 1.00 40.01 ? 387 SER A OG  1 
ATOM   177  N  N   . ASN A 1 24  ? 1.128   -6.706  -11.621 1.00 13.97 ? 388 ASN A N   1 
ATOM   178  C  CA  . ASN A 1 24  ? 2.044   -7.483  -12.454 1.00 14.49 ? 388 ASN A CA  1 
ATOM   179  C  C   . ASN A 1 24  ? 2.712   -8.710  -11.829 1.00 13.72 ? 388 ASN A C   1 
ATOM   180  O  O   . ASN A 1 24  ? 3.791   -9.110  -12.272 1.00 15.68 ? 388 ASN A O   1 
ATOM   181  C  CB  . ASN A 1 24  ? 3.135   -6.560  -12.996 1.00 29.65 ? 388 ASN A CB  1 
ATOM   182  C  CG  . ASN A 1 24  ? 2.594   -5.524  -13.962 1.00 38.25 ? 388 ASN A CG  1 
ATOM   183  O  OD1 . ASN A 1 24  ? 3.267   -4.546  -14.280 1.00 42.11 ? 388 ASN A OD1 1 
ATOM   184  N  ND2 . ASN A 1 24  ? 1.376   -5.740  -14.441 1.00 36.72 ? 388 ASN A ND2 1 
ATOM   185  N  N   . ILE A 1 25  ? 2.083   -9.317  -10.829 1.00 13.14 ? 389 ILE A N   1 
ATOM   186  C  CA  . ILE A 1 25  ? 2.682   -10.490 -10.199 1.00 20.55 ? 389 ILE A CA  1 
ATOM   187  C  C   . ILE A 1 25  ? 2.413   -11.790 -10.954 1.00 22.10 ? 389 ILE A C   1 
ATOM   188  O  O   . ILE A 1 25  ? 2.897   -12.848 -10.558 1.00 23.47 ? 389 ILE A O   1 
ATOM   189  C  CB  . ILE A 1 25  ? 2.192   -10.670 -8.745  1.00 18.76 ? 389 ILE A CB  1 
ATOM   190  C  CG1 . ILE A 1 25  ? 0.681   -10.903 -8.724  1.00 26.66 ? 389 ILE A CG1 1 
ATOM   191  C  CG2 . ILE A 1 25  ? 2.572   -9.448  -7.915  1.00 29.49 ? 389 ILE A CG2 1 
ATOM   192  C  CD1 . ILE A 1 25  ? 0.125   -11.172 -7.338  1.00 24.13 ? 389 ILE A CD1 1 
ATOM   193  N  N   . TYR A 1 26  ? 1.649   -11.719 -12.040 1.00 25.99 ? 390 TYR A N   1 
ATOM   194  C  CA  . TYR A 1 26  ? 1.335   -12.921 -12.813 1.00 31.96 ? 390 TYR A CA  1 
ATOM   195  C  C   . TYR A 1 26  ? 2.093   -12.990 -14.139 1.00 36.49 ? 390 TYR A C   1 
ATOM   196  O  O   . TYR A 1 26  ? 2.089   -14.021 -14.811 1.00 39.92 ? 390 TYR A O   1 
ATOM   197  C  CB  . TYR A 1 26  ? -0.169  -12.983 -13.088 1.00 40.96 ? 390 TYR A CB  1 
ATOM   198  C  CG  . TYR A 1 26  ? -1.014  -12.797 -11.850 1.00 43.35 ? 390 TYR A CG  1 
ATOM   199  C  CD1 . TYR A 1 26  ? -1.111  -13.801 -10.886 1.00 39.40 ? 390 TYR A CD1 1 
ATOM   200  C  CD2 . TYR A 1 26  ? -1.701  -11.603 -11.631 1.00 44.96 ? 390 TYR A CD2 1 
ATOM   201  C  CE1 . TYR A 1 26  ? -1.876  -13.618 -9.730  1.00 37.63 ? 390 TYR A CE1 1 
ATOM   202  C  CE2 . TYR A 1 26  ? -2.462  -11.410 -10.484 1.00 50.93 ? 390 TYR A CE2 1 
ATOM   203  C  CZ  . TYR A 1 26  ? -2.545  -12.419 -9.539  1.00 46.65 ? 390 TYR A CZ  1 
ATOM   204  O  OH  . TYR A 1 26  ? -3.291  -12.217 -8.399  1.00 53.17 ? 390 TYR A OH  1 
ATOM   205  N  N   . GLY A 1 27  ? 2.746   -11.894 -14.510 1.00 46.75 ? 391 GLY A N   1 
ATOM   206  C  CA  . GLY A 1 27  ? 3.484   -11.867 -15.760 1.00 48.48 ? 391 GLY A CA  1 
ATOM   207  C  C   . GLY A 1 27  ? 4.711   -12.759 -15.780 1.00 48.77 ? 391 GLY A C   1 
ATOM   208  O  O   . GLY A 1 27  ? 5.009   -13.447 -14.803 1.00 50.77 ? 391 GLY A O   1 
ATOM   209  N  N   . ALA A 1 28  ? 5.424   -12.747 -16.903 1.00 41.45 ? 392 ALA A N   1 
ATOM   210  C  CA  . ALA A 1 28  ? 6.632   -13.547 -17.059 1.00 40.72 ? 392 ALA A CA  1 
ATOM   211  C  C   . ALA A 1 28  ? 7.680   -13.107 -16.037 1.00 39.77 ? 392 ALA A C   1 
ATOM   212  O  O   . ALA A 1 28  ? 8.545   -13.888 -15.640 1.00 40.69 ? 392 ALA A O   1 
ATOM   213  C  CB  . ALA A 1 28  ? 7.180   -13.394 -18.473 1.00 52.06 ? 392 ALA A CB  1 
ATOM   214  N  N   . ASP A 1 29  ? 7.595   -11.846 -15.623 1.00 26.91 ? 393 ASP A N   1 
ATOM   215  C  CA  . ASP A 1 29  ? 8.518   -11.289 -14.637 1.00 26.41 ? 393 ASP A CA  1 
ATOM   216  C  C   . ASP A 1 29  ? 7.659   -10.719 -13.511 1.00 21.27 ? 393 ASP A C   1 
ATOM   217  O  O   . ASP A 1 29  ? 7.410   -9.514  -13.454 1.00 22.04 ? 393 ASP A O   1 
ATOM   218  C  CB  . ASP A 1 29  ? 9.373   -10.189 -15.272 1.00 49.64 ? 393 ASP A CB  1 
ATOM   219  C  CG  . ASP A 1 29  ? 10.498  -9.725  -14.364 1.00 55.34 ? 393 ASP A CG  1 
ATOM   220  O  OD1 . ASP A 1 29  ? 11.294  -10.581 -13.919 1.00 66.55 ? 393 ASP A OD1 1 
ATOM   221  O  OD2 . ASP A 1 29  ? 10.590  -8.508  -14.100 1.00 59.48 ? 393 ASP A OD2 1 
ATOM   222  N  N   . PRO A 1 30  ? 7.187   -11.592 -12.608 1.00 19.53 ? 394 PRO A N   1 
ATOM   223  C  CA  . PRO A 1 30  ? 6.340   -11.232 -11.464 1.00 16.33 ? 394 PRO A CA  1 
ATOM   224  C  C   . PRO A 1 30  ? 6.958   -10.099 -10.656 1.00 14.31 ? 394 PRO A C   1 
ATOM   225  O  O   . PRO A 1 30  ? 8.080   -10.225 -10.173 1.00 12.40 ? 394 PRO A O   1 
ATOM   226  C  CB  . PRO A 1 30  ? 6.263   -12.534 -10.662 1.00 20.68 ? 394 PRO A CB  1 
ATOM   227  C  CG  . PRO A 1 30  ? 6.473   -13.599 -11.704 1.00 23.22 ? 394 PRO A CG  1 
ATOM   228  C  CD  . PRO A 1 30  ? 7.572   -13.014 -12.543 1.00 25.77 ? 394 PRO A CD  1 
ATOM   229  N  N   . VAL A 1 31  ? 6.223   -9.001  -10.501 1.00 13.18 ? 395 VAL A N   1 
ATOM   230  C  CA  . VAL A 1 31  ? 6.742   -7.856  -9.759  1.00 13.57 ? 395 VAL A CA  1 
ATOM   231  C  C   . VAL A 1 31  ? 5.686   -7.101  -8.964  1.00 13.65 ? 395 VAL A C   1 
ATOM   232  O  O   . VAL A 1 31  ? 4.540   -6.972  -9.399  1.00 12.91 ? 395 VAL A O   1 
ATOM   233  C  CB  . VAL A 1 31  ? 7.418   -6.845  -10.719 1.00 22.13 ? 395 VAL A CB  1 
ATOM   234  C  CG1 . VAL A 1 31  ? 7.759   -5.561  -9.977  1.00 30.33 ? 395 VAL A CG1 1 
ATOM   235  C  CG2 . VAL A 1 31  ? 8.671   -7.451  -11.311 1.00 26.52 ? 395 VAL A CG2 1 
ATOM   236  N  N   . SER A 1 32  ? 6.086   -6.610  -7.791  1.00 9.92  ? 396 SER A N   1 
ATOM   237  C  CA  . SER A 1 32  ? 5.216   -5.805  -6.936  1.00 9.86  ? 396 SER A CA  1 
ATOM   238  C  C   . SER A 1 32  ? 5.836   -4.412  -6.961  1.00 9.63  ? 396 SER A C   1 
ATOM   239  O  O   . SER A 1 32  ? 7.042   -4.271  -6.743  1.00 10.44 ? 396 SER A O   1 
ATOM   240  C  CB  . SER A 1 32  ? 5.217   -6.325  -5.497  1.00 8.88  ? 396 SER A CB  1 
ATOM   241  O  OG  . SER A 1 32  ? 4.360   -5.538  -4.679  1.00 12.16 ? 396 SER A OG  1 
ATOM   242  N  N   . ALA A 1 33  ? 5.031   -3.389  -7.235  1.00 8.89  ? 397 ALA A N   1 
ATOM   243  C  CA  . ALA A 1 33  ? 5.550   -2.025  -7.290  1.00 9.18  ? 397 ALA A CA  1 
ATOM   244  C  C   . ALA A 1 33  ? 5.204   -1.252  -6.028  1.00 10.83 ? 397 ALA A C   1 
ATOM   245  O  O   . ALA A 1 33  ? 4.081   -1.329  -5.533  1.00 11.74 ? 397 ALA A O   1 
ATOM   246  C  CB  . ALA A 1 33  ? 4.993   -1.293  -8.507  1.00 10.78 ? 397 ALA A CB  1 
ATOM   247  N  N   . LEU A 1 34  ? 6.176   -0.502  -5.522  1.00 6.99  ? 398 LEU A N   1 
ATOM   248  C  CA  . LEU A 1 34  ? 5.977   0.304   -4.323  1.00 6.53  ? 398 LEU A CA  1 
ATOM   249  C  C   . LEU A 1 34  ? 6.242   1.770   -4.614  1.00 8.73  ? 398 LEU A C   1 
ATOM   250  O  O   . LEU A 1 34  ? 7.315   2.120   -5.115  1.00 7.45  ? 398 LEU A O   1 
ATOM   251  C  CB  . LEU A 1 34  ? 6.928   -0.125  -3.205  1.00 13.11 ? 398 LEU A CB  1 
ATOM   252  C  CG  . LEU A 1 34  ? 6.868   0.907   -2.074  1.00 19.29 ? 398 LEU A CG  1 
ATOM   253  C  CD1 . LEU A 1 34  ? 5.861   0.449   -1.028  1.00 17.95 ? 398 LEU A CD1 1 
ATOM   254  C  CD2 . LEU A 1 34  ? 8.235   1.115   -1.473  1.00 18.19 ? 398 LEU A CD2 1 
ATOM   255  N  N   . VAL A 1 35  ? 5.270   2.624   -4.309  1.00 7.86  ? 399 VAL A N   1 
ATOM   256  C  CA  . VAL A 1 35  ? 5.445   4.057   -4.499  1.00 9.54  ? 399 VAL A CA  1 
ATOM   257  C  C   . VAL A 1 35  ? 5.304   4.693   -3.128  1.00 10.99 ? 399 VAL A C   1 
ATOM   258  O  O   . VAL A 1 35  ? 4.585   4.177   -2.269  1.00 10.46 ? 399 VAL A O   1 
ATOM   259  C  CB  . VAL A 1 35  ? 4.403   4.665   -5.477  1.00 13.75 ? 399 VAL A CB  1 
ATOM   260  C  CG1 . VAL A 1 35  ? 4.635   4.121   -6.893  1.00 11.77 ? 399 VAL A CG1 1 
ATOM   261  C  CG2 . VAL A 1 35  ? 2.996   4.367   -4.997  1.00 19.09 ? 399 VAL A CG2 1 
ATOM   262  N  N   . VAL A 1 36  ? 6.015   5.797   -2.922  1.00 9.63  ? 400 VAL A N   1 
ATOM   263  C  CA  . VAL A 1 36  ? 5.998   6.506   -1.650  1.00 9.97  ? 400 VAL A CA  1 
ATOM   264  C  C   . VAL A 1 36  ? 5.627   7.970   -1.857  1.00 9.55  ? 400 VAL A C   1 
ATOM   265  O  O   . VAL A 1 36  ? 6.140   8.624   -2.767  1.00 9.33  ? 400 VAL A O   1 
ATOM   266  C  CB  . VAL A 1 36  ? 7.399   6.450   -0.967  1.00 7.33  ? 400 VAL A CB  1 
ATOM   267  C  CG1 . VAL A 1 36  ? 7.380   7.241   0.333   1.00 11.48 ? 400 VAL A CG1 1 
ATOM   268  C  CG2 . VAL A 1 36  ? 7.808   4.992   -0.705  1.00 7.30  ? 400 VAL A CG2 1 
ATOM   269  N  N   . PHE A 1 37  ? 4.716   8.470   -1.024  1.00 8.44  ? 401 PHE A N   1 
ATOM   270  C  CA  . PHE A 1 37  ? 4.305   9.872   -1.076  1.00 7.72  ? 401 PHE A CA  1 
ATOM   271  C  C   . PHE A 1 37  ? 4.598   10.478  0.285   1.00 7.65  ? 401 PHE A C   1 
ATOM   272  O  O   . PHE A 1 37  ? 4.184   9.944   1.319   1.00 9.17  ? 401 PHE A O   1 
ATOM   273  C  CB  . PHE A 1 37  ? 2.810   10.006  -1.390  1.00 10.51 ? 401 PHE A CB  1 
ATOM   274  C  CG  . PHE A 1 37  ? 2.502   10.145  -2.855  1.00 12.60 ? 401 PHE A CG  1 
ATOM   275  C  CD1 . PHE A 1 37  ? 2.985   9.219   -3.779  1.00 8.20  ? 401 PHE A CD1 1 
ATOM   276  C  CD2 . PHE A 1 37  ? 1.699   11.189  -3.312  1.00 12.63 ? 401 PHE A CD2 1 
ATOM   277  C  CE1 . PHE A 1 37  ? 2.670   9.330   -5.132  1.00 10.88 ? 401 PHE A CE1 1 
ATOM   278  C  CE2 . PHE A 1 37  ? 1.377   11.305  -4.663  1.00 14.00 ? 401 PHE A CE2 1 
ATOM   279  C  CZ  . PHE A 1 37  ? 1.862   10.377  -5.572  1.00 11.27 ? 401 PHE A CZ  1 
ATOM   280  N  N   . LEU A 1 38  ? 5.338   11.583  0.282   1.00 10.39 ? 402 LEU A N   1 
ATOM   281  C  CA  . LEU A 1 38  ? 5.699   12.272  1.514   1.00 14.91 ? 402 LEU A CA  1 
ATOM   282  C  C   . LEU A 1 38  ? 5.009   13.632  1.515   1.00 17.52 ? 402 LEU A C   1 
ATOM   283  O  O   . LEU A 1 38  ? 5.120   14.395  0.549   1.00 16.56 ? 402 LEU A O   1 
ATOM   284  C  CB  . LEU A 1 38  ? 7.221   12.432  1.602   1.00 16.24 ? 402 LEU A CB  1 
ATOM   285  C  CG  . LEU A 1 38  ? 8.024   11.121  1.615   1.00 18.92 ? 402 LEU A CG  1 
ATOM   286  C  CD1 . LEU A 1 38  ? 9.521   11.430  1.695   1.00 20.10 ? 402 LEU A CD1 1 
ATOM   287  C  CD2 . LEU A 1 38  ? 7.598   10.263  2.805   1.00 16.45 ? 402 LEU A CD2 1 
ATOM   288  N  N   . ASP A 1 39  ? 4.290   13.924  2.593   1.00 20.90 ? 403 ASP A N   1 
ATOM   289  C  CA  . ASP A 1 39  ? 3.556   15.179  2.699   1.00 24.62 ? 403 ASP A CA  1 
ATOM   290  C  C   . ASP A 1 39  ? 2.692   15.376  1.458   1.00 24.62 ? 403 ASP A C   1 
ATOM   291  O  O   . ASP A 1 39  ? 2.630   16.467  0.894   1.00 26.21 ? 403 ASP A O   1 
ATOM   292  C  CB  . ASP A 1 39  ? 4.522   16.352  2.866   1.00 37.49 ? 403 ASP A CB  1 
ATOM   293  C  CG  . ASP A 1 39  ? 5.361   16.236  4.121   1.00 44.47 ? 403 ASP A CG  1 
ATOM   294  O  OD1 . ASP A 1 39  ? 4.774   16.076  5.213   1.00 48.76 ? 403 ASP A OD1 1 
ATOM   295  O  OD2 . ASP A 1 39  ? 6.604   16.305  4.019   1.00 48.83 ? 403 ASP A OD2 1 
ATOM   296  N  N   . GLY A 1 40  ? 2.040   14.299  1.031   1.00 19.44 ? 404 GLY A N   1 
ATOM   297  C  CA  . GLY A 1 40  ? 1.168   14.354  -0.129  1.00 18.07 ? 404 GLY A CA  1 
ATOM   298  C  C   . GLY A 1 40  ? 1.848   14.490  -1.480  1.00 18.85 ? 404 GLY A C   1 
ATOM   299  O  O   . GLY A 1 40  ? 1.172   14.649  -2.494  1.00 19.85 ? 404 GLY A O   1 
ATOM   300  N  N   . LYS A 1 41  ? 3.175   14.414  -1.509  1.00 15.63 ? 405 LYS A N   1 
ATOM   301  C  CA  . LYS A 1 41  ? 3.919   14.559  -2.762  1.00 15.26 ? 405 LYS A CA  1 
ATOM   302  C  C   . LYS A 1 41  ? 4.779   13.325  -3.058  1.00 12.66 ? 405 LYS A C   1 
ATOM   303  O  O   . LYS A 1 41  ? 5.267   12.672  -2.144  1.00 12.53 ? 405 LYS A O   1 
ATOM   304  C  CB  . LYS A 1 41  ? 4.835   15.785  -2.686  1.00 20.57 ? 405 LYS A CB  1 
ATOM   305  C  CG  . LYS A 1 41  ? 4.123   17.104  -2.436  1.00 29.91 ? 405 LYS A CG  1 
ATOM   306  C  CD  . LYS A 1 41  ? 3.231   17.475  -3.606  1.00 38.07 ? 405 LYS A CD  1 
ATOM   307  C  CE  . LYS A 1 41  ? 2.607   18.849  -3.412  1.00 42.05 ? 405 LYS A CE  1 
ATOM   308  N  NZ  . LYS A 1 41  ? 1.717   19.203  -4.553  1.00 46.11 ? 405 LYS A NZ  1 
ATOM   309  N  N   . PRO A 1 42  ? 4.984   13.008  -4.347  1.00 12.65 ? 406 PRO A N   1 
ATOM   310  C  CA  . PRO A 1 42  ? 5.795   11.850  -4.744  1.00 12.62 ? 406 PRO A CA  1 
ATOM   311  C  C   . PRO A 1 42  ? 7.217   11.938  -4.194  1.00 14.45 ? 406 PRO A C   1 
ATOM   312  O  O   . PRO A 1 42  ? 7.818   13.015  -4.168  1.00 13.71 ? 406 PRO A O   1 
ATOM   313  C  CB  . PRO A 1 42  ? 5.788   11.922  -6.270  1.00 15.15 ? 406 PRO A CB  1 
ATOM   314  C  CG  . PRO A 1 42  ? 4.487   12.609  -6.580  1.00 17.72 ? 406 PRO A CG  1 
ATOM   315  C  CD  . PRO A 1 42  ? 4.433   13.695  -5.530  1.00 14.88 ? 406 PRO A CD  1 
ATOM   316  N  N   . ALA A 1 43  ? 7.736   10.805  -3.735  1.00 10.80 ? 407 ALA A N   1 
ATOM   317  C  CA  . ALA A 1 43  ? 9.099   10.716  -3.217  1.00 9.89  ? 407 ALA A CA  1 
ATOM   318  C  C   . ALA A 1 43  ? 9.715   9.673   -4.140  1.00 9.51  ? 407 ALA A C   1 
ATOM   319  O  O   . ALA A 1 43  ? 10.019  8.552   -3.727  1.00 9.21  ? 407 ALA A O   1 
ATOM   320  C  CB  . ALA A 1 43  ? 9.088   10.224  -1.783  1.00 14.38 ? 407 ALA A CB  1 
ATOM   321  N  N   . LYS A 1 44  ? 9.885   10.066  -5.399  1.00 10.05 ? 408 LYS A N   1 
ATOM   322  C  CA  . LYS A 1 44  ? 10.387  9.184   -6.449  1.00 8.90  ? 408 LYS A CA  1 
ATOM   323  C  C   . LYS A 1 44  ? 11.670  8.405   -6.190  1.00 7.20  ? 408 LYS A C   1 
ATOM   324  O  O   . LYS A 1 44  ? 11.826  7.303   -6.706  1.00 7.09  ? 408 LYS A O   1 
ATOM   325  C  CB  . LYS A 1 44  ? 10.505  9.975   -7.756  1.00 10.67 ? 408 LYS A CB  1 
ATOM   326  C  CG  . LYS A 1 44  ? 9.171   10.593  -8.160  1.00 15.15 ? 408 LYS A CG  1 
ATOM   327  C  CD  . LYS A 1 44  ? 9.261   11.420  -9.430  1.00 20.04 ? 408 LYS A CD  1 
ATOM   328  C  CE  . LYS A 1 44  ? 7.934   12.137  -9.677  1.00 22.39 ? 408 LYS A CE  1 
ATOM   329  N  NZ  . LYS A 1 44  ? 7.957   12.951  -10.920 1.00 26.05 ? 408 LYS A NZ  1 
ATOM   330  N  N   . LYS A 1 45  ? 12.583  8.958   -5.406  1.00 7.31  ? 409 LYS A N   1 
ATOM   331  C  CA  . LYS A 1 45  ? 13.824  8.244   -5.126  1.00 10.06 ? 409 LYS A CA  1 
ATOM   332  C  C   . LYS A 1 45  ? 13.569  7.010   -4.264  1.00 10.32 ? 409 LYS A C   1 
ATOM   333  O  O   . LYS A 1 45  ? 14.412  6.112   -4.193  1.00 9.95  ? 409 LYS A O   1 
ATOM   334  C  CB  . LYS A 1 45  ? 14.818  9.150   -4.401  1.00 19.97 ? 409 LYS A CB  1 
ATOM   335  C  CG  . LYS A 1 45  ? 14.398  9.504   -2.985  1.00 27.80 ? 409 LYS A CG  1 
ATOM   336  C  CD  . LYS A 1 45  ? 15.499  10.252  -2.240  1.00 39.61 ? 409 LYS A CD  1 
ATOM   337  C  CE  . LYS A 1 45  ? 16.717  9.369   -2.000  1.00 51.17 ? 409 LYS A CE  1 
ATOM   338  N  NZ  . LYS A 1 45  ? 17.780  10.082  -1.237  1.00 50.80 ? 409 LYS A NZ  1 
ATOM   339  N  N   . GLU A 1 46  ? 12.415  6.967   -3.604  1.00 8.68  ? 410 GLU A N   1 
ATOM   340  C  CA  . GLU A 1 46  ? 12.094  5.837   -2.740  1.00 10.76 ? 410 GLU A CA  1 
ATOM   341  C  C   . GLU A 1 46  ? 11.254  4.735   -3.385  1.00 9.23  ? 410 GLU A C   1 
ATOM   342  O  O   . GLU A 1 46  ? 10.979  3.714   -2.746  1.00 10.43 ? 410 GLU A O   1 
ATOM   343  C  CB  . GLU A 1 46  ? 11.394  6.335   -1.470  1.00 10.08 ? 410 GLU A CB  1 
ATOM   344  C  CG  . GLU A 1 46  ? 12.252  7.289   -0.651  1.00 11.49 ? 410 GLU A CG  1 
ATOM   345  C  CD  . GLU A 1 46  ? 11.766  7.438   0.774   1.00 25.21 ? 410 GLU A CD  1 
ATOM   346  O  OE1 . GLU A 1 46  ? 11.493  6.403   1.419   1.00 24.07 ? 410 GLU A OE1 1 
ATOM   347  O  OE2 . GLU A 1 46  ? 11.669  8.585   1.253   1.00 23.22 ? 410 GLU A OE2 1 
ATOM   348  N  N   . TYR A 1 47  ? 10.831  4.938   -4.631  1.00 6.56  ? 411 TYR A N   1 
ATOM   349  C  CA  . TYR A 1 47  ? 10.029  3.931   -5.328  1.00 4.43  ? 411 TYR A CA  1 
ATOM   350  C  C   . TYR A 1 47  ? 10.871  2.678   -5.485  1.00 4.52  ? 411 TYR A C   1 
ATOM   351  O  O   . TYR A 1 47  ? 12.075  2.762   -5.748  1.00 7.25  ? 411 TYR A O   1 
ATOM   352  C  CB  . TYR A 1 47  ? 9.618   4.410   -6.723  1.00 9.49  ? 411 TYR A CB  1 
ATOM   353  C  CG  . TYR A 1 47  ? 8.619   5.554   -6.761  1.00 6.65  ? 411 TYR A CG  1 
ATOM   354  C  CD1 . TYR A 1 47  ? 8.217   6.208   -5.595  1.00 8.20  ? 411 TYR A CD1 1 
ATOM   355  C  CD2 . TYR A 1 47  ? 8.094   5.995   -7.978  1.00 9.57  ? 411 TYR A CD2 1 
ATOM   356  C  CE1 . TYR A 1 47  ? 7.313   7.279   -5.643  1.00 8.03  ? 411 TYR A CE1 1 
ATOM   357  C  CE2 . TYR A 1 47  ? 7.195   7.064   -8.039  1.00 12.79 ? 411 TYR A CE2 1 
ATOM   358  C  CZ  . TYR A 1 47  ? 6.811   7.702   -6.870  1.00 11.78 ? 411 TYR A CZ  1 
ATOM   359  O  OH  . TYR A 1 47  ? 5.939   8.767   -6.934  1.00 15.45 ? 411 TYR A OH  1 
ATOM   360  N  N   . ARG A 1 48  ? 10.237  1.518   -5.353  1.00 8.75  ? 412 ARG A N   1 
ATOM   361  C  CA  . ARG A 1 48  ? 10.960  0.259   -5.488  1.00 8.13  ? 412 ARG A CA  1 
ATOM   362  C  C   . ARG A 1 48  ? 10.183  -0.807  -6.241  1.00 8.57  ? 412 ARG A C   1 
ATOM   363  O  O   . ARG A 1 48  ? 8.966   -0.914  -6.130  1.00 9.83  ? 412 ARG A O   1 
ATOM   364  C  CB  . ARG A 1 48  ? 11.333  -0.298  -4.110  1.00 5.39  ? 412 ARG A CB  1 
ATOM   365  C  CG  . ARG A 1 48  ? 12.330  0.543   -3.326  1.00 5.82  ? 412 ARG A CG  1 
ATOM   366  C  CD  . ARG A 1 48  ? 13.740  0.462   -3.920  1.00 9.21  ? 412 ARG A CD  1 
ATOM   367  N  NE  . ARG A 1 48  ? 14.702  1.153   -3.063  1.00 5.92  ? 412 ARG A NE  1 
ATOM   368  C  CZ  . ARG A 1 48  ? 14.899  2.468   -3.066  1.00 11.89 ? 412 ARG A CZ  1 
ATOM   369  N  NH1 . ARG A 1 48  ? 14.212  3.245   -3.894  1.00 10.02 ? 412 ARG A NH1 1 
ATOM   370  N  NH2 . ARG A 1 48  ? 15.762  3.009   -2.215  1.00 5.99  ? 412 ARG A NH2 1 
ATOM   371  N  N   . LYS A 1 49  ? 10.921  -1.584  -7.022  1.00 8.38  ? 413 LYS A N   1 
ATOM   372  C  CA  . LYS A 1 49  ? 10.364  -2.694  -7.776  1.00 8.63  ? 413 LYS A CA  1 
ATOM   373  C  C   . LYS A 1 49  ? 10.777  -3.927  -6.982  1.00 9.51  ? 413 LYS A C   1 
ATOM   374  O  O   . LYS A 1 49  ? 11.966  -4.158  -6.770  1.00 8.80  ? 413 LYS A O   1 
ATOM   375  C  CB  . LYS A 1 49  ? 10.987  -2.741  -9.174  1.00 17.68 ? 413 LYS A CB  1 
ATOM   376  C  CG  . LYS A 1 49  ? 10.822  -4.066  -9.902  1.00 23.69 ? 413 LYS A CG  1 
ATOM   377  C  CD  . LYS A 1 49  ? 11.666  -4.085  -11.174 1.00 31.15 ? 413 LYS A CD  1 
ATOM   378  C  CE  . LYS A 1 49  ? 11.724  -5.471  -11.795 1.00 37.84 ? 413 LYS A CE  1 
ATOM   379  N  NZ  . LYS A 1 49  ? 12.650  -5.511  -12.965 1.00 39.11 ? 413 LYS A NZ  1 
ATOM   380  N  N   . TYR A 1 50  ? 9.802   -4.695  -6.515  1.00 7.72  ? 414 TYR A N   1 
ATOM   381  C  CA  . TYR A 1 50  ? 10.097  -5.901  -5.758  1.00 7.84  ? 414 TYR A CA  1 
ATOM   382  C  C   . TYR A 1 50  ? 9.756   -7.112  -6.619  1.00 9.71  ? 414 TYR A C   1 
ATOM   383  O  O   . TYR A 1 50  ? 8.584   -7.407  -6.845  1.00 9.08  ? 414 TYR A O   1 
ATOM   384  C  CB  . TYR A 1 50  ? 9.275   -5.930  -4.471  1.00 10.57 ? 414 TYR A CB  1 
ATOM   385  C  CG  . TYR A 1 50  ? 9.717   -4.925  -3.430  1.00 9.58  ? 414 TYR A CG  1 
ATOM   386  C  CD1 . TYR A 1 50  ? 10.935  -5.080  -2.762  1.00 10.51 ? 414 TYR A CD1 1 
ATOM   387  C  CD2 . TYR A 1 50  ? 8.919   -3.828  -3.103  1.00 8.80  ? 414 TYR A CD2 1 
ATOM   388  C  CE1 . TYR A 1 50  ? 11.349  -4.162  -1.789  1.00 9.95  ? 414 TYR A CE1 1 
ATOM   389  C  CE2 . TYR A 1 50  ? 9.322   -2.907  -2.134  1.00 8.66  ? 414 TYR A CE2 1 
ATOM   390  C  CZ  . TYR A 1 50  ? 10.540  -3.083  -1.482  1.00 11.26 ? 414 TYR A CZ  1 
ATOM   391  O  OH  . TYR A 1 50  ? 10.942  -2.191  -0.516  1.00 10.26 ? 414 TYR A OH  1 
ATOM   392  N  N   . LYS A 1 51  ? 10.776  -7.793  -7.131  1.00 8.57  ? 415 LYS A N   1 
ATOM   393  C  CA  . LYS A 1 51  ? 10.532  -8.978  -7.946  1.00 10.78 ? 415 LYS A CA  1 
ATOM   394  C  C   . LYS A 1 51  ? 10.152  -10.096 -6.984  1.00 10.15 ? 415 LYS A C   1 
ATOM   395  O  O   . LYS A 1 51  ? 10.820  -10.314 -5.977  1.00 11.15 ? 415 LYS A O   1 
ATOM   396  C  CB  . LYS A 1 51  ? 11.778  -9.352  -8.751  1.00 17.31 ? 415 LYS A CB  1 
ATOM   397  C  CG  . LYS A 1 51  ? 12.123  -8.334  -9.839  1.00 24.83 ? 415 LYS A CG  1 
ATOM   398  C  CD  . LYS A 1 51  ? 13.356  -8.733  -10.636 1.00 40.41 ? 415 LYS A CD  1 
ATOM   399  C  CE  . LYS A 1 51  ? 13.143  -10.026 -11.409 1.00 40.20 ? 415 LYS A CE  1 
ATOM   400  N  NZ  . LYS A 1 51  ? 14.394  -10.472 -12.103 1.00 49.52 ? 415 LYS A NZ  1 
ATOM   401  N  N   . VAL A 1 52  ? 9.062   -10.790 -7.290  1.00 11.58 ? 416 VAL A N   1 
ATOM   402  C  CA  . VAL A 1 52  ? 8.585   -11.856 -6.426  1.00 10.96 ? 416 VAL A CA  1 
ATOM   403  C  C   . VAL A 1 52  ? 8.675   -13.213 -7.111  1.00 15.24 ? 416 VAL A C   1 
ATOM   404  O  O   . VAL A 1 52  ? 8.830   -13.297 -8.331  1.00 13.42 ? 416 VAL A O   1 
ATOM   405  C  CB  . VAL A 1 52  ? 7.115   -11.607 -6.012  1.00 14.85 ? 416 VAL A CB  1 
ATOM   406  C  CG1 . VAL A 1 52  ? 6.998   -10.276 -5.282  1.00 13.45 ? 416 VAL A CG1 1 
ATOM   407  C  CG2 . VAL A 1 52  ? 6.217   -11.608 -7.252  1.00 11.41 ? 416 VAL A CG2 1 
ATOM   408  N  N   . LYS A 1 53  ? 8.581   -14.274 -6.318  1.00 17.47 ? 417 LYS A N   1 
ATOM   409  C  CA  . LYS A 1 53  ? 8.637   -15.628 -6.857  1.00 19.20 ? 417 LYS A CA  1 
ATOM   410  C  C   . LYS A 1 53  ? 7.350   -15.933 -7.609  1.00 20.51 ? 417 LYS A C   1 
ATOM   411  O  O   . LYS A 1 53  ? 6.299   -15.349 -7.329  1.00 19.58 ? 417 LYS A O   1 
ATOM   412  C  CB  . LYS A 1 53  ? 8.825   -16.647 -5.725  1.00 26.47 ? 417 LYS A CB  1 
ATOM   413  C  CG  . LYS A 1 53  ? 10.272  -16.890 -5.314  1.00 34.55 ? 417 LYS A CG  1 
ATOM   414  C  CD  . LYS A 1 53  ? 10.992  -15.599 -4.973  1.00 36.06 ? 417 LYS A CD  1 
ATOM   415  C  CE  . LYS A 1 53  ? 12.413  -15.868 -4.490  1.00 43.18 ? 417 LYS A CE  1 
ATOM   416  N  NZ  . LYS A 1 53  ? 12.417  -16.675 -3.238  1.00 48.66 ? 417 LYS A NZ  1 
ATOM   417  N  N   . THR A 1 54  ? 7.434   -16.846 -8.570  1.00 17.14 ? 418 THR A N   1 
ATOM   418  C  CA  . THR A 1 54  ? 6.262   -17.226 -9.343  1.00 19.23 ? 418 THR A CA  1 
ATOM   419  C  C   . THR A 1 54  ? 5.151   -17.526 -8.346  1.00 20.28 ? 418 THR A C   1 
ATOM   420  O  O   . THR A 1 54  ? 5.345   -18.316 -7.418  1.00 19.92 ? 418 THR A O   1 
ATOM   421  C  CB  . THR A 1 54  ? 6.538   -18.484 -10.186 1.00 21.08 ? 418 THR A CB  1 
ATOM   422  O  OG1 . THR A 1 54  ? 7.675   -18.251 -11.028 1.00 24.07 ? 418 THR A OG1 1 
ATOM   423  C  CG2 . THR A 1 54  ? 5.331   -18.817 -11.057 1.00 22.59 ? 418 THR A CG2 1 
ATOM   424  N  N   . VAL A 1 55  ? 4.002   -16.879 -8.517  1.00 25.85 ? 419 VAL A N   1 
ATOM   425  C  CA  . VAL A 1 55  ? 2.877   -17.092 -7.612  1.00 26.93 ? 419 VAL A CA  1 
ATOM   426  C  C   . VAL A 1 55  ? 2.555   -18.583 -7.526  1.00 29.66 ? 419 VAL A C   1 
ATOM   427  O  O   . VAL A 1 55  ? 2.349   -19.241 -8.548  1.00 29.74 ? 419 VAL A O   1 
ATOM   428  C  CB  . VAL A 1 55  ? 1.613   -16.332 -8.083  1.00 31.90 ? 419 VAL A CB  1 
ATOM   429  C  CG1 . VAL A 1 55  ? 0.445   -16.625 -7.147  1.00 30.20 ? 419 VAL A CG1 1 
ATOM   430  C  CG2 . VAL A 1 55  ? 1.890   -14.839 -8.122  1.00 30.00 ? 419 VAL A CG2 1 
ATOM   431  N  N   . ALA A 1 56  ? 2.527   -19.112 -6.305  1.00 32.58 ? 420 ALA A N   1 
ATOM   432  C  CA  . ALA A 1 56  ? 2.228   -20.523 -6.090  1.00 31.78 ? 420 ALA A CA  1 
ATOM   433  C  C   . ALA A 1 56  ? 0.737   -20.752 -6.298  1.00 35.37 ? 420 ALA A C   1 
ATOM   434  O  O   . ALA A 1 56  ? -0.074  -20.499 -5.403  1.00 36.33 ? 420 ALA A O   1 
ATOM   435  C  CB  . ALA A 1 56  ? 2.636   -20.934 -4.682  1.00 34.26 ? 420 ALA A CB  1 
ATOM   436  N  N   . GLY A 1 57  ? 0.380   -21.223 -7.488  1.00 44.33 ? 421 GLY A N   1 
ATOM   437  C  CA  . GLY A 1 57  ? -1.015  -21.464 -7.794  1.00 45.93 ? 421 GLY A CA  1 
ATOM   438  C  C   . GLY A 1 57  ? -1.831  -20.191 -7.675  1.00 44.74 ? 421 GLY A C   1 
ATOM   439  O  O   . GLY A 1 57  ? -1.424  -19.141 -8.174  1.00 46.15 ? 421 GLY A O   1 
ATOM   440  N  N   . PRO A 1 58  ? -2.996  -20.252 -7.017  1.00 32.38 ? 422 PRO A N   1 
ATOM   441  C  CA  . PRO A 1 58  ? -3.845  -19.071 -6.856  1.00 28.76 ? 422 PRO A CA  1 
ATOM   442  C  C   . PRO A 1 58  ? -3.553  -18.297 -5.569  1.00 24.77 ? 422 PRO A C   1 
ATOM   443  O  O   . PRO A 1 58  ? -4.292  -17.376 -5.216  1.00 25.92 ? 422 PRO A O   1 
ATOM   444  C  CB  . PRO A 1 58  ? -5.241  -19.671 -6.844  1.00 35.28 ? 422 PRO A CB  1 
ATOM   445  C  CG  . PRO A 1 58  ? -5.019  -20.927 -6.044  1.00 37.82 ? 422 PRO A CG  1 
ATOM   446  C  CD  . PRO A 1 58  ? -3.716  -21.475 -6.608  1.00 37.53 ? 422 PRO A CD  1 
ATOM   447  N  N   . ASN A 1 59  ? -2.477  -18.651 -4.872  1.00 21.32 ? 423 ASN A N   1 
ATOM   448  C  CA  . ASN A 1 59  ? -2.175  -17.975 -3.610  1.00 18.53 ? 423 ASN A CA  1 
ATOM   449  C  C   . ASN A 1 59  ? -1.371  -16.682 -3.710  1.00 16.99 ? 423 ASN A C   1 
ATOM   450  O  O   . ASN A 1 59  ? -0.181  -16.644 -3.383  1.00 16.63 ? 423 ASN A O   1 
ATOM   451  C  CB  . ASN A 1 59  ? -1.467  -18.929 -2.647  1.00 15.10 ? 423 ASN A CB  1 
ATOM   452  C  CG  . ASN A 1 59  ? -1.593  -18.483 -1.196  1.00 15.72 ? 423 ASN A CG  1 
ATOM   453  O  OD1 . ASN A 1 59  ? -1.752  -17.295 -0.911  1.00 11.42 ? 423 ASN A OD1 1 
ATOM   454  N  ND2 . ASN A 1 59  ? -1.508  -19.435 -0.274  1.00 13.66 ? 423 ASN A ND2 1 
ATOM   455  N  N   . ASP A 1 60  ? -2.032  -15.612 -4.132  1.00 15.28 ? 424 ASP A N   1 
ATOM   456  C  CA  . ASP A 1 60  ? -1.363  -14.324 -4.238  1.00 15.41 ? 424 ASP A CA  1 
ATOM   457  C  C   . ASP A 1 60  ? -1.400  -13.629 -2.876  1.00 16.25 ? 424 ASP A C   1 
ATOM   458  O  O   . ASP A 1 60  ? -0.841  -12.545 -2.701  1.00 15.94 ? 424 ASP A O   1 
ATOM   459  C  CB  . ASP A 1 60  ? -2.030  -13.462 -5.317  1.00 22.78 ? 424 ASP A CB  1 
ATOM   460  C  CG  . ASP A 1 60  ? -3.487  -13.177 -5.023  1.00 29.74 ? 424 ASP A CG  1 
ATOM   461  O  OD1 . ASP A 1 60  ? -4.182  -14.081 -4.521  1.00 31.69 ? 424 ASP A OD1 1 
ATOM   462  O  OD2 . ASP A 1 60  ? -3.942  -12.049 -5.308  1.00 46.69 ? 424 ASP A OD2 1 
ATOM   463  N  N   . TYR A 1 61  ? -2.061  -14.262 -1.908  1.00 9.40  ? 425 TYR A N   1 
ATOM   464  C  CA  . TYR A 1 61  ? -2.128  -13.707 -0.560  1.00 8.15  ? 425 TYR A CA  1 
ATOM   465  C  C   . TYR A 1 61  ? -0.745  -13.810 0.083   1.00 9.62  ? 425 TYR A C   1 
ATOM   466  O  O   . TYR A 1 61  ? -0.284  -12.862 0.722   1.00 8.37  ? 425 TYR A O   1 
ATOM   467  C  CB  . TYR A 1 61  ? -3.163  -14.454 0.287   1.00 7.95  ? 425 TYR A CB  1 
ATOM   468  C  CG  . TYR A 1 61  ? -4.557  -14.351 -0.273  1.00 8.32  ? 425 TYR A CG  1 
ATOM   469  C  CD1 . TYR A 1 61  ? -5.298  -13.172 -0.150  1.00 10.27 ? 425 TYR A CD1 1 
ATOM   470  C  CD2 . TYR A 1 61  ? -5.115  -15.411 -0.983  1.00 9.78  ? 425 TYR A CD2 1 
ATOM   471  C  CE1 . TYR A 1 61  ? -6.565  -13.055 -0.730  1.00 15.70 ? 425 TYR A CE1 1 
ATOM   472  C  CE2 . TYR A 1 61  ? -6.373  -15.303 -1.567  1.00 18.55 ? 425 TYR A CE2 1 
ATOM   473  C  CZ  . TYR A 1 61  ? -7.091  -14.124 -1.439  1.00 16.98 ? 425 TYR A CZ  1 
ATOM   474  O  OH  . TYR A 1 61  ? -8.320  -14.016 -2.050  1.00 15.76 ? 425 TYR A OH  1 
ATOM   475  N  N   . GLU A 1 62  ? -0.083  -14.955 -0.083  1.00 6.37  ? 426 GLU A N   1 
ATOM   476  C  CA  . GLU A 1 62  ? 1.254   -15.123 0.478   1.00 9.20  ? 426 GLU A CA  1 
ATOM   477  C  C   . GLU A 1 62  ? 2.258   -14.255 -0.277  1.00 10.96 ? 426 GLU A C   1 
ATOM   478  O  O   . GLU A 1 62  ? 3.274   -13.837 0.281   1.00 11.90 ? 426 GLU A O   1 
ATOM   479  C  CB  . GLU A 1 62  ? 1.686   -16.593 0.445   1.00 13.80 ? 426 GLU A CB  1 
ATOM   480  C  CG  . GLU A 1 62  ? 1.267   -17.364 1.691   1.00 20.49 ? 426 GLU A CG  1 
ATOM   481  C  CD  . GLU A 1 62  ? 1.875   -16.785 2.967   1.00 13.24 ? 426 GLU A CD  1 
ATOM   482  O  OE1 . GLU A 1 62  ? 1.222   -16.863 4.026   1.00 11.23 ? 426 GLU A OE1 1 
ATOM   483  O  OE2 . GLU A 1 62  ? 3.013   -16.266 2.917   1.00 16.91 ? 426 GLU A OE2 1 
ATOM   484  N  N   . THR A 1 63  ? 1.978   -13.977 -1.549  1.00 8.37  ? 427 THR A N   1 
ATOM   485  C  CA  . THR A 1 63  ? 2.872   -13.129 -2.328  1.00 9.89  ? 427 THR A CA  1 
ATOM   486  C  C   . THR A 1 63  ? 2.881   -11.722 -1.720  1.00 11.92 ? 427 THR A C   1 
ATOM   487  O  O   . THR A 1 63  ? 3.940   -11.109 -1.565  1.00 13.21 ? 427 THR A O   1 
ATOM   488  C  CB  . THR A 1 63  ? 2.429   -13.039 -3.804  1.00 20.20 ? 427 THR A CB  1 
ATOM   489  O  OG1 . THR A 1 63  ? 2.439   -14.348 -4.385  1.00 22.37 ? 427 THR A OG1 1 
ATOM   490  C  CG2 . THR A 1 63  ? 3.378   -12.137 -4.592  1.00 19.06 ? 427 THR A CG2 1 
HETATM 491  N  N   . MSE A 1 64  ? 1.705   -11.212 -1.366  1.00 9.89  ? 428 MSE A N   1 
HETATM 492  C  CA  . MSE A 1 64  ? 1.628   -9.874  -0.774  1.00 11.30 ? 428 MSE A CA  1 
HETATM 493  C  C   . MSE A 1 64  ? 2.212   -9.884  0.645   1.00 11.19 ? 428 MSE A C   1 
HETATM 494  O  O   . MSE A 1 64  ? 2.888   -8.936  1.056   1.00 9.93  ? 428 MSE A O   1 
HETATM 495  C  CB  . MSE A 1 64  ? 0.179   -9.375  -0.745  1.00 31.17 ? 428 MSE A CB  1 
HETATM 496  C  CG  . MSE A 1 64  ? 0.021   -7.929  -0.262  1.00 37.74 ? 428 MSE A CG  1 
HETATM 497  SE SE  . MSE A 1 64  ? 0.876   -6.588  -1.407  1.00 41.34 ? 428 MSE A SE  1 
HETATM 498  C  CE  . MSE A 1 64  ? -0.602  -6.235  -2.609  1.00 47.35 ? 428 MSE A CE  1 
ATOM   499  N  N   . ARG A 1 65  ? 1.954   -10.951 1.392   1.00 9.11  ? 429 ARG A N   1 
ATOM   500  C  CA  . ARG A 1 65  ? 2.486   -11.064 2.752   1.00 7.77  ? 429 ARG A CA  1 
ATOM   501  C  C   . ARG A 1 65  ? 4.007   -11.039 2.705   1.00 10.55 ? 429 ARG A C   1 
ATOM   502  O  O   . ARG A 1 65  ? 4.667   -10.380 3.520   1.00 8.98  ? 429 ARG A O   1 
ATOM   503  C  CB  . ARG A 1 65  ? 2.008   -12.367 3.410   1.00 4.81  ? 429 ARG A CB  1 
ATOM   504  C  CG  . ARG A 1 65  ? 0.571   -12.318 3.919   1.00 2.84  ? 429 ARG A CG  1 
ATOM   505  C  CD  . ARG A 1 65  ? -0.040  -13.703 4.079   1.00 5.51  ? 429 ARG A CD  1 
ATOM   506  N  NE  . ARG A 1 65  ? 0.485   -14.499 5.191   1.00 11.10 ? 429 ARG A NE  1 
ATOM   507  C  CZ  . ARG A 1 65  ? 0.138   -14.335 6.462   1.00 21.08 ? 429 ARG A CZ  1 
ATOM   508  N  NH1 . ARG A 1 65  ? -0.728  -13.387 6.798   1.00 43.26 ? 429 ARG A NH1 1 
ATOM   509  N  NH2 . ARG A 1 65  ? 0.618   -15.156 7.393   1.00 8.30  ? 429 ARG A NH2 1 
ATOM   510  N  N   . GLU A 1 66  ? 4.561   -11.746 1.728   1.00 8.40  ? 430 GLU A N   1 
ATOM   511  C  CA  . GLU A 1 66  ? 6.004   -11.825 1.575   1.00 13.46 ? 430 GLU A CA  1 
ATOM   512  C  C   . GLU A 1 66  ? 6.607   -10.473 1.210   1.00 8.64  ? 430 GLU A C   1 
ATOM   513  O  O   . GLU A 1 66  ? 7.683   -10.122 1.695   1.00 9.18  ? 430 GLU A O   1 
ATOM   514  C  CB  . GLU A 1 66  ? 6.361   -12.872 0.516   1.00 22.67 ? 430 GLU A CB  1 
ATOM   515  C  CG  . GLU A 1 66  ? 7.768   -13.419 0.640   1.00 36.08 ? 430 GLU A CG  1 
ATOM   516  C  CD  . GLU A 1 66  ? 8.110   -13.826 2.064   1.00 38.92 ? 430 GLU A CD  1 
ATOM   517  O  OE1 . GLU A 1 66  ? 7.331   -14.594 2.683   1.00 29.46 ? 430 GLU A OE1 1 
ATOM   518  O  OE2 . GLU A 1 66  ? 9.164   -13.375 2.564   1.00 48.14 ? 430 GLU A OE2 1 
ATOM   519  N  N   . VAL A 1 67  ? 5.922   -9.710  0.361   1.00 7.18  ? 431 VAL A N   1 
ATOM   520  C  CA  . VAL A 1 67  ? 6.439   -8.398  -0.030  1.00 9.78  ? 431 VAL A CA  1 
ATOM   521  C  C   . VAL A 1 67  ? 6.422   -7.433  1.151   1.00 11.68 ? 431 VAL A C   1 
ATOM   522  O  O   . VAL A 1 67  ? 7.353   -6.649  1.331   1.00 9.21  ? 431 VAL A O   1 
ATOM   523  C  CB  . VAL A 1 67  ? 5.628   -7.783  -1.206  1.00 15.77 ? 431 VAL A CB  1 
ATOM   524  C  CG1 . VAL A 1 67  ? 6.155   -6.394  -1.539  1.00 21.17 ? 431 VAL A CG1 1 
ATOM   525  C  CG2 . VAL A 1 67  ? 5.741   -8.671  -2.426  1.00 16.89 ? 431 VAL A CG2 1 
ATOM   526  N  N   . VAL A 1 68  ? 5.367   -7.486  1.957   1.00 9.75  ? 432 VAL A N   1 
ATOM   527  C  CA  . VAL A 1 68  ? 5.272   -6.611  3.122   1.00 8.76  ? 432 VAL A CA  1 
ATOM   528  C  C   . VAL A 1 68  ? 6.348   -7.005  4.134   1.00 8.74  ? 432 VAL A C   1 
ATOM   529  O  O   . VAL A 1 68  ? 7.034   -6.151  4.686   1.00 9.29  ? 432 VAL A O   1 
ATOM   530  C  CB  . VAL A 1 68  ? 3.866   -6.694  3.761   1.00 7.26  ? 432 VAL A CB  1 
ATOM   531  C  CG1 . VAL A 1 68  ? 3.848   -5.951  5.082   1.00 12.16 ? 432 VAL A CG1 1 
ATOM   532  C  CG2 . VAL A 1 68  ? 2.838   -6.080  2.804   1.00 5.51  ? 432 VAL A CG2 1 
ATOM   533  N  N   . ARG A 1 69  ? 6.503   -8.304  4.367   1.00 6.81  ? 433 ARG A N   1 
ATOM   534  C  CA  . ARG A 1 69  ? 7.529   -8.800  5.283   1.00 7.73  ? 433 ARG A CA  1 
ATOM   535  C  C   . ARG A 1 69  ? 8.902   -8.332  4.816   1.00 10.30 ? 433 ARG A C   1 
ATOM   536  O  O   . ARG A 1 69  ? 9.716   -7.836  5.594   1.00 8.70  ? 433 ARG A O   1 
ATOM   537  C  CB  . ARG A 1 69  ? 7.563   -10.327 5.282   1.00 11.91 ? 433 ARG A CB  1 
ATOM   538  C  CG  . ARG A 1 69  ? 6.411   -11.005 5.963   1.00 11.96 ? 433 ARG A CG  1 
ATOM   539  C  CD  . ARG A 1 69  ? 6.563   -12.516 5.838   1.00 17.55 ? 433 ARG A CD  1 
ATOM   540  N  NE  . ARG A 1 69  ? 5.502   -13.205 6.556   1.00 17.07 ? 433 ARG A NE  1 
ATOM   541  C  CZ  . ARG A 1 69  ? 4.703   -14.114 6.011   1.00 16.48 ? 433 ARG A CZ  1 
ATOM   542  N  NH1 . ARG A 1 69  ? 4.845   -14.450 4.738   1.00 13.46 ? 433 ARG A NH1 1 
ATOM   543  N  NH2 . ARG A 1 69  ? 3.754   -14.677 6.741   1.00 11.25 ? 433 ARG A NH2 1 
ATOM   544  N  N   . ARG A 1 70  ? 9.152   -8.533  3.529   1.00 8.57  ? 434 ARG A N   1 
ATOM   545  C  CA  . ARG A 1 70  ? 10.422  -8.178  2.910   1.00 10.66 ? 434 ARG A CA  1 
ATOM   546  C  C   . ARG A 1 70  ? 10.814  -6.717  3.109   1.00 8.59  ? 434 ARG A C   1 
ATOM   547  O  O   . ARG A 1 70  ? 11.926  -6.411  3.541   1.00 6.20  ? 434 ARG A O   1 
ATOM   548  C  CB  . ARG A 1 70  ? 10.347  -8.511  1.418   1.00 12.09 ? 434 ARG A CB  1 
ATOM   549  C  CG  . ARG A 1 70  ? 11.551  -8.108  0.596   1.00 16.34 ? 434 ARG A CG  1 
ATOM   550  C  CD  . ARG A 1 70  ? 11.364  -8.583  -0.837  1.00 15.40 ? 434 ARG A CD  1 
ATOM   551  N  NE  . ARG A 1 70  ? 12.377  -8.035  -1.726  1.00 13.60 ? 434 ARG A NE  1 
ATOM   552  C  CZ  . ARG A 1 70  ? 12.412  -8.244  -3.035  1.00 11.10 ? 434 ARG A CZ  1 
ATOM   553  N  NH1 . ARG A 1 70  ? 11.488  -9.003  -3.620  1.00 10.15 ? 434 ARG A NH1 1 
ATOM   554  N  NH2 . ARG A 1 70  ? 13.356  -7.673  -3.763  1.00 9.04  ? 434 ARG A NH2 1 
ATOM   555  N  N   . ARG A 1 71  ? 9.907   -5.804  2.796   1.00 5.51  ? 435 ARG A N   1 
ATOM   556  C  CA  . ARG A 1 71  ? 10.232  -4.395  2.946   1.00 5.68  ? 435 ARG A CA  1 
ATOM   557  C  C   . ARG A 1 71  ? 10.367  -3.931  4.382   1.00 6.85  ? 435 ARG A C   1 
ATOM   558  O  O   . ARG A 1 71  ? 11.368  -3.319  4.745   1.00 7.96  ? 435 ARG A O   1 
ATOM   559  C  CB  . ARG A 1 71  ? 9.191   -3.509  2.260   1.00 5.44  ? 435 ARG A CB  1 
ATOM   560  C  CG  . ARG A 1 71  ? 9.444   -2.011  2.483   1.00 7.31  ? 435 ARG A CG  1 
ATOM   561  C  CD  . ARG A 1 71  ? 8.451   -1.135  1.728   1.00 10.67 ? 435 ARG A CD  1 
ATOM   562  N  NE  . ARG A 1 71  ? 8.711   0.287   1.962   1.00 10.51 ? 435 ARG A NE  1 
ATOM   563  C  CZ  . ARG A 1 71  ? 9.687   0.985   1.384   1.00 10.29 ? 435 ARG A CZ  1 
ATOM   564  N  NH1 . ARG A 1 71  ? 10.513  0.406   0.519   1.00 8.60  ? 435 ARG A NH1 1 
ATOM   565  N  NH2 . ARG A 1 71  ? 9.839   2.269   1.672   1.00 12.39 ? 435 ARG A NH2 1 
ATOM   566  N  N   . TYR A 1 72  ? 9.367   -4.225  5.201   1.00 7.31  ? 436 TYR A N   1 
ATOM   567  C  CA  . TYR A 1 72  ? 9.384   -3.732  6.566   1.00 7.74  ? 436 TYR A CA  1 
ATOM   568  C  C   . TYR A 1 72  ? 10.306  -4.385  7.571   1.00 9.22  ? 436 TYR A C   1 
ATOM   569  O  O   . TYR A 1 72  ? 10.686  -3.742  8.545   1.00 8.94  ? 436 TYR A O   1 
ATOM   570  C  CB  . TYR A 1 72  ? 7.948   -3.631  7.076   1.00 7.72  ? 436 TYR A CB  1 
ATOM   571  C  CG  . TYR A 1 72  ? 7.154   -2.664  6.208   1.00 8.72  ? 436 TYR A CG  1 
ATOM   572  C  CD1 . TYR A 1 72  ? 7.563   -1.337  6.063   1.00 11.13 ? 436 TYR A CD1 1 
ATOM   573  C  CD2 . TYR A 1 72  ? 6.046   -3.096  5.473   1.00 10.45 ? 436 TYR A CD2 1 
ATOM   574  C  CE1 . TYR A 1 72  ? 6.894   -0.460  5.201   1.00 7.29  ? 436 TYR A CE1 1 
ATOM   575  C  CE2 . TYR A 1 72  ? 5.368   -2.227  4.607   1.00 10.53 ? 436 TYR A CE2 1 
ATOM   576  C  CZ  . TYR A 1 72  ? 5.799   -0.913  4.477   1.00 9.70  ? 436 TYR A CZ  1 
ATOM   577  O  OH  . TYR A 1 72  ? 5.142   -0.058  3.615   1.00 9.60  ? 436 TYR A OH  1 
ATOM   578  N  N   . THR A 1 73  ? 10.690  -5.639  7.358   1.00 8.59  ? 437 THR A N   1 
ATOM   579  C  CA  . THR A 1 73  ? 11.633  -6.242  8.293   1.00 9.32  ? 437 THR A CA  1 
ATOM   580  C  C   . THR A 1 73  ? 12.953  -5.483  8.093   1.00 10.65 ? 437 THR A C   1 
ATOM   581  O  O   . THR A 1 73  ? 13.687  -5.214  9.045   1.00 8.98  ? 437 THR A O   1 
ATOM   582  C  CB  . THR A 1 73  ? 11.843  -7.758  8.018   1.00 11.32 ? 437 THR A CB  1 
ATOM   583  O  OG1 . THR A 1 73  ? 12.197  -7.955  6.644   1.00 14.77 ? 437 THR A OG1 1 
ATOM   584  C  CG2 . THR A 1 73  ? 10.577  -8.538  8.325   1.00 22.11 ? 437 THR A CG2 1 
ATOM   585  N  N   . ARG A 1 74  ? 13.236  -5.128  6.841   1.00 8.49  ? 438 ARG A N   1 
ATOM   586  C  CA  . ARG A 1 74  ? 14.443  -4.372  6.485   1.00 8.71  ? 438 ARG A CA  1 
ATOM   587  C  C   . ARG A 1 74  ? 14.372  -2.949  7.046   1.00 9.04  ? 438 ARG A C   1 
ATOM   588  O  O   . ARG A 1 74  ? 15.332  -2.451  7.634   1.00 10.25 ? 438 ARG A O   1 
ATOM   589  C  CB  . ARG A 1 74  ? 14.573  -4.304  4.963   1.00 12.01 ? 438 ARG A CB  1 
ATOM   590  C  CG  . ARG A 1 74  ? 15.557  -3.273  4.452   1.00 25.23 ? 438 ARG A CG  1 
ATOM   591  C  CD  . ARG A 1 74  ? 16.951  -3.801  4.529   1.00 19.61 ? 438 ARG A CD  1 
ATOM   592  N  NE  . ARG A 1 74  ? 17.099  -5.028  3.760   1.00 18.43 ? 438 ARG A NE  1 
ATOM   593  C  CZ  . ARG A 1 74  ? 18.013  -5.955  4.015   1.00 27.73 ? 438 ARG A CZ  1 
ATOM   594  N  NH1 . ARG A 1 74  ? 18.865  -5.795  5.021   1.00 26.97 ? 438 ARG A NH1 1 
ATOM   595  N  NH2 . ARG A 1 74  ? 18.067  -7.054  3.272   1.00 50.75 ? 438 ARG A NH2 1 
ATOM   596  N  N   . VAL A 1 75  ? 13.234  -2.295  6.839   1.00 9.08  ? 439 VAL A N   1 
ATOM   597  C  CA  . VAL A 1 75  ? 13.019  -0.937  7.333   1.00 8.03  ? 439 VAL A CA  1 
ATOM   598  C  C   . VAL A 1 75  ? 13.187  -0.896  8.851   1.00 9.29  ? 439 VAL A C   1 
ATOM   599  O  O   . VAL A 1 75  ? 13.820  0.016   9.388   1.00 10.09 ? 439 VAL A O   1 
ATOM   600  C  CB  . VAL A 1 75  ? 11.608  -0.430  6.944   1.00 8.00  ? 439 VAL A CB  1 
ATOM   601  C  CG1 . VAL A 1 75  ? 11.239  0.811   7.744   1.00 10.29 ? 439 VAL A CG1 1 
ATOM   602  C  CG2 . VAL A 1 75  ? 11.576  -0.115  5.442   1.00 7.63  ? 439 VAL A CG2 1 
ATOM   603  N  N   . LEU A 1 76  ? 12.627  -1.887  9.540   1.00 8.03  ? 440 LEU A N   1 
ATOM   604  C  CA  . LEU A 1 76  ? 12.743  -1.954  10.997  1.00 7.62  ? 440 LEU A CA  1 
ATOM   605  C  C   . LEU A 1 76  ? 14.173  -2.235  11.452  1.00 9.62  ? 440 LEU A C   1 
ATOM   606  O  O   . LEU A 1 76  ? 14.642  -1.661  12.438  1.00 13.00 ? 440 LEU A O   1 
ATOM   607  C  CB  . LEU A 1 76  ? 11.820  -3.038  11.558  1.00 10.99 ? 440 LEU A CB  1 
ATOM   608  C  CG  . LEU A 1 76  ? 10.337  -2.665  11.569  1.00 8.91  ? 440 LEU A CG  1 
ATOM   609  C  CD1 . LEU A 1 76  ? 9.490   -3.902  11.836  1.00 16.14 ? 440 LEU A CD1 1 
ATOM   610  C  CD2 . LEU A 1 76  ? 10.106  -1.592  12.622  1.00 13.13 ? 440 LEU A CD2 1 
ATOM   611  N  N   . LYS A 1 77  ? 14.868  -3.116  10.738  1.00 9.70  ? 441 LYS A N   1 
ATOM   612  C  CA  . LYS A 1 77  ? 16.240  -3.454  11.110  1.00 10.07 ? 441 LYS A CA  1 
ATOM   613  C  C   . LYS A 1 77  ? 17.172  -2.254  10.972  1.00 14.01 ? 441 LYS A C   1 
ATOM   614  O  O   . LYS A 1 77  ? 18.028  -2.019  11.824  1.00 12.08 ? 441 LYS A O   1 
ATOM   615  C  CB  . LYS A 1 77  ? 16.771  -4.609  10.253  1.00 7.83  ? 441 LYS A CB  1 
ATOM   616  C  CG  . LYS A 1 77  ? 18.181  -5.056  10.649  1.00 11.60 ? 441 LYS A CG  1 
ATOM   617  C  CD  . LYS A 1 77  ? 18.685  -6.203  9.785   1.00 14.47 ? 441 LYS A CD  1 
ATOM   618  C  CE  . LYS A 1 77  ? 20.024  -6.726  10.289  1.00 23.93 ? 441 LYS A CE  1 
ATOM   619  N  NZ  . LYS A 1 77  ? 20.523  -7.869  9.475   1.00 21.71 ? 441 LYS A NZ  1 
ATOM   620  N  N   . GLU A 1 78  ? 16.998  -1.493  9.896   1.00 10.71 ? 442 GLU A N   1 
ATOM   621  C  CA  . GLU A 1 78  ? 17.843  -0.334  9.650   1.00 10.45 ? 442 GLU A CA  1 
ATOM   622  C  C   . GLU A 1 78  ? 17.386  0.948   10.332  1.00 11.91 ? 442 GLU A C   1 
ATOM   623  O  O   . GLU A 1 78  ? 18.059  1.969   10.232  1.00 14.29 ? 442 GLU A O   1 
ATOM   624  C  CB  . GLU A 1 78  ? 17.966  -0.086  8.146   1.00 12.28 ? 442 GLU A CB  1 
ATOM   625  C  CG  . GLU A 1 78  ? 18.733  -1.170  7.424   1.00 13.93 ? 442 GLU A CG  1 
ATOM   626  C  CD  . GLU A 1 78  ? 18.976  -0.821  5.974   1.00 19.75 ? 442 GLU A CD  1 
ATOM   627  O  OE1 . GLU A 1 78  ? 19.508  0.281   5.713   1.00 18.10 ? 442 GLU A OE1 1 
ATOM   628  O  OE2 . GLU A 1 78  ? 18.639  -1.644  5.100   1.00 22.26 ? 442 GLU A OE2 1 
ATOM   629  N  N   . GLY A 1 79  ? 16.246  0.903   11.011  1.00 12.27 ? 443 GLY A N   1 
ATOM   630  C  CA  . GLY A 1 79  ? 15.752  2.090   11.689  1.00 12.60 ? 443 GLY A CA  1 
ATOM   631  C  C   . GLY A 1 79  ? 15.308  3.188   10.738  1.00 14.33 ? 443 GLY A C   1 
ATOM   632  O  O   . GLY A 1 79  ? 15.422  4.370   11.049  1.00 12.77 ? 443 GLY A O   1 
ATOM   633  N  N   . LEU A 1 80  ? 14.791  2.801   9.576   1.00 11.67 ? 444 LEU A N   1 
ATOM   634  C  CA  . LEU A 1 80  ? 14.333  3.773   8.592   1.00 12.37 ? 444 LEU A CA  1 
ATOM   635  C  C   . LEU A 1 80  ? 12.912  4.240   8.921   1.00 11.73 ? 444 LEU A C   1 
ATOM   636  O  O   . LEU A 1 80  ? 12.198  3.590   9.682   1.00 11.89 ? 444 LEU A O   1 
ATOM   637  C  CB  . LEU A 1 80  ? 14.387  3.154   7.189   1.00 12.95 ? 444 LEU A CB  1 
ATOM   638  C  CG  . LEU A 1 80  ? 15.799  2.773   6.718   1.00 18.46 ? 444 LEU A CG  1 
ATOM   639  C  CD1 . LEU A 1 80  ? 15.734  1.947   5.438   1.00 16.01 ? 444 LEU A CD1 1 
ATOM   640  C  CD2 . LEU A 1 80  ? 16.618  4.036   6.505   1.00 24.33 ? 444 LEU A CD2 1 
ATOM   641  N  N   . PRO A 1 81  ? 12.487  5.376   8.348   1.00 15.17 ? 445 PRO A N   1 
ATOM   642  C  CA  . PRO A 1 81  ? 11.142  5.913   8.598   1.00 16.00 ? 445 PRO A CA  1 
ATOM   643  C  C   . PRO A 1 81  ? 10.025  4.932   8.246   1.00 15.84 ? 445 PRO A C   1 
ATOM   644  O  O   . PRO A 1 81  ? 10.008  4.360   7.163   1.00 11.51 ? 445 PRO A O   1 
ATOM   645  C  CB  . PRO A 1 81  ? 11.096  7.164   7.719   1.00 15.56 ? 445 PRO A CB  1 
ATOM   646  C  CG  . PRO A 1 81  ? 12.524  7.600   7.669   1.00 17.08 ? 445 PRO A CG  1 
ATOM   647  C  CD  . PRO A 1 81  ? 13.263  6.288   7.486   1.00 16.22 ? 445 PRO A CD  1 
ATOM   648  N  N   . LEU A 1 82  ? 9.094   4.744   9.173   1.00 13.23 ? 446 LEU A N   1 
ATOM   649  C  CA  . LEU A 1 82  ? 7.969   3.846   8.953   1.00 12.65 ? 446 LEU A CA  1 
ATOM   650  C  C   . LEU A 1 82  ? 6.820   4.622   8.333   1.00 13.40 ? 446 LEU A C   1 
ATOM   651  O  O   . LEU A 1 82  ? 6.705   5.828   8.523   1.00 11.05 ? 446 LEU A O   1 
ATOM   652  C  CB  . LEU A 1 82  ? 7.519   3.234   10.276  1.00 15.74 ? 446 LEU A CB  1 
ATOM   653  C  CG  . LEU A 1 82  ? 8.441   2.151   10.843  1.00 15.16 ? 446 LEU A CG  1 
ATOM   654  C  CD1 . LEU A 1 82  ? 8.047   1.826   12.284  1.00 21.20 ? 446 LEU A CD1 1 
ATOM   655  C  CD2 . LEU A 1 82  ? 8.339   0.917   9.960   1.00 17.11 ? 446 LEU A CD2 1 
ATOM   656  N  N   . PRO A 1 83  ? 5.954   3.940   7.574   1.00 11.32 ? 447 PRO A N   1 
ATOM   657  C  CA  . PRO A 1 83  ? 4.831   4.647   6.960   1.00 10.25 ? 447 PRO A CA  1 
ATOM   658  C  C   . PRO A 1 83  ? 3.745   5.021   7.970   1.00 11.64 ? 447 PRO A C   1 
ATOM   659  O  O   . PRO A 1 83  ? 3.634   4.398   9.032   1.00 11.27 ? 447 PRO A O   1 
ATOM   660  C  CB  . PRO A 1 83  ? 4.334   3.652   5.912   1.00 13.43 ? 447 PRO A CB  1 
ATOM   661  C  CG  . PRO A 1 83  ? 4.614   2.335   6.549   1.00 14.17 ? 447 PRO A CG  1 
ATOM   662  C  CD  . PRO A 1 83  ? 5.990   2.527   7.151   1.00 13.48 ? 447 PRO A CD  1 
ATOM   663  N  N   . ASP A 1 84  ? 2.960   6.043   7.641   1.00 13.04 ? 448 ASP A N   1 
ATOM   664  C  CA  . ASP A 1 84  ? 1.861   6.490   8.491   1.00 14.46 ? 448 ASP A CA  1 
ATOM   665  C  C   . ASP A 1 84  ? 0.593   5.883   7.914   1.00 11.98 ? 448 ASP A C   1 
ATOM   666  O  O   . ASP A 1 84  ? -0.462  5.898   8.539   1.00 10.52 ? 448 ASP A O   1 
ATOM   667  C  CB  . ASP A 1 84  ? 1.738   8.018   8.476   1.00 21.66 ? 448 ASP A CB  1 
ATOM   668  C  CG  . ASP A 1 84  ? 2.955   8.706   9.044   1.00 28.05 ? 448 ASP A CG  1 
ATOM   669  O  OD1 . ASP A 1 84  ? 3.299   8.427   10.211  1.00 27.46 ? 448 ASP A OD1 1 
ATOM   670  O  OD2 . ASP A 1 84  ? 3.569   9.526   8.327   1.00 33.00 ? 448 ASP A OD2 1 
ATOM   671  N  N   . LEU A 1 85  ? 0.710   5.365   6.697   1.00 8.25  ? 449 LEU A N   1 
ATOM   672  C  CA  . LEU A 1 85  ? -0.411  4.725   6.017   1.00 9.71  ? 449 LEU A CA  1 
ATOM   673  C  C   . LEU A 1 85  ? 0.098   3.826   4.900   1.00 11.36 ? 449 LEU A C   1 
ATOM   674  O  O   . LEU A 1 85  ? 0.923   4.243   4.086   1.00 10.88 ? 449 LEU A O   1 
ATOM   675  C  CB  . LEU A 1 85  ? -1.361  5.770   5.413   1.00 9.83  ? 449 LEU A CB  1 
ATOM   676  C  CG  . LEU A 1 85  ? -2.443  5.186   4.493   1.00 11.53 ? 449 LEU A CG  1 
ATOM   677  C  CD1 . LEU A 1 85  ? -3.392  4.312   5.315   1.00 10.42 ? 449 LEU A CD1 1 
ATOM   678  C  CD2 . LEU A 1 85  ? -3.221  6.314   3.800   1.00 11.99 ? 449 LEU A CD2 1 
ATOM   679  N  N   . ILE A 1 86  ? -0.395  2.591   4.873   1.00 11.36 ? 450 ILE A N   1 
ATOM   680  C  CA  . ILE A 1 86  ? -0.023  1.638   3.838   1.00 9.35  ? 450 ILE A CA  1 
ATOM   681  C  C   . ILE A 1 86  ? -1.270  1.332   3.016   1.00 8.82  ? 450 ILE A C   1 
ATOM   682  O  O   . ILE A 1 86  ? -2.331  1.032   3.567   1.00 13.49 ? 450 ILE A O   1 
ATOM   683  C  CB  . ILE A 1 86  ? 0.505   0.318   4.434   1.00 7.95  ? 450 ILE A CB  1 
ATOM   684  C  CG1 . ILE A 1 86  ? 1.867   0.548   5.096   1.00 9.06  ? 450 ILE A CG1 1 
ATOM   685  C  CG2 . ILE A 1 86  ? 0.613   -0.738  3.341   1.00 8.66  ? 450 ILE A CG2 1 
ATOM   686  C  CD1 . ILE A 1 86  ? 2.398   -0.676  5.831   1.00 13.92 ? 450 ILE A CD1 1 
ATOM   687  N  N   . ILE A 1 87  ? -1.142  1.433   1.696   1.00 8.39  ? 451 ILE A N   1 
ATOM   688  C  CA  . ILE A 1 87  ? -2.253  1.153   0.799   1.00 8.65  ? 451 ILE A CA  1 
ATOM   689  C  C   . ILE A 1 87  ? -1.855  -0.034  -0.074  1.00 10.60 ? 451 ILE A C   1 
ATOM   690  O  O   . ILE A 1 87  ? -0.748  -0.071  -0.615  1.00 10.31 ? 451 ILE A O   1 
ATOM   691  C  CB  . ILE A 1 87  ? -2.554  2.351   -0.127  1.00 10.31 ? 451 ILE A CB  1 
ATOM   692  C  CG1 . ILE A 1 87  ? -2.879  3.600   0.700   1.00 9.17  ? 451 ILE A CG1 1 
ATOM   693  C  CG2 . ILE A 1 87  ? -3.728  2.013   -1.042  1.00 14.35 ? 451 ILE A CG2 1 
ATOM   694  C  CD1 . ILE A 1 87  ? -2.972  4.869   -0.138  1.00 16.63 ? 451 ILE A CD1 1 
ATOM   695  N  N   . ILE A 1 88  ? -2.740  -1.016  -0.192  1.00 8.76  ? 452 ILE A N   1 
ATOM   696  C  CA  . ILE A 1 88  ? -2.448  -2.170  -1.024  1.00 9.76  ? 452 ILE A CA  1 
ATOM   697  C  C   . ILE A 1 88  ? -3.584  -2.336  -2.020  1.00 12.65 ? 452 ILE A C   1 
ATOM   698  O  O   . ILE A 1 88  ? -4.676  -1.805  -1.824  1.00 11.35 ? 452 ILE A O   1 
ATOM   699  C  CB  . ILE A 1 88  ? -2.322  -3.479  -0.195  1.00 11.00 ? 452 ILE A CB  1 
ATOM   700  C  CG1 . ILE A 1 88  ? -3.634  -3.759  0.552   1.00 13.53 ? 452 ILE A CG1 1 
ATOM   701  C  CG2 . ILE A 1 88  ? -1.141  -3.381  0.774   1.00 11.85 ? 452 ILE A CG2 1 
ATOM   702  C  CD1 . ILE A 1 88  ? -3.648  -5.102  1.276   1.00 12.33 ? 452 ILE A CD1 1 
ATOM   703  N  N   . ASP A 1 89  ? -3.323  -3.057  -3.101  1.00 19.09 ? 453 ASP A N   1 
ATOM   704  C  CA  . ASP A 1 89  ? -4.356  -3.297  -4.090  1.00 23.25 ? 453 ASP A CA  1 
ATOM   705  C  C   . ASP A 1 89  ? -4.786  -4.738  -3.870  1.00 29.78 ? 453 ASP A C   1 
ATOM   706  O  O   . ASP A 1 89  ? -3.965  -5.656  -3.870  1.00 33.73 ? 453 ASP A O   1 
ATOM   707  C  CB  . ASP A 1 89  ? -3.816  -3.085  -5.507  1.00 31.98 ? 453 ASP A CB  1 
ATOM   708  C  CG  . ASP A 1 89  ? -2.797  -4.123  -5.908  1.00 30.45 ? 453 ASP A CG  1 
ATOM   709  O  OD1 . ASP A 1 89  ? -2.029  -4.577  -5.034  1.00 35.37 ? 453 ASP A OD1 1 
ATOM   710  O  OD2 . ASP A 1 89  ? -2.751  -4.472  -7.107  1.00 30.94 ? 453 ASP A OD2 1 
ATOM   711  N  N   . GLY A 1 90  ? -6.078  -4.920  -3.655  1.00 31.97 ? 454 GLY A N   1 
ATOM   712  C  CA  . GLY A 1 90  ? -6.611  -6.241  -3.407  1.00 33.25 ? 454 GLY A CA  1 
ATOM   713  C  C   . GLY A 1 90  ? -7.789  -6.065  -2.472  1.00 30.10 ? 454 GLY A C   1 
ATOM   714  O  O   . GLY A 1 90  ? -7.938  -5.007  -1.853  1.00 30.91 ? 454 GLY A O   1 
ATOM   715  N  N   . GLY A 1 91  ? -8.608  -7.101  -2.349  1.00 21.67 ? 455 GLY A N   1 
ATOM   716  C  CA  . GLY A 1 91  ? -9.783  -7.009  -1.504  1.00 21.10 ? 455 GLY A CA  1 
ATOM   717  C  C   . GLY A 1 91  ? -9.605  -7.277  -0.022  1.00 18.97 ? 455 GLY A C   1 
ATOM   718  O  O   . GLY A 1 91  ? -8.501  -7.208  0.531   1.00 13.77 ? 455 GLY A O   1 
ATOM   719  N  N   . LYS A 1 92  ? -10.719 -7.594  0.621   1.00 11.51 ? 456 LYS A N   1 
ATOM   720  C  CA  . LYS A 1 92  ? -10.733 -7.861  2.050   1.00 9.88  ? 456 LYS A CA  1 
ATOM   721  C  C   . LYS A 1 92  ? -9.775  -8.984  2.434   1.00 9.66  ? 456 LYS A C   1 
ATOM   722  O  O   . LYS A 1 92  ? -9.114  -8.915  3.472   1.00 12.85 ? 456 LYS A O   1 
ATOM   723  C  CB  . LYS A 1 92  ? -12.160 -8.197  2.490   1.00 15.49 ? 456 LYS A CB  1 
ATOM   724  C  CG  . LYS A 1 92  ? -13.155 -7.099  2.131   1.00 20.91 ? 456 LYS A CG  1 
ATOM   725  C  CD  . LYS A 1 92  ? -14.555 -7.405  2.637   1.00 30.29 ? 456 LYS A CD  1 
ATOM   726  C  CE  . LYS A 1 92  ? -15.528 -6.303  2.248   1.00 31.05 ? 456 LYS A CE  1 
ATOM   727  N  NZ  . LYS A 1 92  ? -16.901 -6.571  2.773   1.00 43.23 ? 456 LYS A NZ  1 
ATOM   728  N  N   . GLY A 1 93  ? -9.700  -10.010 1.590   1.00 10.27 ? 457 GLY A N   1 
ATOM   729  C  CA  . GLY A 1 93  ? -8.811  -11.125 1.864   1.00 11.72 ? 457 GLY A CA  1 
ATOM   730  C  C   . GLY A 1 93  ? -7.355  -10.698 1.903   1.00 11.88 ? 457 GLY A C   1 
ATOM   731  O  O   . GLY A 1 93  ? -6.580  -11.183 2.732   1.00 8.84  ? 457 GLY A O   1 
ATOM   732  N  N   . HIS A 1 94  ? -6.971  -9.792  1.008   1.00 12.08 ? 458 HIS A N   1 
ATOM   733  C  CA  . HIS A 1 94  ? -5.595  -9.314  0.970   1.00 10.45 ? 458 HIS A CA  1 
ATOM   734  C  C   . HIS A 1 94  ? -5.295  -8.413  2.160   1.00 11.62 ? 458 HIS A C   1 
ATOM   735  O  O   . HIS A 1 94  ? -4.183  -8.419  2.688   1.00 8.77  ? 458 HIS A O   1 
ATOM   736  C  CB  . HIS A 1 94  ? -5.314  -8.560  -0.336  1.00 17.21 ? 458 HIS A CB  1 
ATOM   737  C  CG  . HIS A 1 94  ? -5.369  -9.430  -1.553  1.00 16.40 ? 458 HIS A CG  1 
ATOM   738  N  ND1 . HIS A 1 94  ? -6.542  -9.693  -2.229  1.00 19.81 ? 458 HIS A ND1 1 
ATOM   739  C  CD2 . HIS A 1 94  ? -4.408  -10.158 -2.169  1.00 20.87 ? 458 HIS A CD2 1 
ATOM   740  C  CE1 . HIS A 1 94  ? -6.300  -10.547 -3.208  1.00 19.40 ? 458 HIS A CE1 1 
ATOM   741  N  NE2 . HIS A 1 94  ? -5.013  -10.846 -3.192  1.00 20.37 ? 458 HIS A NE2 1 
ATOM   742  N  N   . LEU A 1 95  ? -6.284  -7.633  2.579   1.00 6.52  ? 459 LEU A N   1 
ATOM   743  C  CA  . LEU A 1 95  ? -6.113  -6.741  3.720   1.00 6.59  ? 459 LEU A CA  1 
ATOM   744  C  C   . LEU A 1 95  ? -5.936  -7.570  4.988   1.00 9.26  ? 459 LEU A C   1 
ATOM   745  O  O   . LEU A 1 95  ? -5.099  -7.253  5.838   1.00 8.54  ? 459 LEU A O   1 
ATOM   746  C  CB  . LEU A 1 95  ? -7.332  -5.825  3.857   1.00 7.98  ? 459 LEU A CB  1 
ATOM   747  C  CG  . LEU A 1 95  ? -7.361  -4.672  2.850   1.00 9.09  ? 459 LEU A CG  1 
ATOM   748  C  CD1 . LEU A 1 95  ? -8.739  -4.009  2.848   1.00 8.59  ? 459 LEU A CD1 1 
ATOM   749  C  CD2 . LEU A 1 95  ? -6.271  -3.661  3.228   1.00 12.41 ? 459 LEU A CD2 1 
ATOM   750  N  N   . SER A 1 96  ? -6.729  -8.632  5.109   1.00 8.75  ? 460 SER A N   1 
ATOM   751  C  CA  . SER A 1 96  ? -6.643  -9.516  6.268   1.00 8.69  ? 460 SER A CA  1 
ATOM   752  C  C   . SER A 1 96  ? -5.244  -10.132 6.350   1.00 9.74  ? 460 SER A C   1 
ATOM   753  O  O   . SER A 1 96  ? -4.626  -10.168 7.423   1.00 7.04  ? 460 SER A O   1 
ATOM   754  C  CB  . SER A 1 96  ? -7.694  -10.626 6.151   1.00 10.97 ? 460 SER A CB  1 
ATOM   755  O  OG  . SER A 1 96  ? -7.693  -11.458 7.291   1.00 13.32 ? 460 SER A OG  1 
ATOM   756  N  N   . ALA A 1 97  ? -4.746  -10.609 5.209   1.00 7.73  ? 461 ALA A N   1 
ATOM   757  C  CA  . ALA A 1 97  ? -3.425  -11.232 5.127   1.00 10.30 ? 461 ALA A CA  1 
ATOM   758  C  C   . ALA A 1 97  ? -2.296  -10.267 5.491   1.00 10.51 ? 461 ALA A C   1 
ATOM   759  O  O   . ALA A 1 97  ? -1.343  -10.634 6.191   1.00 5.33  ? 461 ALA A O   1 
ATOM   760  C  CB  . ALA A 1 97  ? -3.199  -11.792 3.718   1.00 7.52  ? 461 ALA A CB  1 
ATOM   761  N  N   . VAL A 1 98  ? -2.393  -9.033  5.010   1.00 10.76 ? 462 VAL A N   1 
ATOM   762  C  CA  . VAL A 1 98  ? -1.365  -8.041  5.298   1.00 9.71  ? 462 VAL A CA  1 
ATOM   763  C  C   . VAL A 1 98  ? -1.443  -7.566  6.741   1.00 8.73  ? 462 VAL A C   1 
ATOM   764  O  O   . VAL A 1 98  ? -0.422  -7.435  7.419   1.00 9.78  ? 462 VAL A O   1 
ATOM   765  C  CB  . VAL A 1 98  ? -1.475  -6.833  4.334   1.00 10.90 ? 462 VAL A CB  1 
ATOM   766  C  CG1 . VAL A 1 98  ? -0.558  -5.700  4.791   1.00 12.15 ? 462 VAL A CG1 1 
ATOM   767  C  CG2 . VAL A 1 98  ? -1.083  -7.278  2.934   1.00 11.91 ? 462 VAL A CG2 1 
ATOM   768  N  N   . ARG A 1 99  ? -2.655  -7.310  7.215   1.00 7.54  ? 463 ARG A N   1 
ATOM   769  C  CA  . ARG A 1 99  ? -2.837  -6.862  8.590   1.00 8.75  ? 463 ARG A CA  1 
ATOM   770  C  C   . ARG A 1 99  ? -2.240  -7.877  9.575   1.00 8.58  ? 463 ARG A C   1 
ATOM   771  O  O   . ARG A 1 99  ? -1.610  -7.495  10.565  1.00 9.32  ? 463 ARG A O   1 
ATOM   772  C  CB  . ARG A 1 99  ? -4.329  -6.650  8.876   1.00 10.28 ? 463 ARG A CB  1 
ATOM   773  C  CG  . ARG A 1 99  ? -4.621  -5.919  10.177  1.00 18.32 ? 463 ARG A CG  1 
ATOM   774  C  CD  . ARG A 1 99  ? -6.107  -5.598  10.302  1.00 20.91 ? 463 ARG A CD  1 
ATOM   775  N  NE  . ARG A 1 99  ? -6.571  -4.664  9.277   1.00 27.20 ? 463 ARG A NE  1 
ATOM   776  C  CZ  . ARG A 1 99  ? -6.328  -3.357  9.283   1.00 24.19 ? 463 ARG A CZ  1 
ATOM   777  N  NH1 . ARG A 1 99  ? -5.624  -2.812  10.263  1.00 29.31 ? 463 ARG A NH1 1 
ATOM   778  N  NH2 . ARG A 1 99  ? -6.785  -2.591  8.302   1.00 25.73 ? 463 ARG A NH2 1 
ATOM   779  N  N   . ASP A 1 100 ? -2.429  -9.170  9.303   1.00 6.59  ? 464 ASP A N   1 
ATOM   780  C  CA  . ASP A 1 100 ? -1.887  -10.221 10.176  1.00 7.62  ? 464 ASP A CA  1 
ATOM   781  C  C   . ASP A 1 100 ? -0.364  -10.089 10.295  1.00 6.63  ? 464 ASP A C   1 
ATOM   782  O  O   . ASP A 1 100 ? 0.202   -10.205 11.385  1.00 9.29  ? 464 ASP A O   1 
ATOM   783  C  CB  . ASP A 1 100 ? -2.249  -11.610 9.628   1.00 8.99  ? 464 ASP A CB  1 
ATOM   784  C  CG  . ASP A 1 100 ? -1.485  -12.736 10.319  1.00 11.68 ? 464 ASP A CG  1 
ATOM   785  O  OD1 . ASP A 1 100 ? -1.703  -12.964 11.533  1.00 11.03 ? 464 ASP A OD1 1 
ATOM   786  O  OD2 . ASP A 1 100 ? -0.657  -13.389 9.641   1.00 11.15 ? 464 ASP A OD2 1 
ATOM   787  N  N   . VAL A 1 101 ? 0.300   -9.845  9.168   1.00 5.76  ? 465 VAL A N   1 
ATOM   788  C  CA  . VAL A 1 101 ? 1.753   -9.688  9.163   1.00 8.04  ? 465 VAL A CA  1 
ATOM   789  C  C   . VAL A 1 101 ? 2.166   -8.443  9.951   1.00 8.54  ? 465 VAL A C   1 
ATOM   790  O  O   . VAL A 1 101 ? 3.043   -8.493  10.823  1.00 8.06  ? 465 VAL A O   1 
ATOM   791  C  CB  . VAL A 1 101 ? 2.294   -9.563  7.716   1.00 8.23  ? 465 VAL A CB  1 
ATOM   792  C  CG1 . VAL A 1 101 ? 3.751   -9.089  7.742   1.00 8.10  ? 465 VAL A CG1 1 
ATOM   793  C  CG2 . VAL A 1 101 ? 2.188   -10.905 7.002   1.00 7.77  ? 465 VAL A CG2 1 
ATOM   794  N  N   . LEU A 1 102 ? 1.529   -7.323  9.635   1.00 7.06  ? 466 LEU A N   1 
ATOM   795  C  CA  . LEU A 1 102 ? 1.823   -6.063  10.301  1.00 9.67  ? 466 LEU A CA  1 
ATOM   796  C  C   . LEU A 1 102 ? 1.663   -6.142  11.815  1.00 10.62 ? 466 LEU A C   1 
ATOM   797  O  O   . LEU A 1 102 ? 2.559   -5.747  12.565  1.00 12.92 ? 466 LEU A O   1 
ATOM   798  C  CB  . LEU A 1 102 ? 0.910   -4.956  9.762   1.00 9.78  ? 466 LEU A CB  1 
ATOM   799  C  CG  . LEU A 1 102 ? 1.074   -4.554  8.293   1.00 11.25 ? 466 LEU A CG  1 
ATOM   800  C  CD1 . LEU A 1 102 ? 0.008   -3.520  7.930   1.00 16.53 ? 466 LEU A CD1 1 
ATOM   801  C  CD2 . LEU A 1 102 ? 2.464   -3.984  8.066   1.00 12.80 ? 466 LEU A CD2 1 
ATOM   802  N  N   . GLU A 1 103 ? 0.517   -6.647  12.265  1.00 8.42  ? 467 GLU A N   1 
ATOM   803  C  CA  . GLU A 1 103 ? 0.251   -6.727  13.693  1.00 12.33 ? 467 GLU A CA  1 
ATOM   804  C  C   . GLU A 1 103 ? 0.994   -7.817  14.447  1.00 13.71 ? 467 GLU A C   1 
ATOM   805  O  O   . GLU A 1 103 ? 1.533   -7.566  15.520  1.00 13.69 ? 467 GLU A O   1 
ATOM   806  C  CB  . GLU A 1 103 ? -1.247  -6.926  13.954  1.00 16.96 ? 467 GLU A CB  1 
ATOM   807  C  CG  . GLU A 1 103 ? -2.161  -5.898  13.310  1.00 19.60 ? 467 GLU A CG  1 
ATOM   808  C  CD  . GLU A 1 103 ? -3.615  -6.085  13.714  1.00 29.15 ? 467 GLU A CD  1 
ATOM   809  O  OE1 . GLU A 1 103 ? -4.015  -7.232  14.024  1.00 25.42 ? 467 GLU A OE1 1 
ATOM   810  O  OE2 . GLU A 1 103 ? -4.363  -5.085  13.708  1.00 22.33 ? 467 GLU A OE2 1 
ATOM   811  N  N   . ASN A 1 104 ? 1.033   -9.017  13.879  1.00 12.30 ? 468 ASN A N   1 
ATOM   812  C  CA  . ASN A 1 104 ? 1.628   -10.164 14.561  1.00 11.54 ? 468 ASN A CA  1 
ATOM   813  C  C   . ASN A 1 104 ? 3.075   -10.530 14.296  1.00 14.65 ? 468 ASN A C   1 
ATOM   814  O  O   . ASN A 1 104 ? 3.688   -11.246 15.097  1.00 17.26 ? 468 ASN A O   1 
ATOM   815  C  CB  . ASN A 1 104 ? 0.745   -11.387 14.304  1.00 10.84 ? 468 ASN A CB  1 
ATOM   816  C  CG  . ASN A 1 104 ? -0.701  -11.132 14.676  1.00 20.08 ? 468 ASN A CG  1 
ATOM   817  O  OD1 . ASN A 1 104 ? -1.609  -11.305 13.863  1.00 17.92 ? 468 ASN A OD1 1 
ATOM   818  N  ND2 . ASN A 1 104 ? -0.919  -10.707 15.914  1.00 16.07 ? 468 ASN A ND2 1 
ATOM   819  N  N   . GLU A 1 105 ? 3.628   -10.074 13.180  1.00 10.61 ? 469 GLU A N   1 
ATOM   820  C  CA  . GLU A 1 105 ? 5.019   -10.389 12.883  1.00 13.20 ? 469 GLU A CA  1 
ATOM   821  C  C   . GLU A 1 105 ? 5.916   -9.162  13.028  1.00 14.80 ? 469 GLU A C   1 
ATOM   822  O  O   . GLU A 1 105 ? 7.032   -9.257  13.535  1.00 15.95 ? 469 GLU A O   1 
ATOM   823  C  CB  . GLU A 1 105 ? 5.145   -10.964 11.464  1.00 11.53 ? 469 GLU A CB  1 
ATOM   824  C  CG  . GLU A 1 105 ? 4.479   -12.334 11.290  1.00 7.35  ? 469 GLU A CG  1 
ATOM   825  C  CD  . GLU A 1 105 ? 4.663   -12.911 9.900   1.00 10.46 ? 469 GLU A CD  1 
ATOM   826  O  OE1 . GLU A 1 105 ? 5.540   -12.414 9.154   1.00 10.16 ? 469 GLU A OE1 1 
ATOM   827  O  OE2 . GLU A 1 105 ? 3.939   -13.874 9.557   1.00 14.22 ? 469 GLU A OE2 1 
ATOM   828  N  N   . LEU A 1 106 ? 5.418   -8.010  12.591  1.00 11.57 ? 470 LEU A N   1 
ATOM   829  C  CA  . LEU A 1 106 ? 6.193   -6.775  12.642  1.00 14.75 ? 470 LEU A CA  1 
ATOM   830  C  C   . LEU A 1 106 ? 5.879   -5.901  13.851  1.00 16.40 ? 470 LEU A C   1 
ATOM   831  O  O   . LEU A 1 106 ? 6.584   -4.926  14.116  1.00 17.49 ? 470 LEU A O   1 
ATOM   832  C  CB  . LEU A 1 106 ? 5.963   -5.981  11.357  1.00 8.72  ? 470 LEU A CB  1 
ATOM   833  C  CG  . LEU A 1 106 ? 6.224   -6.778  10.070  1.00 12.87 ? 470 LEU A CG  1 
ATOM   834  C  CD1 . LEU A 1 106 ? 5.806   -5.960  8.866   1.00 10.19 ? 470 LEU A CD1 1 
ATOM   835  C  CD2 . LEU A 1 106 ? 7.694   -7.158  9.981   1.00 19.12 ? 470 LEU A CD2 1 
ATOM   836  N  N   . GLY A 1 107 ? 4.824   -6.251  14.580  1.00 15.54 ? 471 GLY A N   1 
ATOM   837  C  CA  . GLY A 1 107 ? 4.446   -5.479  15.751  1.00 16.60 ? 471 GLY A CA  1 
ATOM   838  C  C   . GLY A 1 107 ? 4.155   -4.023  15.427  1.00 20.10 ? 471 GLY A C   1 
ATOM   839  O  O   . GLY A 1 107 ? 4.486   -3.133  16.207  1.00 19.13 ? 471 GLY A O   1 
ATOM   840  N  N   . LEU A 1 108 ? 3.531   -3.782  14.279  1.00 12.13 ? 472 LEU A N   1 
ATOM   841  C  CA  . LEU A 1 108 ? 3.209   -2.423  13.856  1.00 14.99 ? 472 LEU A CA  1 
ATOM   842  C  C   . LEU A 1 108 ? 1.717   -2.135  13.931  1.00 18.97 ? 472 LEU A C   1 
ATOM   843  O  O   . LEU A 1 108 ? 0.888   -3.005  13.653  1.00 23.80 ? 472 LEU A O   1 
ATOM   844  C  CB  . LEU A 1 108 ? 3.680   -2.190  12.415  1.00 12.88 ? 472 LEU A CB  1 
ATOM   845  C  CG  . LEU A 1 108 ? 5.177   -2.289  12.112  1.00 13.21 ? 472 LEU A CG  1 
ATOM   846  C  CD1 . LEU A 1 108 ? 5.398   -2.245  10.602  1.00 14.90 ? 472 LEU A CD1 1 
ATOM   847  C  CD2 . LEU A 1 108 ? 5.918   -1.147  12.795  1.00 16.81 ? 472 LEU A CD2 1 
ATOM   848  N  N   . ASP A 1 109 ? 1.378   -0.908  14.309  1.00 24.79 ? 473 ASP A N   1 
ATOM   849  C  CA  . ASP A 1 109 ? -0.017  -0.494  14.385  1.00 26.79 ? 473 ASP A CA  1 
ATOM   850  C  C   . ASP A 1 109 ? -0.198  0.615   13.352  1.00 28.78 ? 473 ASP A C   1 
ATOM   851  O  O   . ASP A 1 109 ? -0.689  1.704   13.655  1.00 33.90 ? 473 ASP A O   1 
ATOM   852  C  CB  . ASP A 1 109 ? -0.360  0.017   15.790  1.00 72.06 ? 473 ASP A CB  1 
ATOM   853  C  CG  . ASP A 1 109 ? 0.459   1.226   16.192  1.00 79.99 ? 473 ASP A CG  1 
ATOM   854  O  OD1 . ASP A 1 109 ? 1.701   1.113   16.251  1.00 93.17 ? 473 ASP A OD1 1 
ATOM   855  O  OD2 . ASP A 1 109 ? -0.139  2.290   16.452  1.00 88.69 ? 473 ASP A OD2 1 
ATOM   856  N  N   . VAL A 1 110 ? 0.214   0.321   12.125  1.00 15.42 ? 474 VAL A N   1 
ATOM   857  C  CA  . VAL A 1 110 ? 0.126   1.272   11.022  1.00 13.30 ? 474 VAL A CA  1 
ATOM   858  C  C   . VAL A 1 110 ? -1.205  1.155   10.281  1.00 10.73 ? 474 VAL A C   1 
ATOM   859  O  O   . VAL A 1 110 ? -1.640  0.056   9.934   1.00 12.66 ? 474 VAL A O   1 
ATOM   860  C  CB  . VAL A 1 110 ? 1.273   1.043   10.009  1.00 23.24 ? 474 VAL A CB  1 
ATOM   861  C  CG1 . VAL A 1 110 ? 1.156   2.022   8.847   1.00 21.32 ? 474 VAL A CG1 1 
ATOM   862  C  CG2 . VAL A 1 110 ? 2.617   1.194   10.706  1.00 22.72 ? 474 VAL A CG2 1 
ATOM   863  N  N   . PRO A 1 111 ? -1.877  2.290   10.043  1.00 13.99 ? 475 PRO A N   1 
ATOM   864  C  CA  . PRO A 1 111 ? -3.159  2.272   9.330   1.00 12.63 ? 475 PRO A CA  1 
ATOM   865  C  C   . PRO A 1 111 ? -2.975  1.570   7.978   1.00 13.68 ? 475 PRO A C   1 
ATOM   866  O  O   . PRO A 1 111 ? -1.983  1.791   7.285   1.00 11.45 ? 475 PRO A O   1 
ATOM   867  C  CB  . PRO A 1 111 ? -3.482  3.754   9.175   1.00 16.21 ? 475 PRO A CB  1 
ATOM   868  C  CG  . PRO A 1 111 ? -2.891  4.349   10.420  1.00 16.76 ? 475 PRO A CG  1 
ATOM   869  C  CD  . PRO A 1 111 ? -1.549  3.652   10.503  1.00 14.18 ? 475 PRO A CD  1 
ATOM   870  N  N   . LEU A 1 112 ? -3.927  0.723   7.614   1.00 12.68 ? 476 LEU A N   1 
ATOM   871  C  CA  . LEU A 1 112 ? -3.858  -0.024  6.364   1.00 11.57 ? 476 LEU A CA  1 
ATOM   872  C  C   . LEU A 1 112 ? -5.155  0.137   5.591   1.00 10.64 ? 476 LEU A C   1 
ATOM   873  O  O   . LEU A 1 112 ? -6.235  -0.007  6.160   1.00 13.62 ? 476 LEU A O   1 
ATOM   874  C  CB  . LEU A 1 112 ? -3.624  -1.511  6.661   1.00 10.77 ? 476 LEU A CB  1 
ATOM   875  C  CG  . LEU A 1 112 ? -3.660  -2.493  5.484   1.00 9.99  ? 476 LEU A CG  1 
ATOM   876  C  CD1 . LEU A 1 112 ? -2.476  -2.238  4.561   1.00 12.50 ? 476 LEU A CD1 1 
ATOM   877  C  CD2 . LEU A 1 112 ? -3.603  -3.924  6.004   1.00 8.29  ? 476 LEU A CD2 1 
ATOM   878  N  N   . ALA A 1 113 ? -5.053  0.427   4.298   1.00 8.03  ? 477 ALA A N   1 
ATOM   879  C  CA  . ALA A 1 113 ? -6.243  0.589   3.467   1.00 10.05 ? 477 ALA A CA  1 
ATOM   880  C  C   . ALA A 1 113 ? -6.104  -0.165  2.155   1.00 12.67 ? 477 ALA A C   1 
ATOM   881  O  O   . ALA A 1 113 ? -4.995  -0.417  1.692   1.00 12.66 ? 477 ALA A O   1 
ATOM   882  C  CB  . ALA A 1 113 ? -6.497  2.063   3.197   1.00 11.91 ? 477 ALA A CB  1 
ATOM   883  N  N   . GLY A 1 114 ? -7.238  -0.530  1.564   1.00 8.47  ? 478 GLY A N   1 
ATOM   884  C  CA  . GLY A 1 114 ? -7.223  -1.255  0.306   1.00 13.12 ? 478 GLY A CA  1 
ATOM   885  C  C   . GLY A 1 114 ? -7.585  -0.371  -0.874  1.00 18.81 ? 478 GLY A C   1 
ATOM   886  O  O   . GLY A 1 114 ? -8.534  0.410   -0.796  1.00 17.42 ? 478 GLY A O   1 
ATOM   887  N  N   . LEU A 1 115 ? -6.823  -0.515  -1.957  1.00 29.10 ? 479 LEU A N   1 
ATOM   888  C  CA  . LEU A 1 115 ? -6.974  0.237   -3.204  1.00 35.27 ? 479 LEU A CA  1 
ATOM   889  C  C   . LEU A 1 115 ? -7.645  1.595   -3.073  1.00 36.97 ? 479 LEU A C   1 
ATOM   890  O  O   . LEU A 1 115 ? -7.295  2.537   -3.790  1.00 40.78 ? 479 LEU A O   1 
ATOM   891  C  CB  . LEU A 1 115 ? -7.710  -0.603  -4.258  1.00 69.00 ? 479 LEU A CB  1 
ATOM   892  C  CG  . LEU A 1 115 ? -9.104  -1.166  -3.966  1.00 61.38 ? 479 LEU A CG  1 
ATOM   893  C  CD1 . LEU A 1 115 ? -9.723  -1.667  -5.262  1.00 67.08 ? 479 LEU A CD1 1 
ATOM   894  C  CD2 . LEU A 1 115 ? -9.018  -2.290  -2.943  1.00 58.12 ? 479 LEU A CD2 1 
ATOM   895  N  N   . SER A 1 124 ? -12.319 2.665   -9.027  1.00 44.04 ? 488 SER A N   1 
ATOM   896  C  CA  . SER A 1 124 ? -11.541 2.751   -7.796  1.00 44.04 ? 488 SER A CA  1 
ATOM   897  C  C   . SER A 1 124 ? -12.454 2.715   -6.573  1.00 44.04 ? 488 SER A C   1 
ATOM   898  O  O   . SER A 1 124 ? -13.428 3.464   -6.495  1.00 44.04 ? 488 SER A O   1 
ATOM   899  C  CB  . SER A 1 124 ? -10.720 4.044   -7.785  1.00 72.78 ? 488 SER A CB  1 
ATOM   900  O  OG  . SER A 1 124 ? -9.862  4.117   -8.911  1.00 72.78 ? 488 SER A OG  1 
ATOM   901  N  N   . GLU A 1 125 ? -12.137 1.842   -5.621  1.00 28.66 ? 489 GLU A N   1 
ATOM   902  C  CA  . GLU A 1 125 ? -12.928 1.712   -4.400  1.00 28.66 ? 489 GLU A CA  1 
ATOM   903  C  C   . GLU A 1 125 ? -11.996 1.594   -3.194  1.00 28.66 ? 489 GLU A C   1 
ATOM   904  O  O   . GLU A 1 125 ? -11.088 0.770   -3.183  1.00 28.66 ? 489 GLU A O   1 
ATOM   905  C  CB  . GLU A 1 125 ? -13.831 0.483   -4.495  1.00 57.51 ? 489 GLU A CB  1 
ATOM   906  C  CG  . GLU A 1 125 ? -14.865 0.377   -3.393  1.00 57.51 ? 489 GLU A CG  1 
ATOM   907  C  CD  . GLU A 1 125 ? -15.834 -0.769  -3.621  1.00 57.51 ? 489 GLU A CD  1 
ATOM   908  O  OE1 . GLU A 1 125 ? -15.381 -1.935  -3.656  1.00 57.51 ? 489 GLU A OE1 1 
ATOM   909  O  OE2 . GLU A 1 125 ? -17.047 -0.504  -3.770  1.00 57.51 ? 489 GLU A OE2 1 
ATOM   910  N  N   . LEU A 1 126 ? -12.222 2.424   -2.182  1.00 15.16 ? 490 LEU A N   1 
ATOM   911  C  CA  . LEU A 1 126 ? -11.384 2.419   -0.988  1.00 15.16 ? 490 LEU A CA  1 
ATOM   912  C  C   . LEU A 1 126 ? -11.974 1.588   0.150   1.00 15.16 ? 490 LEU A C   1 
ATOM   913  O  O   . LEU A 1 126 ? -13.110 1.813   0.576   1.00 15.16 ? 490 LEU A O   1 
ATOM   914  C  CB  . LEU A 1 126 ? -11.155 3.856   -0.507  1.00 15.16 ? 490 LEU A CB  1 
ATOM   915  C  CG  . LEU A 1 126 ? -10.264 4.054   0.725   1.00 15.16 ? 490 LEU A CG  1 
ATOM   916  C  CD1 . LEU A 1 126 ? -8.816  3.686   0.392   1.00 15.16 ? 490 LEU A CD1 1 
ATOM   917  C  CD2 . LEU A 1 126 ? -10.344 5.497   1.191   1.00 15.16 ? 490 LEU A CD2 1 
ATOM   918  N  N   . LEU A 1 127 ? -11.192 0.621   0.627   1.00 15.06 ? 491 LEU A N   1 
ATOM   919  C  CA  . LEU A 1 127 ? -11.589 -0.240  1.734   1.00 15.06 ? 491 LEU A CA  1 
ATOM   920  C  C   . LEU A 1 127 ? -10.791 0.173   2.964   1.00 15.06 ? 491 LEU A C   1 
ATOM   921  O  O   . LEU A 1 127 ? -9.565  0.279   2.907   1.00 15.06 ? 491 LEU A O   1 
ATOM   922  C  CB  . LEU A 1 127 ? -11.297 -1.710  1.409   1.00 16.99 ? 491 LEU A CB  1 
ATOM   923  C  CG  . LEU A 1 127 ? -12.207 -2.404  0.392   1.00 16.99 ? 491 LEU A CG  1 
ATOM   924  C  CD1 . LEU A 1 127 ? -11.672 -3.803  0.079   1.00 16.99 ? 491 LEU A CD1 1 
ATOM   925  C  CD2 . LEU A 1 127 ? -13.617 -2.494  0.955   1.00 16.99 ? 491 LEU A CD2 1 
ATOM   926  N  N   . ALA A 1 128 ? -11.475 0.400   4.076   1.00 11.02 ? 492 ALA A N   1 
ATOM   927  C  CA  . ALA A 1 128 ? -10.791 0.807   5.296   1.00 11.02 ? 492 ALA A CA  1 
ATOM   928  C  C   . ALA A 1 128 ? -11.430 0.204   6.534   1.00 11.02 ? 492 ALA A C   1 
ATOM   929  O  O   . ALA A 1 128 ? -12.583 -0.238  6.499   1.00 11.02 ? 492 ALA A O   1 
ATOM   930  C  CB  . ALA A 1 128 ? -10.784 2.321   5.407   1.00 19.46 ? 492 ALA A CB  1 
ATOM   931  N  N   . GLY A 1 129 ? -10.678 0.215   7.631   1.00 14.07 ? 493 GLY A N   1 
ATOM   932  C  CA  . GLY A 1 129 ? -11.163 -0.338  8.880   1.00 14.07 ? 493 GLY A CA  1 
ATOM   933  C  C   . GLY A 1 129 ? -10.864 -1.821  9.000   1.00 14.07 ? 493 GLY A C   1 
ATOM   934  O  O   . GLY A 1 129 ? -10.409 -2.455  8.044   1.00 14.07 ? 493 GLY A O   1 
ATOM   935  N  N   . ASP A 1 130 ? -11.118 -2.371  10.183  1.00 11.59 ? 494 ASP A N   1 
ATOM   936  C  CA  . ASP A 1 130 ? -10.895 -3.788  10.448  1.00 11.59 ? 494 ASP A CA  1 
ATOM   937  C  C   . ASP A 1 130 ? -12.060 -4.303  11.295  1.00 11.59 ? 494 ASP A C   1 
ATOM   938  O  O   . ASP A 1 130 ? -12.174 -3.941  12.465  1.00 11.59 ? 494 ASP A O   1 
ATOM   939  C  CB  . ASP A 1 130 ? -9.591  -3.986  11.225  1.00 15.64 ? 494 ASP A CB  1 
ATOM   940  C  CG  . ASP A 1 130 ? -9.264  -5.459  11.460  1.00 15.64 ? 494 ASP A CG  1 
ATOM   941  O  OD1 . ASP A 1 130 ? -8.576  -5.757  12.455  1.00 15.64 ? 494 ASP A OD1 1 
ATOM   942  O  OD2 . ASP A 1 130 ? -9.686  -6.312  10.649  1.00 15.64 ? 494 ASP A OD2 1 
ATOM   943  N  N   . PRO A 1 131 ? -12.956 -5.120  10.710  1.00 20.59 ? 495 PRO A N   1 
ATOM   944  C  CA  . PRO A 1 131 ? -12.987 -5.612  9.325   1.00 18.36 ? 495 PRO A CA  1 
ATOM   945  C  C   . PRO A 1 131 ? -13.198 -4.449  8.359   1.00 15.01 ? 495 PRO A C   1 
ATOM   946  O  O   . PRO A 1 131 ? -13.861 -3.466  8.691   1.00 11.18 ? 495 PRO A O   1 
ATOM   947  C  CB  . PRO A 1 131 ? -14.180 -6.567  9.318   1.00 21.22 ? 495 PRO A CB  1 
ATOM   948  C  CG  . PRO A 1 131 ? -14.302 -6.988  10.747  1.00 19.86 ? 495 PRO A CG  1 
ATOM   949  C  CD  . PRO A 1 131 ? -14.054 -5.712  11.488  1.00 17.68 ? 495 PRO A CD  1 
ATOM   950  N  N   . PRO A 1 132 ? -12.650 -4.550  7.145   1.00 11.02 ? 496 PRO A N   1 
ATOM   951  C  CA  . PRO A 1 132 ? -12.817 -3.453  6.188   1.00 10.83 ? 496 PRO A CA  1 
ATOM   952  C  C   . PRO A 1 132 ? -14.144 -3.374  5.449   1.00 10.39 ? 496 PRO A C   1 
ATOM   953  O  O   . PRO A 1 132 ? -14.832 -4.374  5.255   1.00 11.18 ? 496 PRO A O   1 
ATOM   954  C  CB  . PRO A 1 132 ? -11.650 -3.656  5.227   1.00 13.74 ? 496 PRO A CB  1 
ATOM   955  C  CG  . PRO A 1 132 ? -11.515 -5.151  5.193   1.00 20.31 ? 496 PRO A CG  1 
ATOM   956  C  CD  . PRO A 1 132 ? -11.681 -5.546  6.652   1.00 17.34 ? 496 PRO A CD  1 
ATOM   957  N  N   . ASP A 1 133 ? -14.493 -2.157  5.045   1.00 11.26 ? 497 ASP A N   1 
ATOM   958  C  CA  . ASP A 1 133 ? -15.703 -1.926  4.265   1.00 14.05 ? 497 ASP A CA  1 
ATOM   959  C  C   . ASP A 1 133 ? -15.430 -0.678  3.436   1.00 14.66 ? 497 ASP A C   1 
ATOM   960  O  O   . ASP A 1 133 ? -14.487 0.068   3.715   1.00 11.95 ? 497 ASP A O   1 
ATOM   961  C  CB  . ASP A 1 133 ? -16.935 -1.720  5.160   1.00 11.76 ? 497 ASP A CB  1 
ATOM   962  C  CG  . ASP A 1 133 ? -18.219 -2.241  4.509   1.00 20.44 ? 497 ASP A CG  1 
ATOM   963  O  OD1 . ASP A 1 133 ? -18.301 -2.241  3.258   1.00 16.99 ? 497 ASP A OD1 1 
ATOM   964  O  OD2 . ASP A 1 133 ? -19.149 -2.644  5.242   1.00 20.92 ? 497 ASP A OD2 1 
ATOM   965  N  N   . VAL A 1 134 ? -16.248 -0.457  2.419   1.00 21.34 ? 498 VAL A N   1 
ATOM   966  C  CA  . VAL A 1 134 ? -16.078 0.683   1.529   1.00 20.36 ? 498 VAL A CA  1 
ATOM   967  C  C   . VAL A 1 134 ? -16.266 2.054   2.174   1.00 22.92 ? 498 VAL A C   1 
ATOM   968  O  O   . VAL A 1 134 ? -17.190 2.266   2.958   1.00 23.82 ? 498 VAL A O   1 
ATOM   969  C  CB  . VAL A 1 134 ? -17.046 0.579   0.337   1.00 22.83 ? 498 VAL A CB  1 
ATOM   970  C  CG1 . VAL A 1 134 ? -16.817 1.732   -0.632  1.00 27.40 ? 498 VAL A CG1 1 
ATOM   971  C  CG2 . VAL A 1 134 ? -16.865 -0.758  -0.356  1.00 25.42 ? 498 VAL A CG2 1 
ATOM   972  N  N   . VAL A 1 135 ? -15.366 2.977   1.847   1.00 13.66 ? 499 VAL A N   1 
ATOM   973  C  CA  . VAL A 1 135 ? -15.456 4.346   2.333   1.00 15.86 ? 499 VAL A CA  1 
ATOM   974  C  C   . VAL A 1 135 ? -16.029 5.094   1.130   1.00 20.62 ? 499 VAL A C   1 
ATOM   975  O  O   . VAL A 1 135 ? -15.380 5.196   0.084   1.00 19.26 ? 499 VAL A O   1 
ATOM   976  C  CB  . VAL A 1 135 ? -14.070 4.926   2.688   1.00 23.87 ? 499 VAL A CB  1 
ATOM   977  C  CG1 . VAL A 1 135 ? -14.222 6.356   3.182   1.00 26.15 ? 499 VAL A CG1 1 
ATOM   978  C  CG2 . VAL A 1 135 ? -13.402 4.068   3.759   1.00 24.15 ? 499 VAL A CG2 1 
ATOM   979  N  N   . PRO A 1 136 ? -17.264 5.606   1.254   1.00 34.10 ? 500 PRO A N   1 
ATOM   980  C  CA  . PRO A 1 136 ? -17.957 6.339   0.188   1.00 37.03 ? 500 PRO A CA  1 
ATOM   981  C  C   . PRO A 1 136 ? -17.363 7.704   -0.143  1.00 38.82 ? 500 PRO A C   1 
ATOM   982  O  O   . PRO A 1 136 ? -17.893 8.736   0.268   1.00 44.10 ? 500 PRO A O   1 
ATOM   983  C  CB  . PRO A 1 136 ? -19.377 6.447   0.727   1.00 20.89 ? 500 PRO A CB  1 
ATOM   984  C  CG  . PRO A 1 136 ? -19.133 6.645   2.189   1.00 23.76 ? 500 PRO A CG  1 
ATOM   985  C  CD  . PRO A 1 136 ? -18.067 5.606   2.490   1.00 21.87 ? 500 PRO A CD  1 
ATOM   986  N  N   . LEU A 1 137 ? -16.275 7.709   -0.903  1.00 24.12 ? 501 LEU A N   1 
ATOM   987  C  CA  . LEU A 1 137 ? -15.628 8.961   -1.280  1.00 22.89 ? 501 LEU A CA  1 
ATOM   988  C  C   . LEU A 1 137 ? -16.266 9.594   -2.506  1.00 24.36 ? 501 LEU A C   1 
ATOM   989  O  O   . LEU A 1 137 ? -16.798 8.901   -3.374  1.00 23.12 ? 501 LEU A O   1 
ATOM   990  C  CB  . LEU A 1 137 ? -14.150 8.728   -1.593  1.00 23.12 ? 501 LEU A CB  1 
ATOM   991  C  CG  . LEU A 1 137 ? -13.239 8.184   -0.493  1.00 22.26 ? 501 LEU A CG  1 
ATOM   992  C  CD1 . LEU A 1 137 ? -11.838 8.025   -1.063  1.00 26.80 ? 501 LEU A CD1 1 
ATOM   993  C  CD2 . LEU A 1 137 ? -13.233 9.123   0.703   1.00 25.32 ? 501 LEU A CD2 1 
ATOM   994  N  N   . ASP A 1 138 ? -16.212 10.921  -2.573  1.00 22.58 ? 502 ASP A N   1 
ATOM   995  C  CA  . ASP A 1 138 ? -16.729 11.625  -3.734  1.00 23.62 ? 502 ASP A CA  1 
ATOM   996  C  C   . ASP A 1 138 ? -15.584 11.656  -4.745  1.00 23.80 ? 502 ASP A C   1 
ATOM   997  O  O   . ASP A 1 138 ? -14.435 11.901  -4.376  1.00 23.99 ? 502 ASP A O   1 
ATOM   998  C  CB  . ASP A 1 138 ? -17.131 13.053  -3.383  1.00 21.91 ? 502 ASP A CB  1 
ATOM   999  C  CG  . ASP A 1 138 ? -17.440 13.876  -4.618  1.00 26.38 ? 502 ASP A CG  1 
ATOM   1000 O  OD1 . ASP A 1 138 ? -18.351 13.481  -5.378  1.00 26.46 ? 502 ASP A OD1 1 
ATOM   1001 O  OD2 . ASP A 1 138 ? -16.765 14.907  -4.830  1.00 27.66 ? 502 ASP A OD2 1 
ATOM   1002 N  N   . ARG A 1 139 ? -15.903 11.412  -6.012  1.00 22.85 ? 503 ARG A N   1 
ATOM   1003 C  CA  . ARG A 1 139 ? -14.905 11.380  -7.078  1.00 24.00 ? 503 ARG A CA  1 
ATOM   1004 C  C   . ARG A 1 139 ? -14.184 12.702  -7.339  1.00 25.50 ? 503 ARG A C   1 
ATOM   1005 O  O   . ARG A 1 139 ? -13.208 12.740  -8.088  1.00 24.97 ? 503 ARG A O   1 
ATOM   1006 C  CB  . ARG A 1 139 ? -15.558 10.899  -8.374  1.00 43.83 ? 503 ARG A CB  1 
ATOM   1007 C  CG  . ARG A 1 139 ? -16.133 9.498   -8.296  1.00 49.41 ? 503 ARG A CG  1 
ATOM   1008 C  CD  . ARG A 1 139 ? -15.045 8.446   -8.378  1.00 53.27 ? 503 ARG A CD  1 
ATOM   1009 N  NE  . ARG A 1 139 ? -15.573 7.096   -8.208  1.00 64.71 ? 503 ARG A NE  1 
ATOM   1010 C  CZ  . ARG A 1 139 ? -14.892 5.985   -8.477  1.00 64.44 ? 503 ARG A CZ  1 
ATOM   1011 N  NH1 . ARG A 1 139 ? -13.649 6.060   -8.936  1.00 61.87 ? 503 ARG A NH1 1 
ATOM   1012 N  NH2 . ARG A 1 139 ? -15.452 4.798   -8.281  1.00 62.92 ? 503 ARG A NH2 1 
ATOM   1013 N  N   . GLN A 1 140 ? -14.659 13.787  -6.738  1.00 20.03 ? 504 GLN A N   1 
ATOM   1014 C  CA  . GLN A 1 140 ? -14.019 15.078  -6.940  1.00 19.79 ? 504 GLN A CA  1 
ATOM   1015 C  C   . GLN A 1 140 ? -13.551 15.676  -5.629  1.00 20.80 ? 504 GLN A C   1 
ATOM   1016 O  O   . GLN A 1 140 ? -13.381 16.892  -5.509  1.00 23.01 ? 504 GLN A O   1 
ATOM   1017 C  CB  . GLN A 1 140 ? -14.970 16.046  -7.653  1.00 34.15 ? 504 GLN A CB  1 
ATOM   1018 C  CG  . GLN A 1 140 ? -15.281 15.659  -9.095  1.00 32.68 ? 504 GLN A CG  1 
ATOM   1019 C  CD  . GLN A 1 140 ? -16.048 16.741  -9.840  1.00 47.30 ? 504 GLN A CD  1 
ATOM   1020 O  OE1 . GLN A 1 140 ? -17.137 17.142  -9.431  1.00 47.01 ? 504 GLN A OE1 1 
ATOM   1021 N  NE2 . GLN A 1 140 ? -15.477 17.219  -10.940 1.00 52.93 ? 504 GLN A NE2 1 
ATOM   1022 N  N   . SER A 1 141 ? -13.341 14.811  -4.642  1.00 15.27 ? 505 SER A N   1 
ATOM   1023 C  CA  . SER A 1 141 ? -12.874 15.257  -3.340  1.00 13.74 ? 505 SER A CA  1 
ATOM   1024 C  C   . SER A 1 141 ? -11.351 15.251  -3.356  1.00 12.57 ? 505 SER A C   1 
ATOM   1025 O  O   . SER A 1 141 ? -10.735 14.541  -4.154  1.00 13.14 ? 505 SER A O   1 
ATOM   1026 C  CB  . SER A 1 141 ? -13.370 14.312  -2.246  1.00 21.27 ? 505 SER A CB  1 
ATOM   1027 O  OG  . SER A 1 141 ? -12.775 13.034  -2.383  1.00 20.19 ? 505 SER A OG  1 
ATOM   1028 N  N   . GLN A 1 142 ? -10.751 16.030  -2.465  1.00 13.01 ? 506 GLN A N   1 
ATOM   1029 C  CA  . GLN A 1 142 ? -9.303  16.105  -2.366  1.00 14.54 ? 506 GLN A CA  1 
ATOM   1030 C  C   . GLN A 1 142 ? -8.665  14.760  -2.011  1.00 16.62 ? 506 GLN A C   1 
ATOM   1031 O  O   . GLN A 1 142 ? -7.600  14.429  -2.528  1.00 13.96 ? 506 GLN A O   1 
ATOM   1032 C  CB  . GLN A 1 142 ? -8.906  17.156  -1.330  1.00 20.01 ? 506 GLN A CB  1 
ATOM   1033 C  CG  . GLN A 1 142 ? -9.193  18.586  -1.771  1.00 18.85 ? 506 GLN A CG  1 
ATOM   1034 C  CD  . GLN A 1 142 ? -8.443  18.960  -3.036  1.00 24.02 ? 506 GLN A CD  1 
ATOM   1035 O  OE1 . GLN A 1 142 ? -9.048  19.259  -4.068  1.00 24.59 ? 506 GLN A OE1 1 
ATOM   1036 N  NE2 . GLN A 1 142 ? -7.116  18.942  -2.964  1.00 24.42 ? 506 GLN A NE2 1 
ATOM   1037 N  N   . GLU A 1 143 ? -9.310  13.987  -1.136  1.00 16.79 ? 507 GLU A N   1 
ATOM   1038 C  CA  . GLU A 1 143 ? -8.758  12.693  -0.743  1.00 17.99 ? 507 GLU A CA  1 
ATOM   1039 C  C   . GLU A 1 143 ? -8.777  11.724  -1.918  1.00 17.79 ? 507 GLU A C   1 
ATOM   1040 O  O   . GLU A 1 143 ? -7.851  10.932  -2.092  1.00 18.04 ? 507 GLU A O   1 
ATOM   1041 C  CB  . GLU A 1 143 ? -9.529  12.095  0.445   1.00 22.12 ? 507 GLU A CB  1 
ATOM   1042 C  CG  . GLU A 1 143 ? -11.013 11.930  0.204   1.00 26.64 ? 507 GLU A CG  1 
ATOM   1043 C  CD  . GLU A 1 143 ? -11.812 13.125  0.684   1.00 28.05 ? 507 GLU A CD  1 
ATOM   1044 O  OE1 . GLU A 1 143 ? -11.323 14.267  0.544   1.00 26.43 ? 507 GLU A OE1 1 
ATOM   1045 O  OE2 . GLU A 1 143 ? -12.933 12.917  1.191   1.00 30.63 ? 507 GLU A OE2 1 
ATOM   1046 N  N   . PHE A 1 144 ? -9.828  11.789  -2.729  1.00 11.34 ? 508 PHE A N   1 
ATOM   1047 C  CA  . PHE A 1 144 ? -9.920  10.918  -3.891  1.00 12.43 ? 508 PHE A CA  1 
ATOM   1048 C  C   . PHE A 1 144 ? -8.842  11.313  -4.905  1.00 10.85 ? 508 PHE A C   1 
ATOM   1049 O  O   . PHE A 1 144 ? -8.211  10.445  -5.520  1.00 14.07 ? 508 PHE A O   1 
ATOM   1050 C  CB  . PHE A 1 144 ? -11.299 11.025  -4.550  1.00 12.77 ? 508 PHE A CB  1 
ATOM   1051 C  CG  . PHE A 1 144 ? -11.430 10.207  -5.803  1.00 19.90 ? 508 PHE A CG  1 
ATOM   1052 C  CD1 . PHE A 1 144 ? -11.725 8.849   -5.739  1.00 23.35 ? 508 PHE A CD1 1 
ATOM   1053 C  CD2 . PHE A 1 144 ? -11.206 10.783  -7.049  1.00 23.58 ? 508 PHE A CD2 1 
ATOM   1054 C  CE1 . PHE A 1 144 ? -11.797 8.076   -6.892  1.00 24.88 ? 508 PHE A CE1 1 
ATOM   1055 C  CE2 . PHE A 1 144 ? -11.276 10.019  -8.211  1.00 25.84 ? 508 PHE A CE2 1 
ATOM   1056 C  CZ  . PHE A 1 144 ? -11.571 8.659   -8.132  1.00 29.86 ? 508 PHE A CZ  1 
ATOM   1057 N  N   . TYR A 1 145 ? -8.627  12.616  -5.077  1.00 13.04 ? 509 TYR A N   1 
ATOM   1058 C  CA  . TYR A 1 145 ? -7.616  13.086  -6.026  1.00 12.14 ? 509 TYR A CA  1 
ATOM   1059 C  C   . TYR A 1 145 ? -6.228  12.604  -5.623  1.00 12.67 ? 509 TYR A C   1 
ATOM   1060 O  O   . TYR A 1 145 ? -5.424  12.235  -6.472  1.00 13.19 ? 509 TYR A O   1 
ATOM   1061 C  CB  . TYR A 1 145 ? -7.595  14.615  -6.113  1.00 10.74 ? 509 TYR A CB  1 
ATOM   1062 C  CG  . TYR A 1 145 ? -8.781  15.235  -6.830  1.00 10.59 ? 509 TYR A CG  1 
ATOM   1063 C  CD1 . TYR A 1 145 ? -9.343  14.630  -7.955  1.00 12.79 ? 509 TYR A CD1 1 
ATOM   1064 C  CD2 . TYR A 1 145 ? -9.302  16.459  -6.410  1.00 14.87 ? 509 TYR A CD2 1 
ATOM   1065 C  CE1 . TYR A 1 145 ? -10.402 15.238  -8.650  1.00 17.50 ? 509 TYR A CE1 1 
ATOM   1066 C  CE2 . TYR A 1 145 ? -10.353 17.072  -7.094  1.00 18.55 ? 509 TYR A CE2 1 
ATOM   1067 C  CZ  . TYR A 1 145 ? -10.897 16.458  -8.209  1.00 17.09 ? 509 TYR A CZ  1 
ATOM   1068 O  OH  . TYR A 1 145 ? -11.943 17.070  -8.870  1.00 19.42 ? 509 TYR A OH  1 
ATOM   1069 N  N   . LEU A 1 146 ? -5.946  12.632  -4.326  1.00 13.01 ? 510 LEU A N   1 
ATOM   1070 C  CA  . LEU A 1 146 ? -4.654  12.178  -3.835  1.00 14.30 ? 510 LEU A CA  1 
ATOM   1071 C  C   . LEU A 1 146 ? -4.468  10.702  -4.182  1.00 12.35 ? 510 LEU A C   1 
ATOM   1072 O  O   . LEU A 1 146 ? -3.426  10.306  -4.697  1.00 14.50 ? 510 LEU A O   1 
ATOM   1073 C  CB  . LEU A 1 146 ? -4.556  12.375  -2.322  1.00 13.62 ? 510 LEU A CB  1 
ATOM   1074 C  CG  . LEU A 1 146 ? -3.369  11.689  -1.626  1.00 11.78 ? 510 LEU A CG  1 
ATOM   1075 C  CD1 . LEU A 1 146 ? -2.056  12.097  -2.282  1.00 13.85 ? 510 LEU A CD1 1 
ATOM   1076 C  CD2 . LEU A 1 146 ? -3.375  12.062  -0.153  1.00 16.03 ? 510 LEU A CD2 1 
ATOM   1077 N  N   . LEU A 1 147 ? -5.487  9.895   -3.901  1.00 10.01 ? 511 LEU A N   1 
ATOM   1078 C  CA  . LEU A 1 147 ? -5.424  8.466   -4.187  1.00 9.72  ? 511 LEU A CA  1 
ATOM   1079 C  C   . LEU A 1 147 ? -5.193  8.245   -5.675  1.00 11.98 ? 511 LEU A C   1 
ATOM   1080 O  O   . LEU A 1 147 ? -4.451  7.349   -6.074  1.00 9.12  ? 511 LEU A O   1 
ATOM   1081 C  CB  . LEU A 1 147 ? -6.726  7.783   -3.748  1.00 12.80 ? 511 LEU A CB  1 
ATOM   1082 C  CG  . LEU A 1 147 ? -6.969  7.772   -2.234  1.00 13.34 ? 511 LEU A CG  1 
ATOM   1083 C  CD1 . LEU A 1 147 ? -8.371  7.253   -1.932  1.00 12.92 ? 511 LEU A CD1 1 
ATOM   1084 C  CD2 . LEU A 1 147 ? -5.907  6.897   -1.562  1.00 16.89 ? 511 LEU A CD2 1 
ATOM   1085 N  N   . GLN A 1 148 ? -5.830  9.072   -6.496  1.00 10.45 ? 512 GLN A N   1 
ATOM   1086 C  CA  . GLN A 1 148 ? -5.685  8.960   -7.940  1.00 11.20 ? 512 GLN A CA  1 
ATOM   1087 C  C   . GLN A 1 148 ? -4.274  9.359   -8.381  1.00 9.93  ? 512 GLN A C   1 
ATOM   1088 O  O   . GLN A 1 148 ? -3.719  8.764   -9.305  1.00 9.58  ? 512 GLN A O   1 
ATOM   1089 C  CB  . GLN A 1 148 ? -6.733  9.831   -8.637  1.00 37.07 ? 512 GLN A CB  1 
ATOM   1090 C  CG  . GLN A 1 148 ? -6.809  9.640   -10.138 1.00 51.09 ? 512 GLN A CG  1 
ATOM   1091 C  CD  . GLN A 1 148 ? -8.048  10.281  -10.737 1.00 62.39 ? 512 GLN A CD  1 
ATOM   1092 O  OE1 . GLN A 1 148 ? -9.173  9.884   -10.433 1.00 58.38 ? 512 GLN A OE1 1 
ATOM   1093 N  NE2 . GLN A 1 148 ? -7.847  11.280  -11.591 1.00 59.85 ? 512 GLN A NE2 1 
ATOM   1094 N  N   . ARG A 1 149 ? -3.697  10.369  -7.736  1.00 8.65  ? 513 ARG A N   1 
ATOM   1095 C  CA  . ARG A 1 149 ? -2.336  10.783  -8.082  1.00 8.16  ? 513 ARG A CA  1 
ATOM   1096 C  C   . ARG A 1 149 ? -1.364  9.650   -7.748  1.00 9.44  ? 513 ARG A C   1 
ATOM   1097 O  O   . ARG A 1 149 ? -0.388  9.416   -8.459  1.00 8.84  ? 513 ARG A O   1 
ATOM   1098 C  CB  . ARG A 1 149 ? -1.936  12.052  -7.327  1.00 12.60 ? 513 ARG A CB  1 
ATOM   1099 C  CG  . ARG A 1 149 ? -2.626  13.312  -7.847  1.00 11.68 ? 513 ARG A CG  1 
ATOM   1100 C  CD  . ARG A 1 149 ? -1.899  14.566  -7.395  1.00 11.73 ? 513 ARG A CD  1 
ATOM   1101 N  NE  . ARG A 1 149 ? -1.917  14.767  -5.950  1.00 14.52 ? 513 ARG A NE  1 
ATOM   1102 C  CZ  . ARG A 1 149 ? -2.964  15.216  -5.261  1.00 21.09 ? 513 ARG A CZ  1 
ATOM   1103 N  NH1 . ARG A 1 149 ? -4.102  15.511  -5.878  1.00 18.87 ? 513 ARG A NH1 1 
ATOM   1104 N  NH2 . ARG A 1 149 ? -2.862  15.407  -3.954  1.00 28.12 ? 513 ARG A NH2 1 
ATOM   1105 N  N   . ILE A 1 150 ? -1.630  8.950   -6.653  1.00 9.93  ? 514 ILE A N   1 
ATOM   1106 C  CA  . ILE A 1 150 ? -0.776  7.832   -6.267  1.00 10.65 ? 514 ILE A CA  1 
ATOM   1107 C  C   . ILE A 1 150 ? -0.865  6.741   -7.338  1.00 11.99 ? 514 ILE A C   1 
ATOM   1108 O  O   . ILE A 1 150 ? 0.156   6.198   -7.760  1.00 12.75 ? 514 ILE A O   1 
ATOM   1109 C  CB  . ILE A 1 150 ? -1.194  7.281   -4.884  1.00 10.59 ? 514 ILE A CB  1 
ATOM   1110 C  CG1 . ILE A 1 150 ? -0.844  8.319   -3.815  1.00 8.90  ? 514 ILE A CG1 1 
ATOM   1111 C  CG2 . ILE A 1 150 ? -0.496  5.939   -4.602  1.00 11.71 ? 514 ILE A CG2 1 
ATOM   1112 C  CD1 . ILE A 1 150 ? -1.442  8.039   -2.445  1.00 12.91 ? 514 ILE A CD1 1 
ATOM   1113 N  N   . GLN A 1 151 ? -2.079  6.436   -7.797  1.00 11.51 ? 515 GLN A N   1 
ATOM   1114 C  CA  . GLN A 1 151 ? -2.257  5.415   -8.833  1.00 13.05 ? 515 GLN A CA  1 
ATOM   1115 C  C   . GLN A 1 151 ? -1.596  5.831   -10.144 1.00 13.69 ? 515 GLN A C   1 
ATOM   1116 O  O   . GLN A 1 151 ? -1.058  4.997   -10.877 1.00 10.61 ? 515 GLN A O   1 
ATOM   1117 C  CB  . GLN A 1 151 ? -3.744  5.145   -9.079  1.00 19.45 ? 515 GLN A CB  1 
ATOM   1118 C  CG  . GLN A 1 151 ? -4.471  4.569   -7.875  1.00 24.77 ? 515 GLN A CG  1 
ATOM   1119 C  CD  . GLN A 1 151 ? -5.932  4.267   -8.158  1.00 33.74 ? 515 GLN A CD  1 
ATOM   1120 O  OE1 . GLN A 1 151 ? -6.688  5.140   -8.581  1.00 36.48 ? 515 GLN A OE1 1 
ATOM   1121 N  NE2 . GLN A 1 151 ? -6.333  3.025   -7.924  1.00 34.72 ? 515 GLN A NE2 1 
ATOM   1122 N  N   . ASP A 1 152 ? -1.646  7.123   -10.453 1.00 11.60 ? 516 ASP A N   1 
ATOM   1123 C  CA  . ASP A 1 152 ? -1.032  7.609   -11.682 1.00 12.08 ? 516 ASP A CA  1 
ATOM   1124 C  C   . ASP A 1 152 ? 0.486   7.431   -11.637 1.00 10.00 ? 516 ASP A C   1 
ATOM   1125 O  O   . ASP A 1 152 ? 1.107   7.110   -12.650 1.00 11.26 ? 516 ASP A O   1 
ATOM   1126 C  CB  . ASP A 1 152 ? -1.361  9.090   -11.910 1.00 14.08 ? 516 ASP A CB  1 
ATOM   1127 C  CG  . ASP A 1 152 ? -2.804  9.314   -12.326 1.00 20.39 ? 516 ASP A CG  1 
ATOM   1128 O  OD1 . ASP A 1 152 ? -3.464  8.345   -12.753 1.00 17.23 ? 516 ASP A OD1 1 
ATOM   1129 O  OD2 . ASP A 1 152 ? -3.273  10.469  -12.237 1.00 18.37 ? 516 ASP A OD2 1 
ATOM   1130 N  N   . GLU A 1 153 ? 1.078   7.654   -10.471 1.00 12.68 ? 517 GLU A N   1 
ATOM   1131 C  CA  . GLU A 1 153 ? 2.523   7.509   -10.321 1.00 13.88 ? 517 GLU A CA  1 
ATOM   1132 C  C   . GLU A 1 153 ? 2.933   6.051   -10.437 1.00 16.95 ? 517 GLU A C   1 
ATOM   1133 O  O   . GLU A 1 153 ? 3.998   5.744   -10.971 1.00 14.30 ? 517 GLU A O   1 
ATOM   1134 C  CB  . GLU A 1 153 ? 2.989   8.099   -8.989  1.00 10.29 ? 517 GLU A CB  1 
ATOM   1135 C  CG  . GLU A 1 153 ? 3.321   9.585   -9.088  1.00 9.92  ? 517 GLU A CG  1 
ATOM   1136 C  CD  . GLU A 1 153 ? 4.566   9.826   -9.929  1.00 13.81 ? 517 GLU A CD  1 
ATOM   1137 O  OE1 . GLU A 1 153 ? 5.680   9.568   -9.430  1.00 14.15 ? 517 GLU A OE1 1 
ATOM   1138 O  OE2 . GLU A 1 153 ? 4.432   10.252  -11.093 1.00 16.70 ? 517 GLU A OE2 1 
ATOM   1139 N  N   . VAL A 1 154 ? 2.094   5.150   -9.934  1.00 11.93 ? 518 VAL A N   1 
ATOM   1140 C  CA  . VAL A 1 154 ? 2.394   3.730   -10.054 1.00 14.76 ? 518 VAL A CA  1 
ATOM   1141 C  C   . VAL A 1 154 ? 2.499   3.435   -11.553 1.00 17.46 ? 518 VAL A C   1 
ATOM   1142 O  O   . VAL A 1 154 ? 3.417   2.747   -12.003 1.00 15.93 ? 518 VAL A O   1 
ATOM   1143 C  CB  . VAL A 1 154 ? 1.275   2.857   -9.450  1.00 13.68 ? 518 VAL A CB  1 
ATOM   1144 C  CG1 . VAL A 1 154 ? 1.461   1.401   -9.874  1.00 21.87 ? 518 VAL A CG1 1 
ATOM   1145 C  CG2 . VAL A 1 154 ? 1.292   2.967   -7.927  1.00 12.32 ? 518 VAL A CG2 1 
ATOM   1146 N  N   . HIS A 1 155 ? 1.565   3.983   -12.327 1.00 16.57 ? 519 HIS A N   1 
ATOM   1147 C  CA  . HIS A 1 155 ? 1.553   3.766   -13.771 1.00 18.88 ? 519 HIS A CA  1 
ATOM   1148 C  C   . HIS A 1 155 ? 2.771   4.344   -14.497 1.00 20.93 ? 519 HIS A C   1 
ATOM   1149 O  O   . HIS A 1 155 ? 3.327   3.696   -15.384 1.00 22.33 ? 519 HIS A O   1 
ATOM   1150 C  CB  . HIS A 1 155 ? 0.283   4.349   -14.394 1.00 22.80 ? 519 HIS A CB  1 
ATOM   1151 C  CG  . HIS A 1 155 ? 0.148   4.053   -15.855 1.00 25.94 ? 519 HIS A CG  1 
ATOM   1152 N  ND1 . HIS A 1 155 ? -0.317  2.844   -16.330 1.00 33.54 ? 519 HIS A ND1 1 
ATOM   1153 C  CD2 . HIS A 1 155 ? 0.483   4.781   -16.947 1.00 29.24 ? 519 HIS A CD2 1 
ATOM   1154 C  CE1 . HIS A 1 155 ? -0.262  2.841   -17.650 1.00 31.78 ? 519 HIS A CE1 1 
ATOM   1155 N  NE2 . HIS A 1 155 ? 0.221   4.004   -18.050 1.00 36.49 ? 519 HIS A NE2 1 
ATOM   1156 N  N   . ARG A 1 156 ? 3.181   5.562   -14.144 1.00 22.85 ? 520 ARG A N   1 
ATOM   1157 C  CA  . ARG A 1 156 ? 4.345   6.168   -14.796 1.00 25.69 ? 520 ARG A CA  1 
ATOM   1158 C  C   . ARG A 1 156 ? 5.618   5.399   -14.441 1.00 28.61 ? 520 ARG A C   1 
ATOM   1159 O  O   . ARG A 1 156 ? 6.563   5.334   -15.226 1.00 30.21 ? 520 ARG A O   1 
ATOM   1160 C  CB  . ARG A 1 156 ? 4.510   7.634   -14.374 1.00 17.87 ? 520 ARG A CB  1 
ATOM   1161 C  CG  . ARG A 1 156 ? 3.325   8.538   -14.709 1.00 14.11 ? 520 ARG A CG  1 
ATOM   1162 C  CD  . ARG A 1 156 ? 3.690   10.008  -14.511 1.00 20.26 ? 520 ARG A CD  1 
ATOM   1163 N  NE  . ARG A 1 156 ? 2.518   10.870  -14.627 1.00 18.79 ? 520 ARG A NE  1 
ATOM   1164 C  CZ  . ARG A 1 156 ? 1.692   11.149  -13.625 1.00 20.11 ? 520 ARG A CZ  1 
ATOM   1165 N  NH1 . ARG A 1 156 ? 1.911   10.638  -12.418 1.00 16.98 ? 520 ARG A NH1 1 
ATOM   1166 N  NH2 . ARG A 1 156 ? 0.639   11.933  -13.831 1.00 20.36 ? 520 ARG A NH2 1 
ATOM   1167 N  N   . PHE A 1 157 ? 5.622   4.828   -13.244 1.00 24.17 ? 521 PHE A N   1 
ATOM   1168 C  CA  . PHE A 1 157 ? 6.741   4.051   -12.704 1.00 27.97 ? 521 PHE A CA  1 
ATOM   1169 C  C   . PHE A 1 157 ? 6.848   2.697   -13.429 1.00 29.07 ? 521 PHE A C   1 
ATOM   1170 O  O   . PHE A 1 157 ? 7.875   2.020   -13.353 1.00 24.73 ? 521 PHE A O   1 
ATOM   1171 C  CB  . PHE A 1 157 ? 6.494   3.883   -11.188 1.00 22.12 ? 521 PHE A CB  1 
ATOM   1172 C  CG  . PHE A 1 157 ? 7.485   3.001   -10.463 1.00 27.11 ? 521 PHE A CG  1 
ATOM   1173 C  CD1 . PHE A 1 157 ? 8.855   3.122   -10.666 1.00 25.09 ? 521 PHE A CD1 1 
ATOM   1174 C  CD2 . PHE A 1 157 ? 7.031   2.091   -9.505  1.00 23.43 ? 521 PHE A CD2 1 
ATOM   1175 C  CE1 . PHE A 1 157 ? 9.760   2.347   -9.917  1.00 22.05 ? 521 PHE A CE1 1 
ATOM   1176 C  CE2 . PHE A 1 157 ? 7.925   1.319   -8.759  1.00 22.77 ? 521 PHE A CE2 1 
ATOM   1177 C  CZ  . PHE A 1 157 ? 9.286   1.446   -8.962  1.00 25.94 ? 521 PHE A CZ  1 
ATOM   1178 N  N   . ALA A 1 158 ? 5.793   2.330   -14.154 1.00 50.61 ? 522 ALA A N   1 
ATOM   1179 C  CA  . ALA A 1 158 ? 5.736   1.065   -14.895 1.00 51.25 ? 522 ALA A CA  1 
ATOM   1180 C  C   . ALA A 1 158 ? 6.978   0.757   -15.733 1.00 53.15 ? 522 ALA A C   1 
ATOM   1181 O  O   . ALA A 1 158 ? 7.418   -0.392  -15.801 1.00 50.76 ? 522 ALA A O   1 
ATOM   1182 C  CB  . ALA A 1 158 ? 4.504   1.043   -15.790 1.00 23.11 ? 522 ALA A CB  1 
ATOM   1183 N  N   . VAL A 1 159 ? 7.531   1.777   -16.383 1.00 49.02 ? 523 VAL A N   1 
ATOM   1184 C  CA  . VAL A 1 159 ? 8.719   1.590   -17.208 1.00 51.18 ? 523 VAL A CA  1 
ATOM   1185 C  C   . VAL A 1 159 ? 9.877   1.081   -16.352 1.00 51.66 ? 523 VAL A C   1 
ATOM   1186 O  O   . VAL A 1 159 ? 10.767  0.383   -16.839 1.00 53.54 ? 523 VAL A O   1 
ATOM   1187 C  CB  . VAL A 1 159 ? 9.145   2.913   -17.879 1.00 71.01 ? 523 VAL A CB  1 
ATOM   1188 C  CG1 . VAL A 1 159 ? 9.480   3.949   -16.819 1.00 70.81 ? 523 VAL A CG1 1 
ATOM   1189 C  CG2 . VAL A 1 159 ? 10.339  2.674   -18.793 1.00 70.68 ? 523 VAL A CG2 1 
HETATM 1190 N  N   . MSE A 1 160 ? 9.849   1.434   -15.072 1.00 69.81 ? 524 MSE A N   1 
HETATM 1191 C  CA  . MSE A 1 160 ? 10.885  1.035   -14.127 1.00 67.41 ? 524 MSE A CA  1 
HETATM 1192 C  C   . MSE A 1 160 ? 10.518  -0.267  -13.409 1.00 65.88 ? 524 MSE A C   1 
HETATM 1193 O  O   . MSE A 1 160 ? 11.394  -1.154  -13.329 1.00 66.76 ? 524 MSE A O   1 
HETATM 1194 C  CB  . MSE A 1 160 ? 11.112  2.160   -13.113 1.00 70.60 ? 524 MSE A CB  1 
HETATM 1195 C  CG  . MSE A 1 160 ? 12.219  1.904   -12.100 1.00 72.24 ? 524 MSE A CG  1 
HETATM 1196 SE SE  . MSE A 1 160 ? 12.503  3.433   -10.935 1.00 67.34 ? 524 MSE A SE  1 
HETATM 1197 C  CE  . MSE A 1 160 ? 14.250  3.987   -11.573 1.00 57.40 ? 524 MSE A CE  1 
HETATM 1198 O  O   . HOH B 2 .   ? 12.118  2.600   -0.479  1.00 11.87 ? 1   HOH A O   1 
HETATM 1199 O  O   . HOH B 2 .   ? -5.049  15.596  -8.334  1.00 13.09 ? 2   HOH A O   1 
HETATM 1200 O  O   . HOH B 2 .   ? -4.364  -13.699 11.736  1.00 10.94 ? 3   HOH A O   1 
HETATM 1201 O  O   . HOH B 2 .   ? -6.593  -13.537 4.049   1.00 7.98  ? 4   HOH A O   1 
HETATM 1202 O  O   . HOH B 2 .   ? 0.493   11.595  -10.079 1.00 14.49 ? 5   HOH A O   1 
HETATM 1203 O  O   . HOH B 2 .   ? -1.419  12.452  -11.883 1.00 17.89 ? 6   HOH A O   1 
HETATM 1204 O  O   . HOH B 2 .   ? 10.344  13.015  -6.020  1.00 15.54 ? 7   HOH A O   1 
HETATM 1205 O  O   . HOH B 2 .   ? -8.004  1.428   7.488   1.00 19.27 ? 8   HOH A O   1 
HETATM 1206 O  O   . HOH B 2 .   ? 15.631  5.701   -1.222  1.00 15.48 ? 9   HOH A O   1 
HETATM 1207 O  O   . HOH B 2 .   ? -5.196  11.950  -11.464 1.00 20.89 ? 10  HOH A O   1 
HETATM 1208 O  O   . HOH B 2 .   ? -9.861  -7.953  6.035   1.00 21.69 ? 11  HOH A O   1 
HETATM 1209 O  O   . HOH B 2 .   ? 3.523   -15.412 -11.025 1.00 20.68 ? 12  HOH A O   1 
HETATM 1210 O  O   . HOH B 2 .   ? 9.742   -11.133 -2.366  1.00 24.83 ? 13  HOH A O   1 
HETATM 1211 O  O   . HOH B 2 .   ? -5.580  16.254  -3.132  1.00 19.76 ? 14  HOH A O   1 
HETATM 1212 O  O   . HOH B 2 .   ? -19.135 -3.460  7.823   1.00 23.41 ? 15  HOH A O   1 
HETATM 1213 O  O   . HOH B 2 .   ? -8.455  -6.636  7.982   1.00 23.36 ? 16  HOH A O   1 
HETATM 1214 O  O   . HOH B 2 .   ? 1.853   11.752  2.137   1.00 25.88 ? 17  HOH A O   1 
HETATM 1215 O  O   . HOH B 2 .   ? -12.025 -0.431  12.131  1.00 16.84 ? 18  HOH A O   1 
HETATM 1216 O  O   . HOH B 2 .   ? 19.134  2.470   3.979   1.00 15.08 ? 19  HOH A O   1 
HETATM 1217 O  O   . HOH B 2 .   ? -14.489 4.052   -2.239  1.00 22.18 ? 20  HOH A O   1 
HETATM 1218 O  O   . HOH B 2 .   ? 5.133   -15.106 -4.845  1.00 25.38 ? 21  HOH A O   1 
HETATM 1219 O  O   . HOH B 2 .   ? -3.885  -3.151  12.145  1.00 27.94 ? 22  HOH A O   1 
HETATM 1220 O  O   . HOH B 2 .   ? -12.997 -7.770  -1.209  1.00 24.63 ? 23  HOH A O   1 
HETATM 1221 O  O   . HOH B 2 .   ? 9.210   6.016   11.701  1.00 25.10 ? 24  HOH A O   1 
HETATM 1222 O  O   . HOH B 2 .   ? -1.496  16.538  1.218   1.00 27.72 ? 25  HOH A O   1 
HETATM 1223 O  O   . HOH B 2 .   ? 12.192  1.739   11.541  1.00 21.63 ? 26  HOH A O   1 
HETATM 1224 O  O   . HOH B 2 .   ? 11.395  6.392   -9.269  1.00 28.13 ? 27  HOH A O   1 
HETATM 1225 O  O   . HOH B 2 .   ? 14.009  -8.135  4.067   1.00 24.49 ? 28  HOH A O   1 
HETATM 1226 O  O   . HOH B 2 .   ? -6.028  0.507   9.604   1.00 22.46 ? 29  HOH A O   1 
HETATM 1227 O  O   . HOH B 2 .   ? -9.502  -10.388 -1.372  1.00 35.80 ? 30  HOH A O   1 
HETATM 1228 O  O   . HOH B 2 .   ? -16.198 16.315  -2.693  1.00 24.61 ? 31  HOH A O   1 
HETATM 1229 O  O   . HOH B 2 .   ? -15.252 12.222  -0.456  1.00 28.90 ? 32  HOH A O   1 
HETATM 1230 O  O   . HOH B 2 .   ? 8.998   2.577   5.314   1.00 21.31 ? 33  HOH A O   1 
HETATM 1231 O  O   . HOH B 2 .   ? -12.580 19.558  -8.023  1.00 27.08 ? 34  HOH A O   1 
HETATM 1232 O  O   . HOH B 2 .   ? 12.670  11.687  -4.212  1.00 24.07 ? 35  HOH A O   1 
HETATM 1233 O  O   . HOH B 2 .   ? 12.079  3.906   4.697   1.00 29.00 ? 36  HOH A O   1 
HETATM 1234 O  O   . HOH B 2 .   ? 7.438   7.152   -11.909 1.00 33.44 ? 37  HOH A O   1 
HETATM 1235 O  O   . HOH B 2 .   ? 11.924  -12.795 -5.665  1.00 25.26 ? 38  HOH A O   1 
HETATM 1236 O  O   . HOH B 2 .   ? -6.204  13.171  -9.266  1.00 18.62 ? 39  HOH A O   1 
HETATM 1237 O  O   . HOH B 2 .   ? 8.648   9.701   6.987   1.00 28.42 ? 40  HOH A O   1 
HETATM 1238 O  O   . HOH B 2 .   ? 0.336   -9.956  -13.885 1.00 40.22 ? 41  HOH A O   1 
HETATM 1239 O  O   . HOH B 2 .   ? -6.235  17.453  2.602   1.00 40.25 ? 42  HOH A O   1 
HETATM 1240 O  O   . HOH B 2 .   ? 5.425   -16.895 1.885   1.00 28.14 ? 43  HOH A O   1 
HETATM 1241 O  O   . HOH B 2 .   ? -6.689  -13.966 -5.056  1.00 32.13 ? 44  HOH A O   1 
HETATM 1242 O  O   . HOH B 2 .   ? -0.877  16.261  -1.943  1.00 29.07 ? 45  HOH A O   1 
HETATM 1243 O  O   . HOH B 2 .   ? -18.703 13.885  -8.043  1.00 35.55 ? 46  HOH A O   1 
HETATM 1244 O  O   . HOH B 2 .   ? 8.816   -13.542 -3.513  1.00 30.66 ? 47  HOH A O   1 
HETATM 1245 O  O   . HOH B 2 .   ? 0.575   14.849  -4.880  1.00 29.69 ? 48  HOH A O   1 
HETATM 1246 O  O   . HOH B 2 .   ? -1.941  0.554   -4.184  1.00 32.23 ? 49  HOH A O   1 
HETATM 1247 O  O   . HOH B 2 .   ? 4.931   -15.892 -13.324 1.00 35.90 ? 50  HOH A O   1 
HETATM 1248 O  O   . HOH B 2 .   ? -20.846 -4.564  4.045   1.00 28.19 ? 51  HOH A O   1 
HETATM 1249 O  O   . HOH B 2 .   ? 10.212  -11.842 -10.849 1.00 31.19 ? 52  HOH A O   1 
HETATM 1250 O  O   . HOH B 2 .   ? 7.743   -16.434 -12.865 1.00 32.46 ? 53  HOH A O   1 
HETATM 1251 O  O   . HOH B 2 .   ? 16.746  -0.953  14.412  1.00 19.62 ? 54  HOH A O   1 
HETATM 1252 O  O   . HOH B 2 .   ? 7.990   -11.064 9.145   1.00 27.70 ? 55  HOH A O   1 
HETATM 1253 O  O   . HOH B 2 .   ? -12.223 17.686  -0.738  1.00 26.05 ? 56  HOH A O   1 
HETATM 1254 O  O   . HOH B 2 .   ? -3.727  -6.632  -8.171  1.00 33.11 ? 57  HOH A O   1 
HETATM 1255 O  O   . HOH B 2 .   ? 6.794   10.871  -12.311 1.00 30.77 ? 58  HOH A O   1 
HETATM 1256 O  O   . HOH B 2 .   ? 1.591   11.438  10.166  1.00 36.86 ? 59  HOH A O   1 
HETATM 1257 O  O   . HOH B 2 .   ? -17.857 19.317  -7.987  1.00 35.19 ? 60  HOH A O   1 
HETATM 1258 O  O   . HOH B 2 .   ? -12.095 11.461  11.346  1.00 31.21 ? 61  HOH A O   1 
HETATM 1259 O  O   . HOH B 2 .   ? -1.317  7.479   10.683  1.00 23.80 ? 62  HOH A O   1 
HETATM 1260 O  O   . HOH B 2 .   ? -1.434  -2.594  11.144  1.00 25.43 ? 63  HOH A O   1 
HETATM 1261 O  O   . HOH B 2 .   ? -1.029  -10.034 -4.166  1.00 23.47 ? 64  HOH A O   1 
HETATM 1262 O  O   . HOH B 2 .   ? 10.942  -12.437 0.298   1.00 32.80 ? 65  HOH A O   1 
HETATM 1263 O  O   . HOH B 2 .   ? -11.948 18.906  -4.460  1.00 28.31 ? 66  HOH A O   1 
HETATM 1264 O  O   . HOH B 2 .   ? 12.842  10.727  0.303   1.00 31.34 ? 67  HOH A O   1 
HETATM 1265 O  O   . HOH B 2 .   ? -16.445 6.105   -3.780  1.00 41.40 ? 68  HOH A O   1 
HETATM 1266 O  O   . HOH B 2 .   ? 10.545  10.490  5.365   1.00 31.63 ? 69  HOH A O   1 
HETATM 1267 O  O   . HOH B 2 .   ? -10.535 3.582   8.801   1.00 34.17 ? 70  HOH A O   1 
HETATM 1268 O  O   . HOH B 2 .   ? 12.163  3.999   1.970   1.00 31.49 ? 71  HOH A O   1 
HETATM 1269 O  O   . HOH B 2 .   ? 7.444   -20.216 -6.040  1.00 36.73 ? 72  HOH A O   1 
HETATM 1270 O  O   . HOH B 2 .   ? 3.823   0.939   14.885  1.00 38.27 ? 73  HOH A O   1 
HETATM 1271 O  O   . HOH B 2 .   ? -1.995  2.446   -11.773 1.00 29.73 ? 74  HOH A O   1 
HETATM 1272 O  O   . HOH B 2 .   ? -13.684 15.631  1.302   1.00 40.78 ? 75  HOH A O   1 
HETATM 1273 O  O   . HOH B 2 .   ? 23.086  -8.304  10.264  1.00 38.16 ? 76  HOH A O   1 
HETATM 1274 O  O   . HOH B 2 .   ? 1.095   -5.453  17.217  1.00 39.61 ? 77  HOH A O   1 
# 
